data_1RWU
#
_entry.id   1RWU
#
_cell.length_a   1.000
_cell.length_b   1.000
_cell.length_c   1.000
_cell.angle_alpha   90.00
_cell.angle_beta   90.00
_cell.angle_gamma   90.00
#
_symmetry.space_group_name_H-M   'P 1'
#
_entity_poly.entity_id   1
_entity_poly.type   'polypeptide(L)'
_entity_poly.pdbx_seq_one_letter_code
;MGTSHHHHHHSSGRENLYFQGHMKTKLNELLEFPTPFTYKVMGQALPELVDQVVEVVQRHAPGDYTPTVKPSSKGNYHSV
SITINATHIEQVETLYEELGKIDIVRMVL
;
_entity_poly.pdbx_strand_id   A
#
# COMPACT_ATOMS: atom_id res chain seq x y z
N MET A 23 14.53 -11.18 -11.78
CA MET A 23 13.48 -12.21 -11.50
C MET A 23 12.36 -12.14 -12.54
N LYS A 24 11.69 -13.24 -12.77
CA LYS A 24 10.58 -13.26 -13.77
C LYS A 24 9.45 -14.20 -13.31
N THR A 25 8.51 -13.68 -12.57
CA THR A 25 7.38 -14.52 -12.06
C THR A 25 6.02 -14.00 -12.55
N LYS A 26 5.99 -12.86 -13.22
CA LYS A 26 4.69 -12.30 -13.71
C LYS A 26 3.70 -12.12 -12.55
N LEU A 27 4.16 -11.64 -11.43
CA LEU A 27 3.26 -11.43 -10.25
C LEU A 27 3.94 -10.51 -9.23
N ASN A 28 5.12 -10.86 -8.78
CA ASN A 28 5.83 -10.01 -7.79
C ASN A 28 7.10 -9.39 -8.40
N GLU A 29 7.62 -9.96 -9.46
CA GLU A 29 8.85 -9.40 -10.09
C GLU A 29 8.95 -9.84 -11.56
N LEU A 30 9.41 -8.95 -12.42
CA LEU A 30 9.55 -9.29 -13.86
C LEU A 30 10.56 -8.36 -14.54
N LEU A 31 10.34 -7.07 -14.45
CA LEU A 31 11.28 -6.09 -15.09
C LEU A 31 12.41 -5.69 -14.12
N GLU A 32 12.27 -6.00 -12.84
CA GLU A 32 13.32 -5.65 -11.83
C GLU A 32 13.65 -4.15 -11.86
N PHE A 33 12.65 -3.32 -11.76
CA PHE A 33 12.88 -1.84 -11.77
C PHE A 33 11.96 -1.18 -10.74
N PRO A 34 12.55 -0.67 -9.68
CA PRO A 34 11.76 -0.01 -8.61
C PRO A 34 11.17 1.32 -9.09
N THR A 35 9.88 1.34 -9.31
CA THR A 35 9.21 2.60 -9.77
C THR A 35 8.33 3.17 -8.67
N PRO A 36 8.26 4.49 -8.61
CA PRO A 36 7.45 5.17 -7.58
C PRO A 36 5.94 4.95 -7.82
N PHE A 37 5.29 4.25 -6.92
CA PHE A 37 3.83 3.99 -7.07
C PHE A 37 3.03 4.92 -6.16
N THR A 38 2.46 5.97 -6.70
CA THR A 38 1.64 6.89 -5.86
C THR A 38 0.29 6.23 -5.57
N TYR A 39 0.18 5.54 -4.46
CA TYR A 39 -1.10 4.84 -4.14
C TYR A 39 -1.80 5.51 -2.95
N LYS A 40 -3.08 5.28 -2.83
CA LYS A 40 -3.85 5.88 -1.70
C LYS A 40 -4.76 4.82 -1.10
N VAL A 41 -4.38 4.25 0.02
CA VAL A 41 -5.23 3.20 0.66
C VAL A 41 -6.37 3.87 1.44
N MET A 42 -7.52 3.97 0.82
CA MET A 42 -8.69 4.62 1.50
C MET A 42 -9.61 3.54 2.09
N GLY A 43 -10.16 3.80 3.25
CA GLY A 43 -11.07 2.80 3.89
C GLY A 43 -11.31 3.17 5.35
N GLN A 44 -11.49 2.20 6.20
CA GLN A 44 -11.72 2.50 7.65
C GLN A 44 -10.40 2.90 8.32
N ALA A 45 -10.47 3.72 9.33
CA ALA A 45 -9.23 4.16 10.05
C ALA A 45 -8.64 2.99 10.85
N LEU A 46 -7.57 2.42 10.36
CA LEU A 46 -6.91 1.28 11.08
C LEU A 46 -5.55 1.72 11.65
N PRO A 47 -5.35 1.45 12.92
CA PRO A 47 -4.07 1.82 13.57
C PRO A 47 -2.91 0.94 13.05
N GLU A 48 -3.20 -0.28 12.67
CA GLU A 48 -2.14 -1.18 12.15
C GLU A 48 -1.90 -0.93 10.64
N LEU A 49 -2.66 -0.05 10.03
CA LEU A 49 -2.46 0.24 8.58
C LEU A 49 -1.03 0.73 8.31
N VAL A 50 -0.58 1.73 9.03
CA VAL A 50 0.81 2.24 8.83
C VAL A 50 1.85 1.14 9.16
N ASP A 51 1.54 0.29 10.11
CA ASP A 51 2.49 -0.81 10.47
C ASP A 51 2.60 -1.82 9.32
N GLN A 52 1.49 -2.21 8.76
CA GLN A 52 1.51 -3.18 7.63
C GLN A 52 2.02 -2.49 6.35
N VAL A 53 1.71 -1.23 6.17
CA VAL A 53 2.19 -0.51 4.95
C VAL A 53 3.73 -0.50 4.90
N VAL A 54 4.38 -0.06 5.95
CA VAL A 54 5.88 -0.03 5.95
C VAL A 54 6.45 -1.45 6.03
N GLU A 55 5.77 -2.36 6.68
CA GLU A 55 6.29 -3.77 6.79
C GLU A 55 6.15 -4.50 5.45
N VAL A 56 5.02 -4.40 4.79
CA VAL A 56 4.85 -5.11 3.49
C VAL A 56 5.60 -4.38 2.36
N VAL A 57 5.74 -3.07 2.45
CA VAL A 57 6.48 -2.34 1.38
C VAL A 57 7.99 -2.57 1.52
N GLN A 58 8.47 -2.77 2.72
CA GLN A 58 9.94 -3.01 2.91
C GLN A 58 10.29 -4.46 2.56
N ARG A 59 9.47 -5.40 2.97
CA ARG A 59 9.77 -6.85 2.67
C ARG A 59 9.76 -7.10 1.16
N HIS A 60 8.98 -6.36 0.41
CA HIS A 60 8.93 -6.57 -1.07
C HIS A 60 9.84 -5.57 -1.79
N ALA A 61 9.85 -4.33 -1.36
CA ALA A 61 10.73 -3.31 -2.02
C ALA A 61 11.70 -2.71 -0.98
N PRO A 62 12.90 -2.40 -1.44
CA PRO A 62 13.93 -1.82 -0.54
C PRO A 62 13.54 -0.40 -0.09
N GLY A 63 13.83 -0.07 1.14
CA GLY A 63 13.49 1.29 1.66
C GLY A 63 12.17 1.22 2.45
N ASP A 64 12.04 2.04 3.46
CA ASP A 64 10.78 2.05 4.28
C ASP A 64 9.82 3.11 3.75
N TYR A 65 8.54 2.80 3.70
CA TYR A 65 7.55 3.79 3.19
C TYR A 65 6.35 3.90 4.14
N THR A 66 5.56 4.94 4.00
CA THR A 66 4.38 5.12 4.91
C THR A 66 3.17 5.70 4.16
N PRO A 67 2.02 5.46 4.75
CA PRO A 67 0.74 5.96 4.18
C PRO A 67 0.33 7.27 4.87
N THR A 68 0.18 8.34 4.12
CA THR A 68 -0.23 9.64 4.74
C THR A 68 -1.76 9.66 4.95
N VAL A 69 -2.21 9.38 6.15
CA VAL A 69 -3.69 9.35 6.40
C VAL A 69 -4.27 10.77 6.48
N LYS A 70 -5.48 10.93 6.00
CA LYS A 70 -6.15 12.27 6.03
C LYS A 70 -7.64 12.08 6.31
N PRO A 71 -8.22 13.04 7.00
CA PRO A 71 -9.67 12.98 7.35
C PRO A 71 -10.52 13.19 6.09
N SER A 72 -10.98 12.10 5.50
CA SER A 72 -11.82 12.23 4.26
C SER A 72 -13.30 12.42 4.61
N SER A 73 -13.85 11.59 5.48
CA SER A 73 -15.29 11.73 5.84
C SER A 73 -15.47 11.85 7.37
N LYS A 74 -14.92 10.94 8.13
CA LYS A 74 -15.05 10.99 9.62
C LYS A 74 -13.83 10.36 10.29
N GLY A 75 -13.79 10.35 11.61
CA GLY A 75 -12.64 9.73 12.32
C GLY A 75 -12.65 8.21 12.11
N ASN A 76 -13.81 7.63 11.88
CA ASN A 76 -13.90 6.16 11.65
C ASN A 76 -13.40 5.81 10.24
N TYR A 77 -13.57 6.69 9.28
CA TYR A 77 -13.10 6.40 7.90
C TYR A 77 -11.93 7.32 7.55
N HIS A 78 -10.80 6.76 7.17
CA HIS A 78 -9.63 7.61 6.82
C HIS A 78 -9.02 7.20 5.48
N SER A 79 -8.58 8.17 4.71
CA SER A 79 -7.95 7.88 3.39
C SER A 79 -6.46 8.19 3.47
N VAL A 80 -5.61 7.21 3.30
CA VAL A 80 -4.14 7.46 3.41
C VAL A 80 -3.44 7.36 2.05
N SER A 81 -2.36 8.09 1.89
CA SER A 81 -1.58 8.04 0.61
C SER A 81 -0.31 7.24 0.86
N ILE A 82 -0.26 6.01 0.39
CA ILE A 82 0.95 5.17 0.63
C ILE A 82 1.96 5.27 -0.51
N THR A 83 3.20 5.50 -0.17
CA THR A 83 4.27 5.59 -1.22
C THR A 83 4.96 4.23 -1.33
N ILE A 84 5.18 3.73 -2.52
CA ILE A 84 5.83 2.39 -2.65
C ILE A 84 6.76 2.35 -3.88
N ASN A 85 7.91 1.74 -3.74
CA ASN A 85 8.86 1.63 -4.90
C ASN A 85 8.96 0.15 -5.32
N ALA A 86 7.85 -0.46 -5.65
CA ALA A 86 7.88 -1.89 -6.05
C ALA A 86 8.62 -2.05 -7.39
N THR A 87 9.55 -2.98 -7.44
CA THR A 87 10.33 -3.20 -8.70
C THR A 87 9.44 -3.82 -9.79
N HIS A 88 8.23 -4.21 -9.47
CA HIS A 88 7.32 -4.82 -10.48
C HIS A 88 5.96 -4.12 -10.45
N ILE A 89 5.21 -4.21 -11.54
CA ILE A 89 3.87 -3.55 -11.58
C ILE A 89 2.88 -4.28 -10.65
N GLU A 90 2.77 -5.57 -10.78
CA GLU A 90 1.82 -6.34 -9.92
C GLU A 90 2.31 -6.43 -8.45
N GLN A 91 3.55 -6.11 -8.20
CA GLN A 91 4.06 -6.18 -6.79
C GLN A 91 3.30 -5.19 -5.90
N VAL A 92 3.10 -3.97 -6.35
CA VAL A 92 2.35 -2.97 -5.52
C VAL A 92 0.91 -3.45 -5.26
N GLU A 93 0.36 -4.27 -6.14
CA GLU A 93 -1.03 -4.78 -5.92
C GLU A 93 -1.05 -5.74 -4.72
N THR A 94 -0.14 -6.70 -4.69
CA THR A 94 -0.11 -7.65 -3.53
C THR A 94 0.24 -6.88 -2.24
N LEU A 95 1.10 -5.90 -2.33
CA LEU A 95 1.46 -5.09 -1.12
C LEU A 95 0.19 -4.42 -0.56
N TYR A 96 -0.67 -3.92 -1.43
CA TYR A 96 -1.92 -3.28 -0.95
C TYR A 96 -2.78 -4.33 -0.22
N GLU A 97 -2.92 -5.50 -0.80
CA GLU A 97 -3.72 -6.58 -0.14
C GLU A 97 -3.11 -6.93 1.22
N GLU A 98 -1.80 -6.94 1.32
CA GLU A 98 -1.13 -7.27 2.61
C GLU A 98 -1.47 -6.23 3.68
N LEU A 99 -1.50 -4.97 3.33
CA LEU A 99 -1.84 -3.90 4.33
C LEU A 99 -3.37 -3.75 4.45
N GLY A 100 -4.09 -4.03 3.40
CA GLY A 100 -5.58 -3.88 3.44
C GLY A 100 -6.24 -5.26 3.47
N LYS A 101 -5.93 -6.05 4.47
CA LYS A 101 -6.54 -7.41 4.59
C LYS A 101 -7.57 -7.42 5.74
N ILE A 102 -7.82 -6.29 6.36
CA ILE A 102 -8.81 -6.24 7.49
C ILE A 102 -10.21 -6.59 6.98
N ASP A 103 -11.05 -7.12 7.83
CA ASP A 103 -12.44 -7.49 7.40
C ASP A 103 -13.28 -6.23 7.13
N ILE A 104 -12.81 -5.06 7.50
CA ILE A 104 -13.59 -3.81 7.25
C ILE A 104 -13.34 -3.32 5.81
N VAL A 105 -14.02 -2.28 5.40
CA VAL A 105 -13.84 -1.76 4.00
C VAL A 105 -12.40 -1.25 3.77
N ARG A 106 -11.65 -1.94 2.94
CA ARG A 106 -10.25 -1.51 2.63
C ARG A 106 -10.13 -1.28 1.10
N MET A 107 -9.48 -0.22 0.70
CA MET A 107 -9.34 0.06 -0.77
C MET A 107 -8.06 0.83 -1.05
N VAL A 108 -7.59 0.83 -2.28
CA VAL A 108 -6.35 1.58 -2.63
C VAL A 108 -6.49 2.25 -4.01
N LEU A 109 -5.78 3.32 -4.22
CA LEU A 109 -5.84 4.03 -5.54
C LEU A 109 -4.72 3.51 -6.45
N MET A 23 -2.54 -9.13 -9.06
CA MET A 23 -3.23 -8.67 -7.82
C MET A 23 -2.44 -9.09 -6.57
N LYS A 24 -2.25 -10.36 -6.37
CA LYS A 24 -1.47 -10.84 -5.19
C LYS A 24 -0.53 -11.96 -5.60
N THR A 25 -1.04 -13.03 -6.15
CA THR A 25 -0.17 -14.16 -6.58
C THR A 25 0.40 -13.90 -7.98
N LYS A 26 1.11 -14.86 -8.54
CA LYS A 26 1.70 -14.68 -9.90
C LYS A 26 2.68 -13.50 -9.90
N LEU A 27 3.82 -13.68 -9.27
CA LEU A 27 4.84 -12.59 -9.23
C LEU A 27 6.11 -13.06 -9.94
N ASN A 28 6.14 -12.96 -11.25
CA ASN A 28 7.34 -13.40 -12.02
C ASN A 28 8.24 -12.20 -12.34
N GLU A 29 7.68 -11.00 -12.38
CA GLU A 29 8.48 -9.77 -12.69
C GLU A 29 9.04 -9.84 -14.13
N LEU A 30 8.40 -9.18 -15.04
CA LEU A 30 8.88 -9.20 -16.46
C LEU A 30 9.11 -7.76 -16.97
N LEU A 31 9.32 -6.83 -16.07
CA LEU A 31 9.56 -5.42 -16.49
C LEU A 31 10.89 -4.92 -15.92
N GLU A 32 11.11 -5.14 -14.63
CA GLU A 32 12.38 -4.69 -13.98
C GLU A 32 12.52 -3.16 -14.05
N PHE A 33 11.42 -2.45 -14.04
CA PHE A 33 11.49 -0.96 -14.09
C PHE A 33 11.03 -0.38 -12.76
N PRO A 34 11.98 0.17 -12.02
CA PRO A 34 11.67 0.75 -10.69
C PRO A 34 10.86 2.04 -10.84
N THR A 35 9.61 2.01 -10.46
CA THR A 35 8.74 3.22 -10.58
C THR A 35 7.99 3.47 -9.27
N PRO A 36 7.77 4.73 -8.97
CA PRO A 36 7.04 5.11 -7.72
C PRO A 36 5.56 4.76 -7.85
N PHE A 37 5.03 4.01 -6.92
CA PHE A 37 3.59 3.63 -6.97
C PHE A 37 2.79 4.42 -5.92
N THR A 38 2.13 5.47 -6.35
CA THR A 38 1.32 6.27 -5.38
C THR A 38 0.02 5.50 -5.11
N TYR A 39 0.00 4.69 -4.09
CA TYR A 39 -1.22 3.88 -3.80
C TYR A 39 -2.05 4.52 -2.69
N LYS A 40 -3.17 5.10 -3.03
CA LYS A 40 -4.03 5.75 -2.00
C LYS A 40 -4.89 4.67 -1.32
N VAL A 41 -4.39 4.07 -0.27
CA VAL A 41 -5.16 3.01 0.43
C VAL A 41 -6.19 3.67 1.37
N MET A 42 -7.40 3.81 0.89
CA MET A 42 -8.46 4.44 1.73
C MET A 42 -9.47 3.39 2.19
N GLY A 43 -9.71 3.31 3.48
CA GLY A 43 -10.69 2.32 4.00
C GLY A 43 -11.25 2.82 5.33
N GLN A 44 -11.80 1.94 6.12
CA GLN A 44 -12.37 2.37 7.45
C GLN A 44 -11.23 2.83 8.38
N ALA A 45 -11.57 3.47 9.47
CA ALA A 45 -10.53 3.95 10.42
C ALA A 45 -9.76 2.77 11.01
N LEU A 46 -8.54 2.54 10.54
CA LEU A 46 -7.73 1.40 11.06
C LEU A 46 -6.36 1.90 11.55
N PRO A 47 -6.07 1.62 12.80
CA PRO A 47 -4.78 2.05 13.40
C PRO A 47 -3.61 1.20 12.87
N GLU A 48 -3.89 0.02 12.37
CA GLU A 48 -2.80 -0.87 11.84
C GLU A 48 -2.36 -0.42 10.43
N LEU A 49 -2.98 0.60 9.87
CA LEU A 49 -2.61 1.06 8.50
C LEU A 49 -1.09 1.33 8.40
N VAL A 50 -0.58 2.21 9.22
CA VAL A 50 0.89 2.52 9.18
C VAL A 50 1.73 1.30 9.58
N ASP A 51 1.21 0.45 10.43
CA ASP A 51 1.98 -0.75 10.87
C ASP A 51 2.17 -1.72 9.70
N GLN A 52 1.09 -2.16 9.09
CA GLN A 52 1.21 -3.10 7.94
C GLN A 52 1.83 -2.42 6.72
N VAL A 53 1.50 -1.18 6.47
CA VAL A 53 2.08 -0.46 5.30
C VAL A 53 3.61 -0.45 5.37
N VAL A 54 4.18 0.02 6.45
CA VAL A 54 5.67 0.07 6.56
C VAL A 54 6.27 -1.36 6.61
N GLU A 55 5.58 -2.30 7.20
CA GLU A 55 6.14 -3.69 7.27
C GLU A 55 6.04 -4.39 5.90
N VAL A 56 4.87 -4.41 5.30
CA VAL A 56 4.72 -5.10 3.98
C VAL A 56 5.48 -4.33 2.87
N VAL A 57 5.66 -3.04 3.01
CA VAL A 57 6.40 -2.27 1.96
C VAL A 57 7.91 -2.45 2.11
N GLN A 58 8.40 -2.57 3.32
CA GLN A 58 9.89 -2.76 3.50
C GLN A 58 10.28 -4.23 3.27
N ARG A 59 9.35 -5.14 3.44
CA ARG A 59 9.67 -6.59 3.23
C ARG A 59 9.76 -6.93 1.73
N HIS A 60 8.83 -6.43 0.95
CA HIS A 60 8.85 -6.73 -0.52
C HIS A 60 9.60 -5.64 -1.29
N ALA A 61 9.32 -4.39 -1.00
CA ALA A 61 10.03 -3.28 -1.72
C ALA A 61 11.28 -2.86 -0.94
N PRO A 62 12.28 -2.42 -1.67
CA PRO A 62 13.56 -2.00 -1.04
C PRO A 62 13.37 -0.66 -0.31
N GLY A 63 13.98 -0.53 0.85
CA GLY A 63 13.85 0.73 1.62
C GLY A 63 12.52 0.73 2.38
N ASP A 64 12.44 1.46 3.47
CA ASP A 64 11.17 1.51 4.25
C ASP A 64 10.29 2.67 3.75
N TYR A 65 9.00 2.46 3.73
CA TYR A 65 8.08 3.54 3.25
C TYR A 65 6.99 3.81 4.29
N THR A 66 6.18 4.84 4.06
CA THR A 66 5.10 5.17 5.05
C THR A 66 3.83 5.63 4.31
N PRO A 67 2.70 5.45 4.98
CA PRO A 67 1.40 5.86 4.42
C PRO A 67 1.03 7.27 4.92
N THR A 68 0.08 7.89 4.28
CA THR A 68 -0.36 9.26 4.71
C THR A 68 -1.85 9.21 5.07
N VAL A 69 -2.15 9.05 6.34
CA VAL A 69 -3.59 8.96 6.76
C VAL A 69 -4.26 10.33 6.75
N LYS A 70 -5.52 10.37 6.37
CA LYS A 70 -6.26 11.66 6.33
C LYS A 70 -7.66 11.50 6.94
N PRO A 71 -7.82 12.02 8.13
CA PRO A 71 -9.12 11.95 8.85
C PRO A 71 -10.13 12.95 8.26
N SER A 72 -9.65 13.95 7.55
CA SER A 72 -10.58 14.97 6.95
C SER A 72 -11.57 14.32 5.98
N SER A 73 -11.22 13.19 5.41
CA SER A 73 -12.14 12.50 4.45
C SER A 73 -13.43 12.08 5.16
N LYS A 74 -13.33 11.32 6.22
CA LYS A 74 -14.56 10.88 6.95
C LYS A 74 -14.24 10.62 8.43
N GLY A 75 -15.25 10.50 9.25
CA GLY A 75 -15.01 10.24 10.70
C GLY A 75 -14.66 8.77 10.91
N ASN A 76 -15.46 7.86 10.39
CA ASN A 76 -15.16 6.41 10.56
C ASN A 76 -14.36 5.86 9.36
N TYR A 77 -13.81 6.73 8.55
CA TYR A 77 -13.01 6.26 7.38
C TYR A 77 -11.68 7.00 7.31
N HIS A 78 -10.59 6.29 7.18
CA HIS A 78 -9.26 6.96 7.12
C HIS A 78 -8.65 6.82 5.72
N SER A 79 -8.21 7.91 5.14
CA SER A 79 -7.60 7.83 3.78
C SER A 79 -6.07 7.78 3.90
N VAL A 80 -5.49 6.61 3.81
CA VAL A 80 -4.00 6.48 3.94
C VAL A 80 -3.35 6.28 2.56
N SER A 81 -2.47 7.17 2.19
CA SER A 81 -1.77 7.03 0.88
C SER A 81 -0.37 6.45 1.11
N ILE A 82 -0.11 5.26 0.63
CA ILE A 82 1.24 4.65 0.85
C ILE A 82 2.18 4.94 -0.32
N THR A 83 3.38 5.37 0.00
CA THR A 83 4.39 5.65 -1.07
C THR A 83 5.33 4.45 -1.19
N ILE A 84 5.64 4.03 -2.40
CA ILE A 84 6.55 2.84 -2.56
C ILE A 84 7.11 2.78 -3.99
N ASN A 85 8.40 2.60 -4.11
CA ASN A 85 9.01 2.50 -5.48
C ASN A 85 9.37 1.04 -5.76
N ALA A 86 8.57 0.37 -6.54
CA ALA A 86 8.85 -1.06 -6.86
C ALA A 86 9.12 -1.24 -8.35
N THR A 87 9.98 -2.17 -8.69
CA THR A 87 10.30 -2.41 -10.14
C THR A 87 9.21 -3.26 -10.81
N HIS A 88 8.21 -3.70 -10.07
CA HIS A 88 7.12 -4.52 -10.67
C HIS A 88 5.74 -3.96 -10.30
N ILE A 89 4.79 -4.10 -11.18
CA ILE A 89 3.40 -3.60 -10.89
C ILE A 89 2.67 -4.59 -9.98
N GLU A 90 2.82 -5.87 -10.22
CA GLU A 90 2.13 -6.89 -9.36
C GLU A 90 2.69 -6.86 -7.93
N GLN A 91 3.95 -6.54 -7.77
CA GLN A 91 4.56 -6.49 -6.39
C GLN A 91 3.82 -5.47 -5.53
N VAL A 92 3.74 -4.23 -5.97
CA VAL A 92 3.03 -3.18 -5.16
C VAL A 92 1.55 -3.56 -4.97
N GLU A 93 0.97 -4.27 -5.92
CA GLU A 93 -0.46 -4.69 -5.78
C GLU A 93 -0.58 -5.70 -4.64
N THR A 94 0.32 -6.65 -4.58
CA THR A 94 0.29 -7.67 -3.47
C THR A 94 0.43 -6.95 -2.12
N LEU A 95 1.27 -5.93 -2.07
CA LEU A 95 1.44 -5.17 -0.80
C LEU A 95 0.13 -4.48 -0.41
N TYR A 96 -0.60 -3.97 -1.39
CA TYR A 96 -1.90 -3.31 -1.09
C TYR A 96 -2.83 -4.33 -0.40
N GLU A 97 -2.94 -5.52 -0.96
CA GLU A 97 -3.81 -6.56 -0.34
C GLU A 97 -3.26 -6.97 1.04
N GLU A 98 -1.95 -6.91 1.22
CA GLU A 98 -1.35 -7.29 2.54
C GLU A 98 -1.78 -6.28 3.62
N LEU A 99 -1.60 -5.00 3.36
CA LEU A 99 -2.00 -3.97 4.37
C LEU A 99 -3.53 -3.78 4.37
N GLY A 100 -4.18 -4.07 3.26
CA GLY A 100 -5.67 -3.90 3.20
C GLY A 100 -6.36 -5.26 3.37
N LYS A 101 -5.84 -6.09 4.24
CA LYS A 101 -6.47 -7.43 4.46
C LYS A 101 -7.35 -7.41 5.72
N ILE A 102 -7.51 -6.26 6.35
CA ILE A 102 -8.35 -6.17 7.59
C ILE A 102 -9.78 -6.59 7.27
N ASP A 103 -10.50 -7.09 8.25
CA ASP A 103 -11.92 -7.50 8.01
C ASP A 103 -12.75 -6.28 7.55
N ILE A 104 -12.34 -5.10 7.96
CA ILE A 104 -13.08 -3.86 7.55
C ILE A 104 -12.90 -3.61 6.04
N VAL A 105 -13.62 -2.66 5.50
CA VAL A 105 -13.50 -2.37 4.03
C VAL A 105 -12.27 -1.50 3.75
N ARG A 106 -11.27 -2.06 3.11
CA ARG A 106 -10.05 -1.27 2.77
C ARG A 106 -9.82 -1.27 1.26
N MET A 107 -9.58 -0.13 0.68
CA MET A 107 -9.35 -0.06 -0.81
C MET A 107 -8.07 0.73 -1.12
N VAL A 108 -7.64 0.73 -2.37
CA VAL A 108 -6.41 1.48 -2.74
C VAL A 108 -6.59 2.21 -4.08
N LEU A 109 -5.83 3.25 -4.30
CA LEU A 109 -5.95 4.04 -5.58
C LEU A 109 -7.40 4.50 -5.80
N MET A 23 10.94 -12.80 -6.88
CA MET A 23 9.76 -13.39 -7.60
C MET A 23 9.72 -12.89 -9.04
N LYS A 24 9.46 -13.77 -9.98
CA LYS A 24 9.41 -13.36 -11.42
C LYS A 24 8.21 -12.44 -11.67
N THR A 25 8.37 -11.47 -12.54
CA THR A 25 7.25 -10.51 -12.86
C THR A 25 6.67 -9.89 -11.58
N LYS A 26 7.51 -9.49 -10.65
CA LYS A 26 7.01 -8.86 -9.39
C LYS A 26 8.17 -8.23 -8.62
N LEU A 27 9.08 -9.04 -8.10
CA LEU A 27 10.24 -8.47 -7.36
C LEU A 27 11.52 -8.58 -8.20
N ASN A 28 11.76 -9.73 -8.78
CA ASN A 28 12.98 -9.91 -9.64
C ASN A 28 12.57 -10.29 -11.07
N GLU A 29 12.79 -9.42 -12.02
CA GLU A 29 12.40 -9.74 -13.44
C GLU A 29 13.43 -9.16 -14.42
N LEU A 30 13.08 -9.07 -15.69
CA LEU A 30 14.04 -8.53 -16.70
C LEU A 30 14.10 -7.00 -16.64
N LEU A 31 13.01 -6.36 -16.29
CA LEU A 31 13.00 -4.86 -16.20
C LEU A 31 13.77 -4.41 -14.95
N GLU A 32 13.32 -4.84 -13.79
CA GLU A 32 14.00 -4.46 -12.51
C GLU A 32 14.06 -2.93 -12.35
N PHE A 33 13.02 -2.24 -12.76
CA PHE A 33 13.01 -0.75 -12.62
C PHE A 33 12.08 -0.34 -11.48
N PRO A 34 12.67 0.13 -10.40
CA PRO A 34 11.87 0.55 -9.21
C PRO A 34 11.11 1.84 -9.50
N THR A 35 9.80 1.74 -9.64
CA THR A 35 8.97 2.96 -9.93
C THR A 35 8.12 3.33 -8.70
N PRO A 36 7.95 4.61 -8.49
CA PRO A 36 7.15 5.09 -7.33
C PRO A 36 5.65 4.82 -7.55
N PHE A 37 5.05 4.02 -6.71
CA PHE A 37 3.61 3.70 -6.86
C PHE A 37 2.78 4.48 -5.83
N THR A 38 2.17 5.57 -6.25
CA THR A 38 1.33 6.38 -5.31
C THR A 38 0.01 5.64 -5.10
N TYR A 39 -0.08 4.83 -4.08
CA TYR A 39 -1.33 4.06 -3.85
C TYR A 39 -2.16 4.68 -2.72
N LYS A 40 -3.26 5.32 -3.05
CA LYS A 40 -4.11 5.93 -1.99
C LYS A 40 -4.94 4.84 -1.31
N VAL A 41 -4.42 4.26 -0.26
CA VAL A 41 -5.17 3.17 0.45
C VAL A 41 -6.24 3.79 1.35
N MET A 42 -7.46 3.86 0.88
CA MET A 42 -8.56 4.46 1.69
C MET A 42 -9.35 3.35 2.39
N GLY A 43 -9.91 3.63 3.54
CA GLY A 43 -10.70 2.58 4.26
C GLY A 43 -11.03 3.07 5.67
N GLN A 44 -11.19 2.15 6.60
CA GLN A 44 -11.52 2.56 8.00
C GLN A 44 -10.25 3.03 8.73
N ALA A 45 -10.40 3.90 9.68
CA ALA A 45 -9.21 4.41 10.44
C ALA A 45 -8.73 3.36 11.45
N LEU A 46 -7.75 2.58 11.08
CA LEU A 46 -7.22 1.53 12.00
C LEU A 46 -5.71 1.67 12.17
N PRO A 47 -5.21 1.16 13.28
CA PRO A 47 -3.75 1.22 13.56
C PRO A 47 -2.98 0.23 12.68
N GLU A 48 -3.65 -0.80 12.19
CA GLU A 48 -2.97 -1.80 11.31
C GLU A 48 -2.61 -1.19 9.94
N LEU A 49 -3.25 -0.10 9.58
CA LEU A 49 -2.95 0.54 8.25
C LEU A 49 -1.47 0.89 8.14
N VAL A 50 -0.99 1.81 8.94
CA VAL A 50 0.46 2.20 8.89
C VAL A 50 1.36 1.02 9.26
N ASP A 51 0.88 0.12 10.09
CA ASP A 51 1.71 -1.06 10.49
C ASP A 51 1.99 -1.95 9.28
N GLN A 52 0.96 -2.44 8.63
CA GLN A 52 1.17 -3.30 7.43
C GLN A 52 1.74 -2.50 6.26
N VAL A 53 1.43 -1.23 6.17
CA VAL A 53 1.97 -0.41 5.05
C VAL A 53 3.51 -0.40 5.09
N VAL A 54 4.09 -0.03 6.20
CA VAL A 54 5.58 0.01 6.30
C VAL A 54 6.17 -1.41 6.31
N GLU A 55 5.48 -2.36 6.89
CA GLU A 55 6.01 -3.76 6.93
C GLU A 55 5.93 -4.42 5.54
N VAL A 56 4.77 -4.39 4.93
CA VAL A 56 4.61 -5.02 3.58
C VAL A 56 5.44 -4.27 2.51
N VAL A 57 5.66 -2.98 2.68
CA VAL A 57 6.46 -2.23 1.67
C VAL A 57 7.97 -2.46 1.88
N GLN A 58 8.40 -2.65 3.11
CA GLN A 58 9.86 -2.89 3.36
C GLN A 58 10.23 -4.37 3.11
N ARG A 59 9.26 -5.26 3.17
CA ARG A 59 9.55 -6.70 2.94
C ARG A 59 9.67 -7.00 1.44
N HIS A 60 8.80 -6.43 0.63
CA HIS A 60 8.87 -6.69 -0.84
C HIS A 60 9.65 -5.58 -1.55
N ALA A 61 9.41 -4.34 -1.20
CA ALA A 61 10.15 -3.22 -1.85
C ALA A 61 11.33 -2.78 -0.96
N PRO A 62 12.37 -2.29 -1.59
CA PRO A 62 13.57 -1.83 -0.84
C PRO A 62 13.27 -0.51 -0.11
N GLY A 63 13.77 -0.38 1.09
CA GLY A 63 13.54 0.88 1.87
C GLY A 63 12.16 0.83 2.55
N ASP A 64 12.00 1.54 3.64
CA ASP A 64 10.69 1.57 4.35
C ASP A 64 9.85 2.76 3.89
N TYR A 65 8.56 2.63 3.87
CA TYR A 65 7.68 3.76 3.43
C TYR A 65 6.49 3.95 4.38
N THR A 66 5.69 4.95 4.15
CA THR A 66 4.53 5.21 5.07
C THR A 66 3.29 5.70 4.27
N PRO A 67 2.13 5.51 4.88
CA PRO A 67 0.86 5.95 4.27
C PRO A 67 0.45 7.33 4.82
N THR A 68 0.34 8.32 3.97
CA THR A 68 -0.08 9.68 4.45
C THR A 68 -1.59 9.67 4.71
N VAL A 69 -2.00 9.64 5.96
CA VAL A 69 -3.46 9.61 6.28
C VAL A 69 -4.11 10.99 6.10
N LYS A 70 -5.33 11.01 5.61
CA LYS A 70 -6.05 12.30 5.41
C LYS A 70 -7.54 12.13 5.73
N PRO A 71 -8.09 13.07 6.45
CA PRO A 71 -9.53 13.02 6.82
C PRO A 71 -10.41 13.29 5.59
N SER A 72 -10.96 12.26 4.99
CA SER A 72 -11.81 12.44 3.78
C SER A 72 -13.26 12.70 4.18
N SER A 73 -13.84 11.87 5.01
CA SER A 73 -15.26 12.07 5.43
C SER A 73 -15.36 12.28 6.94
N LYS A 74 -14.89 11.33 7.72
CA LYS A 74 -14.96 11.45 9.21
C LYS A 74 -13.74 10.80 9.86
N GLY A 75 -13.68 10.82 11.18
CA GLY A 75 -12.53 10.19 11.88
C GLY A 75 -12.61 8.66 11.75
N ASN A 76 -13.82 8.13 11.68
CA ASN A 76 -13.98 6.64 11.54
C ASN A 76 -13.40 6.15 10.20
N TYR A 77 -13.52 6.94 9.16
CA TYR A 77 -12.96 6.52 7.83
C TYR A 77 -11.73 7.36 7.49
N HIS A 78 -10.59 6.71 7.33
CA HIS A 78 -9.34 7.48 7.01
C HIS A 78 -8.79 7.06 5.63
N SER A 79 -8.40 8.02 4.84
CA SER A 79 -7.83 7.71 3.50
C SER A 79 -6.33 7.99 3.50
N VAL A 80 -5.52 6.95 3.60
CA VAL A 80 -4.03 7.17 3.63
C VAL A 80 -3.41 6.83 2.28
N SER A 81 -2.36 7.54 1.92
CA SER A 81 -1.67 7.25 0.62
C SER A 81 -0.31 6.61 0.91
N ILE A 82 -0.12 5.37 0.53
CA ILE A 82 1.18 4.70 0.83
C ILE A 82 2.17 4.82 -0.34
N THR A 83 3.39 5.19 -0.02
CA THR A 83 4.43 5.32 -1.09
C THR A 83 5.09 3.95 -1.30
N ILE A 84 4.95 3.38 -2.47
CA ILE A 84 5.55 2.02 -2.72
C ILE A 84 6.69 2.10 -3.75
N ASN A 85 7.80 1.48 -3.46
CA ASN A 85 8.96 1.48 -4.41
C ASN A 85 9.10 0.08 -5.03
N ALA A 86 8.09 -0.37 -5.74
CA ALA A 86 8.16 -1.72 -6.35
C ALA A 86 8.72 -1.65 -7.78
N THR A 87 9.64 -2.52 -8.11
CA THR A 87 10.24 -2.51 -9.48
C THR A 87 9.21 -3.00 -10.51
N HIS A 88 8.17 -3.67 -10.07
CA HIS A 88 7.13 -4.18 -11.02
C HIS A 88 5.73 -3.77 -10.54
N ILE A 89 4.77 -3.77 -11.42
CA ILE A 89 3.38 -3.38 -11.01
C ILE A 89 2.71 -4.52 -10.20
N GLU A 90 3.24 -5.71 -10.27
CA GLU A 90 2.65 -6.85 -9.50
C GLU A 90 3.09 -6.79 -8.03
N GLN A 91 4.27 -6.27 -7.78
CA GLN A 91 4.77 -6.18 -6.36
C GLN A 91 3.90 -5.20 -5.56
N VAL A 92 3.63 -4.03 -6.08
CA VAL A 92 2.76 -3.06 -5.34
C VAL A 92 1.32 -3.58 -5.24
N GLU A 93 0.89 -4.38 -6.20
CA GLU A 93 -0.50 -4.94 -6.15
C GLU A 93 -0.64 -5.86 -4.92
N THR A 94 0.24 -6.81 -4.78
CA THR A 94 0.17 -7.74 -3.60
C THR A 94 0.39 -6.93 -2.32
N LEU A 95 1.24 -5.93 -2.36
CA LEU A 95 1.49 -5.08 -1.16
C LEU A 95 0.17 -4.41 -0.72
N TYR A 96 -0.62 -3.96 -1.67
CA TYR A 96 -1.92 -3.31 -1.33
C TYR A 96 -2.84 -4.35 -0.66
N GLU A 97 -2.96 -5.53 -1.24
CA GLU A 97 -3.82 -6.59 -0.63
C GLU A 97 -3.27 -6.99 0.75
N GLU A 98 -1.97 -7.03 0.90
CA GLU A 98 -1.37 -7.41 2.21
C GLU A 98 -1.71 -6.36 3.29
N LEU A 99 -1.54 -5.09 2.98
CA LEU A 99 -1.87 -4.03 3.98
C LEU A 99 -3.39 -3.83 4.08
N GLY A 100 -4.11 -4.07 3.00
CA GLY A 100 -5.59 -3.90 3.04
C GLY A 100 -6.26 -5.27 3.15
N LYS A 101 -5.81 -6.09 4.06
CA LYS A 101 -6.41 -7.45 4.24
C LYS A 101 -7.27 -7.51 5.52
N ILE A 102 -7.43 -6.40 6.21
CA ILE A 102 -8.25 -6.39 7.46
C ILE A 102 -9.73 -6.58 7.12
N ASP A 103 -10.50 -7.13 8.03
CA ASP A 103 -11.96 -7.34 7.76
C ASP A 103 -12.66 -5.98 7.53
N ILE A 104 -12.12 -4.91 8.10
CA ILE A 104 -12.73 -3.56 7.92
C ILE A 104 -12.67 -3.13 6.44
N VAL A 105 -13.27 -2.01 6.11
CA VAL A 105 -13.26 -1.53 4.69
C VAL A 105 -11.82 -1.23 4.24
N ARG A 106 -11.35 -1.94 3.24
CA ARG A 106 -9.96 -1.71 2.73
C ARG A 106 -10.01 -1.35 1.22
N MET A 107 -9.31 -0.33 0.81
CA MET A 107 -9.31 0.07 -0.62
C MET A 107 -8.02 0.81 -0.98
N VAL A 108 -7.68 0.89 -2.25
CA VAL A 108 -6.43 1.61 -2.65
C VAL A 108 -6.65 2.39 -3.95
N LEU A 109 -5.85 3.40 -4.19
CA LEU A 109 -5.98 4.23 -5.44
C LEU A 109 -7.44 4.67 -5.64
N MET A 23 -9.39 -7.55 -3.90
CA MET A 23 -8.31 -7.91 -4.87
C MET A 23 -7.44 -9.03 -4.29
N LYS A 24 -6.70 -9.71 -5.14
CA LYS A 24 -5.81 -10.82 -4.65
C LYS A 24 -4.43 -10.71 -5.30
N THR A 25 -3.48 -11.49 -4.82
CA THR A 25 -2.10 -11.44 -5.40
C THR A 25 -2.11 -11.94 -6.86
N LYS A 26 -1.19 -11.45 -7.67
CA LYS A 26 -1.15 -11.88 -9.10
C LYS A 26 0.28 -12.25 -9.51
N LEU A 27 1.24 -11.41 -9.21
CA LEU A 27 2.66 -11.71 -9.59
C LEU A 27 3.63 -11.11 -8.56
N ASN A 28 4.89 -11.44 -8.66
CA ASN A 28 5.89 -10.89 -7.70
C ASN A 28 6.94 -10.06 -8.44
N GLU A 29 7.50 -10.58 -9.50
CA GLU A 29 8.54 -9.82 -10.27
C GLU A 29 8.64 -10.35 -11.71
N LEU A 30 8.88 -9.47 -12.66
CA LEU A 30 9.00 -9.90 -14.08
C LEU A 30 9.77 -8.85 -14.90
N LEU A 31 9.27 -7.65 -14.97
CA LEU A 31 9.97 -6.57 -15.74
C LEU A 31 11.17 -6.02 -14.95
N GLU A 32 11.13 -6.12 -13.65
CA GLU A 32 12.27 -5.62 -12.79
C GLU A 32 12.56 -4.13 -13.06
N PHE A 33 11.54 -3.31 -13.12
CA PHE A 33 11.74 -1.85 -13.33
C PHE A 33 11.23 -1.08 -12.12
N PRO A 34 12.14 -0.52 -11.37
CA PRO A 34 11.76 0.24 -10.15
C PRO A 34 11.07 1.55 -10.52
N THR A 35 9.79 1.66 -10.22
CA THR A 35 9.04 2.91 -10.54
C THR A 35 8.22 3.36 -9.33
N PRO A 36 8.10 4.67 -9.17
CA PRO A 36 7.34 5.24 -8.04
C PRO A 36 5.83 5.02 -8.22
N PHE A 37 5.21 4.36 -7.27
CA PHE A 37 3.75 4.09 -7.36
C PHE A 37 2.98 4.99 -6.40
N THR A 38 2.41 6.07 -6.90
CA THR A 38 1.63 6.98 -6.00
C THR A 38 0.30 6.29 -5.66
N TYR A 39 0.21 5.68 -4.51
CA TYR A 39 -1.04 4.96 -4.14
C TYR A 39 -1.73 5.64 -2.96
N LYS A 40 -3.01 5.38 -2.80
CA LYS A 40 -3.77 5.98 -1.67
C LYS A 40 -4.68 4.90 -1.07
N VAL A 41 -4.29 4.35 0.04
CA VAL A 41 -5.12 3.27 0.69
C VAL A 41 -6.28 3.90 1.47
N MET A 42 -7.45 3.91 0.90
CA MET A 42 -8.64 4.49 1.60
C MET A 42 -9.42 3.38 2.32
N GLY A 43 -10.16 3.72 3.36
CA GLY A 43 -10.94 2.68 4.09
C GLY A 43 -11.24 3.16 5.52
N GLN A 44 -11.35 2.24 6.45
CA GLN A 44 -11.65 2.63 7.87
C GLN A 44 -10.40 3.19 8.55
N ALA A 45 -10.58 3.91 9.63
CA ALA A 45 -9.41 4.49 10.36
C ALA A 45 -8.87 3.48 11.37
N LEU A 46 -7.90 2.68 10.97
CA LEU A 46 -7.32 1.66 11.90
C LEU A 46 -5.79 1.81 11.95
N PRO A 47 -5.22 1.46 13.08
CA PRO A 47 -3.75 1.55 13.27
C PRO A 47 -3.01 0.46 12.46
N GLU A 48 -3.67 -0.63 12.14
CA GLU A 48 -3.00 -1.72 11.36
C GLU A 48 -2.70 -1.26 9.92
N LEU A 49 -3.35 -0.21 9.46
CA LEU A 49 -3.09 0.28 8.07
C LEU A 49 -1.62 0.70 7.91
N VAL A 50 -1.19 1.68 8.64
CA VAL A 50 0.23 2.14 8.53
C VAL A 50 1.20 1.04 9.03
N ASP A 51 0.77 0.25 9.99
CA ASP A 51 1.64 -0.84 10.51
C ASP A 51 1.94 -1.86 9.40
N GLN A 52 0.91 -2.39 8.77
CA GLN A 52 1.14 -3.38 7.67
C GLN A 52 1.77 -2.71 6.45
N VAL A 53 1.43 -1.48 6.17
CA VAL A 53 2.04 -0.79 4.99
C VAL A 53 3.58 -0.79 5.13
N VAL A 54 4.09 -0.43 6.28
CA VAL A 54 5.58 -0.40 6.48
C VAL A 54 6.15 -1.83 6.52
N GLU A 55 5.43 -2.75 7.12
CA GLU A 55 5.95 -4.17 7.19
C GLU A 55 5.89 -4.84 5.81
N VAL A 56 4.75 -4.84 5.18
CA VAL A 56 4.62 -5.49 3.83
C VAL A 56 5.51 -4.80 2.79
N VAL A 57 5.71 -3.50 2.89
CA VAL A 57 6.58 -2.80 1.90
C VAL A 57 8.06 -3.07 2.21
N GLN A 58 8.40 -3.27 3.46
CA GLN A 58 9.83 -3.54 3.82
C GLN A 58 10.20 -4.97 3.40
N ARG A 59 9.27 -5.90 3.50
CA ARG A 59 9.57 -7.32 3.11
C ARG A 59 9.67 -7.45 1.58
N HIS A 60 9.06 -6.56 0.85
CA HIS A 60 9.13 -6.65 -0.65
C HIS A 60 10.14 -5.64 -1.20
N ALA A 61 10.11 -4.42 -0.74
CA ALA A 61 11.08 -3.39 -1.22
C ALA A 61 12.18 -3.17 -0.17
N PRO A 62 13.35 -2.80 -0.65
CA PRO A 62 14.50 -2.56 0.27
C PRO A 62 14.28 -1.30 1.12
N GLY A 63 13.76 -0.25 0.53
CA GLY A 63 13.52 1.01 1.30
C GLY A 63 12.16 0.94 1.99
N ASP A 64 12.05 1.50 3.17
CA ASP A 64 10.74 1.48 3.89
C ASP A 64 9.83 2.59 3.37
N TYR A 65 8.54 2.40 3.46
CA TYR A 65 7.58 3.42 2.96
C TYR A 65 6.42 3.60 3.95
N THR A 66 5.74 4.72 3.87
CA THR A 66 4.61 4.97 4.83
C THR A 66 3.43 5.70 4.12
N PRO A 67 2.25 5.45 4.64
CA PRO A 67 1.02 6.08 4.10
C PRO A 67 0.65 7.32 4.94
N THR A 68 0.28 8.41 4.30
CA THR A 68 -0.11 9.64 5.05
C THR A 68 -1.64 9.67 5.21
N VAL A 69 -2.12 9.44 6.41
CA VAL A 69 -3.60 9.42 6.63
C VAL A 69 -4.19 10.84 6.64
N LYS A 70 -5.36 10.99 6.05
CA LYS A 70 -6.02 12.34 6.02
C LYS A 70 -7.54 12.18 6.26
N PRO A 71 -8.13 13.18 6.86
CA PRO A 71 -9.59 13.15 7.14
C PRO A 71 -10.38 13.34 5.83
N SER A 72 -10.86 12.26 5.27
CA SER A 72 -11.62 12.36 3.98
C SER A 72 -13.13 12.58 4.25
N SER A 73 -13.72 11.77 5.10
CA SER A 73 -15.18 11.93 5.38
C SER A 73 -15.41 12.11 6.89
N LYS A 74 -15.02 11.16 7.69
CA LYS A 74 -15.23 11.29 9.17
C LYS A 74 -14.07 10.64 9.94
N GLY A 75 -14.11 10.69 11.24
CA GLY A 75 -13.00 10.07 12.06
C GLY A 75 -13.00 8.56 11.86
N ASN A 76 -14.15 7.97 11.64
CA ASN A 76 -14.22 6.48 11.44
C ASN A 76 -13.62 6.08 10.08
N TYR A 77 -13.80 6.89 9.07
CA TYR A 77 -13.23 6.54 7.72
C TYR A 77 -12.00 7.40 7.44
N HIS A 78 -10.90 6.78 7.09
CA HIS A 78 -9.65 7.56 6.80
C HIS A 78 -9.10 7.23 5.42
N SER A 79 -8.53 8.23 4.76
CA SER A 79 -7.94 8.01 3.42
C SER A 79 -6.45 8.33 3.48
N VAL A 80 -5.60 7.33 3.46
CA VAL A 80 -4.14 7.60 3.56
C VAL A 80 -3.46 7.46 2.19
N SER A 81 -2.44 8.25 1.95
CA SER A 81 -1.71 8.18 0.66
C SER A 81 -0.38 7.46 0.89
N ILE A 82 -0.23 6.27 0.38
CA ILE A 82 1.03 5.51 0.61
C ILE A 82 2.04 5.74 -0.52
N THR A 83 3.24 6.11 -0.16
CA THR A 83 4.31 6.32 -1.19
C THR A 83 5.15 5.06 -1.28
N ILE A 84 5.33 4.51 -2.46
CA ILE A 84 6.13 3.25 -2.58
C ILE A 84 6.76 3.12 -3.98
N ASN A 85 7.97 2.64 -4.03
CA ASN A 85 8.66 2.44 -5.34
C ASN A 85 8.94 0.94 -5.54
N ALA A 86 8.16 0.28 -6.34
CA ALA A 86 8.37 -1.18 -6.55
C ALA A 86 8.90 -1.48 -7.95
N THR A 87 9.81 -2.42 -8.06
CA THR A 87 10.38 -2.79 -9.40
C THR A 87 9.37 -3.60 -10.23
N HIS A 88 8.24 -3.95 -9.67
CA HIS A 88 7.23 -4.72 -10.45
C HIS A 88 5.85 -4.06 -10.33
N ILE A 89 5.05 -4.13 -11.37
CA ILE A 89 3.69 -3.50 -11.34
C ILE A 89 2.78 -4.24 -10.34
N GLU A 90 2.99 -5.52 -10.14
CA GLU A 90 2.13 -6.28 -9.18
C GLU A 90 2.72 -6.24 -7.76
N GLN A 91 3.94 -5.77 -7.60
CA GLN A 91 4.55 -5.68 -6.23
C GLN A 91 3.72 -4.75 -5.35
N VAL A 92 3.37 -3.60 -5.87
CA VAL A 92 2.55 -2.62 -5.08
C VAL A 92 1.11 -3.16 -4.93
N GLU A 93 0.65 -3.95 -5.89
CA GLU A 93 -0.73 -4.51 -5.79
C GLU A 93 -0.78 -5.57 -4.68
N THR A 94 0.15 -6.50 -4.69
CA THR A 94 0.18 -7.55 -3.62
C THR A 94 0.39 -6.88 -2.25
N LEU A 95 1.25 -5.90 -2.18
CA LEU A 95 1.49 -5.19 -0.89
C LEU A 95 0.18 -4.54 -0.40
N TYR A 96 -0.62 -4.02 -1.32
CA TYR A 96 -1.92 -3.41 -0.91
C TYR A 96 -2.82 -4.49 -0.29
N GLU A 97 -2.89 -5.66 -0.89
CA GLU A 97 -3.73 -6.76 -0.33
C GLU A 97 -3.21 -7.15 1.06
N GLU A 98 -1.91 -7.12 1.25
CA GLU A 98 -1.34 -7.48 2.59
C GLU A 98 -1.72 -6.43 3.64
N LEU A 99 -1.54 -5.16 3.33
CA LEU A 99 -1.91 -4.09 4.31
C LEU A 99 -3.43 -3.94 4.41
N GLY A 100 -4.15 -4.28 3.35
CA GLY A 100 -5.64 -4.17 3.38
C GLY A 100 -6.26 -5.56 3.46
N LYS A 101 -5.67 -6.45 4.21
CA LYS A 101 -6.23 -7.83 4.34
C LYS A 101 -7.17 -7.93 5.55
N ILE A 102 -7.42 -6.83 6.23
CA ILE A 102 -8.34 -6.86 7.41
C ILE A 102 -9.79 -7.04 6.95
N ASP A 103 -10.63 -7.58 7.80
CA ASP A 103 -12.07 -7.76 7.43
C ASP A 103 -12.77 -6.40 7.31
N ILE A 104 -12.17 -5.35 7.85
CA ILE A 104 -12.77 -3.99 7.78
C ILE A 104 -12.71 -3.46 6.33
N VAL A 105 -13.37 -2.37 6.06
CA VAL A 105 -13.35 -1.79 4.68
C VAL A 105 -11.93 -1.39 4.27
N ARG A 106 -11.38 -2.04 3.28
CA ARG A 106 -10.00 -1.71 2.80
C ARG A 106 -10.05 -1.32 1.31
N MET A 107 -9.29 -0.33 0.90
CA MET A 107 -9.30 0.09 -0.54
C MET A 107 -8.00 0.85 -0.87
N VAL A 108 -7.60 0.85 -2.12
CA VAL A 108 -6.35 1.57 -2.51
C VAL A 108 -6.51 2.23 -3.89
N LEU A 109 -5.73 3.24 -4.16
CA LEU A 109 -5.80 3.93 -5.48
C LEU A 109 -4.68 3.43 -6.40
N MET A 23 4.24 -4.43 -19.64
CA MET A 23 3.14 -3.51 -19.22
C MET A 23 3.09 -3.42 -17.69
N LYS A 24 2.97 -2.23 -17.16
CA LYS A 24 2.90 -2.06 -15.67
C LYS A 24 1.45 -2.14 -15.19
N THR A 25 0.82 -3.27 -15.38
CA THR A 25 -0.60 -3.43 -14.93
C THR A 25 -0.79 -4.79 -14.25
N LYS A 26 -0.47 -5.86 -14.94
CA LYS A 26 -0.61 -7.22 -14.34
C LYS A 26 0.42 -8.19 -14.96
N LEU A 27 1.66 -7.78 -15.01
CA LEU A 27 2.72 -8.65 -15.59
C LEU A 27 3.65 -9.19 -14.50
N ASN A 28 4.38 -10.23 -14.80
CA ASN A 28 5.33 -10.81 -13.79
C ASN A 28 6.69 -11.08 -14.44
N GLU A 29 7.75 -10.62 -13.83
CA GLU A 29 9.12 -10.83 -14.38
C GLU A 29 9.19 -10.38 -15.86
N LEU A 30 8.95 -9.11 -16.11
CA LEU A 30 8.98 -8.61 -17.52
C LEU A 30 9.51 -7.17 -17.56
N LEU A 31 9.08 -6.32 -16.66
CA LEU A 31 9.54 -4.91 -16.65
C LEU A 31 10.81 -4.76 -15.82
N GLU A 32 10.79 -5.22 -14.58
CA GLU A 32 12.00 -5.10 -13.69
C GLU A 32 12.45 -3.64 -13.56
N PHE A 33 11.51 -2.71 -13.60
CA PHE A 33 11.88 -1.26 -13.47
C PHE A 33 11.35 -0.72 -12.14
N PRO A 34 12.25 -0.26 -11.31
CA PRO A 34 11.87 0.29 -9.98
C PRO A 34 11.14 1.63 -10.14
N THR A 35 9.85 1.64 -9.90
CA THR A 35 9.06 2.90 -10.04
C THR A 35 8.23 3.15 -8.77
N PRO A 36 8.11 4.40 -8.42
CA PRO A 36 7.31 4.79 -7.22
C PRO A 36 5.81 4.60 -7.48
N PHE A 37 5.14 3.88 -6.62
CA PHE A 37 3.68 3.65 -6.81
C PHE A 37 2.87 4.43 -5.77
N THR A 38 2.33 5.57 -6.16
CA THR A 38 1.51 6.36 -5.21
C THR A 38 0.16 5.66 -5.04
N TYR A 39 0.04 4.81 -4.04
CA TYR A 39 -1.23 4.06 -3.85
C TYR A 39 -2.03 4.63 -2.67
N LYS A 40 -3.09 5.34 -2.95
CA LYS A 40 -3.92 5.91 -1.86
C LYS A 40 -4.83 4.82 -1.27
N VAL A 41 -4.38 4.16 -0.23
CA VAL A 41 -5.20 3.08 0.39
C VAL A 41 -6.27 3.71 1.29
N MET A 42 -7.46 3.88 0.78
CA MET A 42 -8.56 4.48 1.58
C MET A 42 -9.46 3.39 2.17
N GLY A 43 -10.02 3.64 3.32
CA GLY A 43 -10.91 2.61 3.96
C GLY A 43 -11.16 2.99 5.42
N GLN A 44 -11.42 2.02 6.26
CA GLN A 44 -11.69 2.33 7.70
C GLN A 44 -10.38 2.71 8.41
N ALA A 45 -10.42 3.71 9.26
CA ALA A 45 -9.20 4.13 10.00
C ALA A 45 -8.77 3.06 11.01
N LEU A 46 -7.62 2.47 10.80
CA LEU A 46 -7.13 1.41 11.74
C LEU A 46 -5.68 1.69 12.13
N PRO A 47 -5.31 1.25 13.31
CA PRO A 47 -3.93 1.45 13.81
C PRO A 47 -2.94 0.52 13.09
N GLU A 48 -3.41 -0.59 12.56
CA GLU A 48 -2.49 -1.54 11.85
C GLU A 48 -2.19 -1.07 10.41
N LEU A 49 -2.84 -0.02 9.95
CA LEU A 49 -2.56 0.46 8.55
C LEU A 49 -1.10 0.87 8.40
N VAL A 50 -0.63 1.82 9.18
CA VAL A 50 0.80 2.25 9.08
C VAL A 50 1.74 1.09 9.46
N ASP A 51 1.31 0.22 10.35
CA ASP A 51 2.18 -0.94 10.75
C ASP A 51 2.32 -1.92 9.57
N GLN A 52 1.22 -2.40 9.04
CA GLN A 52 1.29 -3.35 7.88
C GLN A 52 1.92 -2.65 6.67
N VAL A 53 1.60 -1.40 6.45
CA VAL A 53 2.18 -0.67 5.28
C VAL A 53 3.71 -0.71 5.35
N VAL A 54 4.29 -0.32 6.46
CA VAL A 54 5.78 -0.31 6.58
C VAL A 54 6.35 -1.74 6.47
N GLU A 55 5.70 -2.72 7.06
CA GLU A 55 6.23 -4.12 6.99
C GLU A 55 6.05 -4.71 5.58
N VAL A 56 4.87 -4.62 5.03
CA VAL A 56 4.63 -5.18 3.66
C VAL A 56 5.36 -4.38 2.57
N VAL A 57 5.59 -3.10 2.80
CA VAL A 57 6.31 -2.28 1.77
C VAL A 57 7.83 -2.45 1.90
N GLN A 58 8.32 -2.76 3.08
CA GLN A 58 9.80 -2.94 3.27
C GLN A 58 10.23 -4.31 2.75
N ARG A 59 9.45 -5.33 3.01
CA ARG A 59 9.83 -6.71 2.54
C ARG A 59 9.74 -6.82 1.01
N HIS A 60 9.01 -5.95 0.35
CA HIS A 60 8.90 -6.01 -1.14
C HIS A 60 9.72 -4.90 -1.79
N ALA A 61 9.61 -3.69 -1.31
CA ALA A 61 10.38 -2.56 -1.90
C ALA A 61 11.58 -2.21 -1.01
N PRO A 62 12.63 -1.73 -1.63
CA PRO A 62 13.87 -1.36 -0.87
C PRO A 62 13.63 -0.10 -0.05
N GLY A 63 14.15 -0.06 1.15
CA GLY A 63 13.96 1.14 2.03
C GLY A 63 12.61 1.05 2.74
N ASP A 64 12.35 1.96 3.65
CA ASP A 64 11.04 1.93 4.39
C ASP A 64 10.08 2.97 3.81
N TYR A 65 8.80 2.67 3.78
CA TYR A 65 7.81 3.63 3.22
C TYR A 65 6.66 3.84 4.21
N THR A 66 5.86 4.86 4.01
CA THR A 66 4.73 5.12 4.95
C THR A 66 3.49 5.63 4.20
N PRO A 67 2.34 5.43 4.82
CA PRO A 67 1.05 5.87 4.26
C PRO A 67 0.64 7.24 4.85
N THR A 68 0.23 8.17 4.03
CA THR A 68 -0.18 9.51 4.56
C THR A 68 -1.71 9.53 4.78
N VAL A 69 -2.15 9.18 5.97
CA VAL A 69 -3.62 9.16 6.25
C VAL A 69 -4.19 10.56 6.43
N LYS A 70 -5.37 10.79 5.91
CA LYS A 70 -6.03 12.13 6.06
C LYS A 70 -7.55 11.93 6.26
N PRO A 71 -8.17 12.91 6.89
CA PRO A 71 -9.62 12.83 7.15
C PRO A 71 -10.41 12.99 5.84
N SER A 72 -10.86 11.90 5.26
CA SER A 72 -11.62 11.99 3.97
C SER A 72 -13.13 12.13 4.24
N SER A 73 -13.68 11.32 5.11
CA SER A 73 -15.14 11.40 5.40
C SER A 73 -15.39 11.61 6.90
N LYS A 74 -14.82 10.78 7.75
CA LYS A 74 -15.03 10.93 9.22
C LYS A 74 -13.81 10.39 9.99
N GLY A 75 -13.82 10.51 11.30
CA GLY A 75 -12.68 9.98 12.11
C GLY A 75 -12.60 8.45 11.95
N ASN A 76 -13.73 7.81 11.71
CA ASN A 76 -13.74 6.33 11.54
C ASN A 76 -13.26 5.95 10.14
N TYR A 77 -13.46 6.80 9.16
CA TYR A 77 -13.01 6.47 7.77
C TYR A 77 -11.85 7.38 7.36
N HIS A 78 -10.70 6.81 7.09
CA HIS A 78 -9.52 7.65 6.69
C HIS A 78 -8.87 7.11 5.42
N SER A 79 -8.31 7.99 4.63
CA SER A 79 -7.62 7.55 3.38
C SER A 79 -6.12 7.82 3.49
N VAL A 80 -5.30 6.83 3.28
CA VAL A 80 -3.82 7.05 3.42
C VAL A 80 -3.11 6.84 2.08
N SER A 81 -2.11 7.64 1.79
CA SER A 81 -1.35 7.48 0.53
C SER A 81 -0.01 6.81 0.83
N ILE A 82 0.14 5.56 0.48
CA ILE A 82 1.42 4.86 0.79
C ILE A 82 2.39 4.93 -0.40
N THR A 83 3.63 5.28 -0.12
CA THR A 83 4.65 5.35 -1.20
C THR A 83 5.28 3.96 -1.38
N ILE A 84 5.32 3.44 -2.58
CA ILE A 84 5.90 2.08 -2.78
C ILE A 84 6.78 2.03 -4.03
N ASN A 85 8.08 2.05 -3.87
CA ASN A 85 8.98 1.97 -5.06
C ASN A 85 9.20 0.50 -5.43
N ALA A 86 8.25 -0.08 -6.12
CA ALA A 86 8.38 -1.51 -6.52
C ALA A 86 8.80 -1.63 -7.98
N THR A 87 9.73 -2.51 -8.28
CA THR A 87 10.20 -2.68 -9.69
C THR A 87 9.09 -3.30 -10.57
N HIS A 88 8.07 -3.85 -9.97
CA HIS A 88 6.96 -4.46 -10.78
C HIS A 88 5.60 -3.98 -10.29
N ILE A 89 4.59 -4.08 -11.12
CA ILE A 89 3.22 -3.64 -10.71
C ILE A 89 2.58 -4.67 -9.76
N GLU A 90 2.96 -5.92 -9.87
CA GLU A 90 2.39 -6.97 -8.97
C GLU A 90 2.91 -6.80 -7.54
N GLN A 91 4.09 -6.23 -7.37
CA GLN A 91 4.64 -6.02 -6.01
C GLN A 91 3.76 -5.06 -5.21
N VAL A 92 3.48 -3.90 -5.75
CA VAL A 92 2.62 -2.92 -5.02
C VAL A 92 1.19 -3.46 -4.89
N GLU A 93 0.75 -4.31 -5.79
CA GLU A 93 -0.62 -4.89 -5.69
C GLU A 93 -0.71 -5.77 -4.44
N THR A 94 0.25 -6.64 -4.25
CA THR A 94 0.26 -7.52 -3.04
C THR A 94 0.40 -6.66 -1.78
N LEU A 95 1.16 -5.59 -1.88
CA LEU A 95 1.35 -4.68 -0.70
C LEU A 95 0.00 -4.07 -0.29
N TYR A 96 -0.81 -3.69 -1.27
CA TYR A 96 -2.15 -3.10 -0.95
C TYR A 96 -3.02 -4.17 -0.27
N GLU A 97 -3.01 -5.37 -0.78
CA GLU A 97 -3.84 -6.46 -0.16
C GLU A 97 -3.33 -6.79 1.25
N GLU A 98 -2.05 -6.69 1.49
CA GLU A 98 -1.51 -7.01 2.84
C GLU A 98 -1.92 -5.93 3.85
N LEU A 99 -1.62 -4.68 3.57
CA LEU A 99 -2.01 -3.58 4.52
C LEU A 99 -3.54 -3.38 4.49
N GLY A 100 -4.18 -3.69 3.39
CA GLY A 100 -5.66 -3.52 3.29
C GLY A 100 -6.33 -4.90 3.29
N LYS A 101 -6.06 -5.69 4.31
CA LYS A 101 -6.68 -7.05 4.39
C LYS A 101 -7.78 -7.07 5.47
N ILE A 102 -8.08 -5.94 6.07
CA ILE A 102 -9.13 -5.90 7.13
C ILE A 102 -10.50 -6.28 6.54
N ASP A 103 -11.32 -6.95 7.30
CA ASP A 103 -12.68 -7.36 6.79
C ASP A 103 -13.62 -6.16 6.69
N ILE A 104 -13.23 -5.00 7.16
CA ILE A 104 -14.12 -3.81 7.07
C ILE A 104 -14.06 -3.19 5.65
N VAL A 105 -13.40 -2.06 5.48
CA VAL A 105 -13.33 -1.45 4.12
C VAL A 105 -11.87 -1.23 3.71
N ARG A 106 -11.41 -1.95 2.73
CA ARG A 106 -9.99 -1.79 2.26
C ARG A 106 -9.98 -1.43 0.77
N MET A 107 -9.40 -0.31 0.42
CA MET A 107 -9.36 0.12 -1.01
C MET A 107 -8.06 0.88 -1.30
N VAL A 108 -7.66 0.95 -2.54
CA VAL A 108 -6.40 1.68 -2.88
C VAL A 108 -6.55 2.46 -4.20
N LEU A 109 -5.80 3.52 -4.36
CA LEU A 109 -5.87 4.35 -5.61
C LEU A 109 -7.32 4.80 -5.87
N MET A 23 3.22 -13.01 -9.75
CA MET A 23 2.04 -12.20 -9.32
C MET A 23 2.16 -11.83 -7.83
N LYS A 24 2.30 -12.81 -6.97
CA LYS A 24 2.42 -12.50 -5.51
C LYS A 24 3.89 -12.19 -5.17
N THR A 25 4.77 -13.14 -5.35
CA THR A 25 6.22 -12.91 -5.04
C THR A 25 7.08 -13.54 -6.13
N LYS A 26 7.31 -12.84 -7.21
CA LYS A 26 8.13 -13.39 -8.32
C LYS A 26 9.07 -12.32 -8.88
N LEU A 27 8.53 -11.20 -9.30
CA LEU A 27 9.37 -10.09 -9.87
C LEU A 27 10.26 -10.63 -10.99
N ASN A 28 9.67 -11.26 -11.99
CA ASN A 28 10.47 -11.81 -13.12
C ASN A 28 10.36 -10.89 -14.33
N GLU A 29 11.02 -9.75 -14.28
CA GLU A 29 10.97 -8.79 -15.43
C GLU A 29 12.28 -8.81 -16.21
N LEU A 30 12.26 -8.44 -17.46
CA LEU A 30 13.51 -8.43 -18.27
C LEU A 30 14.29 -7.15 -17.99
N LEU A 31 13.60 -6.04 -17.89
CA LEU A 31 14.29 -4.74 -17.61
C LEU A 31 14.25 -4.45 -16.09
N GLU A 32 13.23 -4.91 -15.40
CA GLU A 32 13.13 -4.67 -13.93
C GLU A 32 13.43 -3.21 -13.58
N PHE A 33 12.57 -2.31 -14.00
CA PHE A 33 12.79 -0.87 -13.70
C PHE A 33 12.02 -0.46 -12.44
N PRO A 34 12.75 0.10 -11.49
CA PRO A 34 12.13 0.54 -10.22
C PRO A 34 11.23 1.76 -10.44
N THR A 35 9.95 1.59 -10.30
CA THR A 35 9.02 2.75 -10.50
C THR A 35 8.20 3.02 -9.23
N PRO A 36 7.99 4.28 -8.95
CA PRO A 36 7.21 4.68 -7.75
C PRO A 36 5.72 4.39 -7.94
N PHE A 37 5.11 3.71 -6.99
CA PHE A 37 3.67 3.38 -7.09
C PHE A 37 2.86 4.20 -6.09
N THR A 38 2.23 5.27 -6.54
CA THR A 38 1.41 6.10 -5.60
C THR A 38 0.12 5.34 -5.31
N TYR A 39 0.10 4.56 -4.26
CA TYR A 39 -1.13 3.77 -3.94
C TYR A 39 -1.91 4.41 -2.78
N LYS A 40 -3.00 5.07 -3.09
CA LYS A 40 -3.81 5.70 -2.01
C LYS A 40 -4.73 4.66 -1.37
N VAL A 41 -4.33 4.09 -0.26
CA VAL A 41 -5.19 3.06 0.42
C VAL A 41 -6.30 3.76 1.21
N MET A 42 -7.46 3.88 0.63
CA MET A 42 -8.59 4.55 1.33
C MET A 42 -9.56 3.51 1.90
N GLY A 43 -9.85 3.61 3.17
CA GLY A 43 -10.80 2.63 3.81
C GLY A 43 -11.43 3.25 5.06
N GLN A 44 -11.92 2.42 5.95
CA GLN A 44 -12.55 2.95 7.21
C GLN A 44 -11.49 3.58 8.12
N ALA A 45 -11.89 4.14 9.23
CA ALA A 45 -10.92 4.77 10.16
C ALA A 45 -10.21 3.72 11.01
N LEU A 46 -9.08 3.22 10.53
CA LEU A 46 -8.33 2.19 11.30
C LEU A 46 -6.83 2.54 11.34
N PRO A 47 -6.26 2.47 12.53
CA PRO A 47 -4.81 2.80 12.70
C PRO A 47 -3.90 1.66 12.20
N GLU A 48 -4.45 0.55 11.78
CA GLU A 48 -3.59 -0.58 11.29
C GLU A 48 -3.12 -0.34 9.85
N LEU A 49 -3.59 0.70 9.19
CA LEU A 49 -3.16 0.95 7.78
C LEU A 49 -1.66 1.31 7.72
N VAL A 50 -1.16 2.06 8.67
CA VAL A 50 0.29 2.43 8.65
C VAL A 50 1.17 1.26 9.10
N ASP A 51 0.66 0.40 9.96
CA ASP A 51 1.46 -0.77 10.42
C ASP A 51 1.67 -1.77 9.27
N GLN A 52 0.60 -2.20 8.65
CA GLN A 52 0.74 -3.17 7.52
C GLN A 52 1.41 -2.51 6.31
N VAL A 53 1.10 -1.28 6.03
CA VAL A 53 1.75 -0.59 4.87
C VAL A 53 3.28 -0.56 5.03
N VAL A 54 3.78 0.00 6.11
CA VAL A 54 5.26 0.07 6.30
C VAL A 54 5.88 -1.34 6.40
N GLU A 55 5.19 -2.29 6.96
CA GLU A 55 5.76 -3.67 7.07
C GLU A 55 5.75 -4.39 5.71
N VAL A 56 4.60 -4.50 5.09
CA VAL A 56 4.51 -5.20 3.77
C VAL A 56 5.28 -4.43 2.68
N VAL A 57 5.50 -3.14 2.84
CA VAL A 57 6.24 -2.38 1.79
C VAL A 57 7.77 -2.45 2.03
N GLN A 58 8.20 -2.53 3.27
CA GLN A 58 9.66 -2.61 3.54
C GLN A 58 10.18 -4.03 3.30
N ARG A 59 9.33 -5.03 3.45
CA ARG A 59 9.78 -6.44 3.22
C ARG A 59 9.84 -6.76 1.72
N HIS A 60 8.88 -6.27 0.95
CA HIS A 60 8.89 -6.54 -0.53
C HIS A 60 9.74 -5.50 -1.26
N ALA A 61 9.57 -4.25 -0.94
CA ALA A 61 10.36 -3.18 -1.62
C ALA A 61 11.53 -2.74 -0.72
N PRO A 62 12.59 -2.28 -1.34
CA PRO A 62 13.79 -1.82 -0.59
C PRO A 62 13.49 -0.51 0.14
N GLY A 63 13.99 -0.37 1.35
CA GLY A 63 13.75 0.89 2.13
C GLY A 63 12.34 0.84 2.75
N ASP A 64 12.11 1.67 3.74
CA ASP A 64 10.76 1.69 4.40
C ASP A 64 9.91 2.81 3.80
N TYR A 65 8.62 2.57 3.66
CA TYR A 65 7.72 3.61 3.07
C TYR A 65 6.55 3.90 4.02
N THR A 66 5.82 4.97 3.78
CA THR A 66 4.67 5.31 4.69
C THR A 66 3.48 5.85 3.87
N PRO A 67 2.30 5.64 4.42
CA PRO A 67 1.05 6.11 3.78
C PRO A 67 0.62 7.47 4.37
N THR A 68 0.45 8.47 3.54
CA THR A 68 0.01 9.80 4.07
C THR A 68 -1.48 9.74 4.40
N VAL A 69 -1.81 9.43 5.64
CA VAL A 69 -3.25 9.29 6.03
C VAL A 69 -3.91 10.66 6.32
N LYS A 70 -5.13 10.82 5.86
CA LYS A 70 -5.89 12.08 6.11
C LYS A 70 -7.37 11.72 6.37
N PRO A 71 -7.78 11.89 7.62
CA PRO A 71 -9.17 11.55 8.01
C PRO A 71 -10.16 12.64 7.55
N SER A 72 -11.19 12.26 6.83
CA SER A 72 -12.20 13.26 6.36
C SER A 72 -13.12 13.65 7.51
N SER A 73 -13.59 12.68 8.26
CA SER A 73 -14.48 12.98 9.42
C SER A 73 -13.86 12.40 10.70
N LYS A 74 -14.62 12.31 11.76
CA LYS A 74 -14.07 11.76 13.03
C LYS A 74 -14.37 10.26 13.11
N GLY A 75 -13.35 9.44 13.15
CA GLY A 75 -13.54 7.95 13.23
C GLY A 75 -14.53 7.49 12.14
N ASN A 76 -14.54 8.13 10.99
CA ASN A 76 -15.48 7.71 9.90
C ASN A 76 -14.73 7.04 8.76
N TYR A 77 -13.88 7.76 8.06
CA TYR A 77 -13.12 7.16 6.92
C TYR A 77 -11.70 7.73 6.87
N HIS A 78 -10.73 6.88 6.64
CA HIS A 78 -9.31 7.36 6.58
C HIS A 78 -8.73 7.14 5.18
N SER A 79 -8.26 8.18 4.55
CA SER A 79 -7.66 8.03 3.18
C SER A 79 -6.14 8.21 3.28
N VAL A 80 -5.38 7.23 2.91
CA VAL A 80 -3.89 7.36 3.03
C VAL A 80 -3.21 7.10 1.69
N SER A 81 -2.06 7.70 1.47
CA SER A 81 -1.31 7.49 0.19
C SER A 81 0.06 6.88 0.51
N ILE A 82 0.23 5.62 0.24
CA ILE A 82 1.55 4.96 0.55
C ILE A 82 2.48 5.00 -0.66
N THR A 83 3.68 5.45 -0.46
CA THR A 83 4.68 5.49 -1.58
C THR A 83 5.36 4.12 -1.68
N ILE A 84 5.28 3.48 -2.82
CA ILE A 84 5.92 2.13 -2.96
C ILE A 84 6.84 2.07 -4.18
N ASN A 85 8.13 2.03 -3.96
CA ASN A 85 9.09 1.95 -5.11
C ASN A 85 9.37 0.48 -5.45
N ALA A 86 8.63 -0.07 -6.38
CA ALA A 86 8.84 -1.50 -6.75
C ALA A 86 9.25 -1.60 -8.23
N THR A 87 10.18 -2.47 -8.53
CA THR A 87 10.63 -2.63 -9.96
C THR A 87 9.58 -3.41 -10.77
N HIS A 88 8.62 -4.03 -10.11
CA HIS A 88 7.57 -4.80 -10.84
C HIS A 88 6.18 -4.38 -10.37
N ILE A 89 5.20 -4.43 -11.24
CA ILE A 89 3.81 -4.03 -10.85
C ILE A 89 3.17 -5.11 -9.95
N GLU A 90 3.66 -6.33 -10.00
CA GLU A 90 3.08 -7.41 -9.14
C GLU A 90 3.52 -7.25 -7.68
N GLN A 91 4.63 -6.58 -7.43
CA GLN A 91 5.11 -6.40 -6.03
C GLN A 91 4.20 -5.40 -5.29
N VAL A 92 3.95 -4.25 -5.87
CA VAL A 92 3.07 -3.25 -5.21
C VAL A 92 1.62 -3.79 -5.10
N GLU A 93 1.21 -4.60 -6.05
CA GLU A 93 -0.18 -5.16 -5.99
C GLU A 93 -0.28 -6.11 -4.77
N THR A 94 0.69 -6.97 -4.60
CA THR A 94 0.67 -7.90 -3.42
C THR A 94 0.74 -7.08 -2.13
N LEU A 95 1.47 -5.98 -2.15
CA LEU A 95 1.57 -5.11 -0.93
C LEU A 95 0.18 -4.59 -0.55
N TYR A 96 -0.61 -4.20 -1.53
CA TYR A 96 -1.99 -3.70 -1.23
C TYR A 96 -2.83 -4.84 -0.64
N GLU A 97 -2.68 -6.04 -1.17
CA GLU A 97 -3.46 -7.19 -0.62
C GLU A 97 -3.09 -7.44 0.84
N GLU A 98 -1.83 -7.29 1.18
CA GLU A 98 -1.40 -7.51 2.60
C GLU A 98 -1.91 -6.39 3.52
N LEU A 99 -1.69 -5.15 3.14
CA LEU A 99 -2.16 -4.01 3.99
C LEU A 99 -3.69 -3.88 3.90
N GLY A 100 -4.29 -4.29 2.81
CA GLY A 100 -5.77 -4.19 2.66
C GLY A 100 -6.40 -5.56 2.93
N LYS A 101 -5.88 -6.30 3.88
CA LYS A 101 -6.45 -7.65 4.20
C LYS A 101 -7.23 -7.61 5.52
N ILE A 102 -7.35 -6.45 6.14
CA ILE A 102 -8.11 -6.36 7.44
C ILE A 102 -9.59 -6.64 7.20
N ASP A 103 -10.30 -7.08 8.22
CA ASP A 103 -11.76 -7.36 8.05
C ASP A 103 -12.50 -6.06 7.69
N ILE A 104 -11.96 -4.93 8.05
CA ILE A 104 -12.61 -3.62 7.71
C ILE A 104 -12.45 -3.32 6.21
N VAL A 105 -13.22 -2.41 5.70
CA VAL A 105 -13.13 -2.07 4.24
C VAL A 105 -11.83 -1.30 3.94
N ARG A 106 -10.88 -1.96 3.31
CA ARG A 106 -9.59 -1.29 2.97
C ARG A 106 -9.37 -1.36 1.45
N MET A 107 -9.38 -0.23 0.78
CA MET A 107 -9.17 -0.23 -0.71
C MET A 107 -7.94 0.61 -1.07
N VAL A 108 -7.52 0.56 -2.31
CA VAL A 108 -6.33 1.36 -2.74
C VAL A 108 -6.57 2.00 -4.11
N LEU A 109 -5.88 3.09 -4.40
CA LEU A 109 -6.04 3.79 -5.71
C LEU A 109 -7.54 4.07 -5.99
N MET A 23 3.03 -11.37 -1.16
CA MET A 23 4.05 -11.53 -0.08
C MET A 23 5.38 -12.00 -0.66
N LYS A 24 6.25 -11.09 -1.01
CA LYS A 24 7.57 -11.48 -1.58
C LYS A 24 8.55 -10.30 -1.49
N THR A 25 9.70 -10.42 -2.12
CA THR A 25 10.69 -9.30 -2.07
C THR A 25 10.82 -8.65 -3.45
N LYS A 26 11.07 -9.43 -4.47
CA LYS A 26 11.20 -8.86 -5.85
C LYS A 26 10.66 -9.85 -6.88
N LEU A 27 10.30 -9.37 -8.04
CA LEU A 27 9.76 -10.28 -9.09
C LEU A 27 10.84 -10.58 -10.15
N ASN A 28 12.08 -10.25 -9.88
CA ASN A 28 13.20 -10.52 -10.84
C ASN A 28 13.02 -9.74 -12.15
N GLU A 29 12.17 -10.22 -13.04
CA GLU A 29 11.92 -9.52 -14.35
C GLU A 29 13.21 -9.47 -15.20
N LEU A 30 13.11 -8.95 -16.39
CA LEU A 30 14.32 -8.84 -17.28
C LEU A 30 14.92 -7.43 -17.19
N LEU A 31 14.09 -6.43 -17.01
CA LEU A 31 14.60 -5.03 -16.91
C LEU A 31 14.71 -4.61 -15.44
N GLU A 32 13.72 -4.97 -14.64
CA GLU A 32 13.73 -4.60 -13.19
C GLU A 32 13.81 -3.07 -13.02
N PHE A 33 12.84 -2.37 -13.54
CA PHE A 33 12.84 -0.88 -13.42
C PHE A 33 11.99 -0.46 -12.22
N PRO A 34 12.64 0.10 -11.23
CA PRO A 34 11.93 0.54 -10.00
C PRO A 34 11.05 1.77 -10.28
N THR A 35 9.76 1.63 -10.12
CA THR A 35 8.84 2.79 -10.38
C THR A 35 8.06 3.12 -9.09
N PRO A 36 7.85 4.40 -8.87
CA PRO A 36 7.12 4.86 -7.67
C PRO A 36 5.63 4.53 -7.75
N PHE A 37 5.11 3.84 -6.77
CA PHE A 37 3.66 3.49 -6.77
C PHE A 37 2.92 4.27 -5.69
N THR A 38 2.26 5.34 -6.06
CA THR A 38 1.48 6.14 -5.05
C THR A 38 0.17 5.41 -4.77
N TYR A 39 0.15 4.55 -3.77
CA TYR A 39 -1.10 3.78 -3.48
C TYR A 39 -1.86 4.42 -2.32
N LYS A 40 -2.98 5.05 -2.61
CA LYS A 40 -3.79 5.70 -1.54
C LYS A 40 -4.77 4.68 -0.94
N VAL A 41 -4.36 3.97 0.08
CA VAL A 41 -5.28 2.96 0.70
C VAL A 41 -6.22 3.66 1.69
N MET A 42 -7.48 3.73 1.35
CA MET A 42 -8.47 4.42 2.23
C MET A 42 -9.41 3.37 2.86
N GLY A 43 -10.02 3.71 3.98
CA GLY A 43 -10.95 2.74 4.64
C GLY A 43 -11.32 3.24 6.04
N GLN A 44 -11.86 2.38 6.86
CA GLN A 44 -12.24 2.80 8.25
C GLN A 44 -10.99 3.07 9.08
N ALA A 45 -11.08 3.96 10.04
CA ALA A 45 -9.89 4.29 10.89
C ALA A 45 -9.29 3.02 11.51
N LEU A 46 -8.12 2.64 11.09
CA LEU A 46 -7.47 1.41 11.62
C LEU A 46 -6.01 1.69 12.02
N PRO A 47 -5.66 1.31 13.22
CA PRO A 47 -4.27 1.52 13.72
C PRO A 47 -3.28 0.55 13.06
N GLU A 48 -3.77 -0.56 12.53
CA GLU A 48 -2.86 -1.54 11.87
C GLU A 48 -2.53 -1.11 10.42
N LEU A 49 -3.13 -0.05 9.94
CA LEU A 49 -2.84 0.40 8.54
C LEU A 49 -1.36 0.77 8.39
N VAL A 50 -0.87 1.71 9.17
CA VAL A 50 0.56 2.12 9.08
C VAL A 50 1.50 0.94 9.42
N ASP A 51 1.06 0.04 10.27
CA ASP A 51 1.93 -1.13 10.65
C ASP A 51 2.09 -2.09 9.46
N GLN A 52 0.99 -2.53 8.88
CA GLN A 52 1.07 -3.45 7.71
C GLN A 52 1.63 -2.72 6.49
N VAL A 53 1.29 -1.46 6.32
CA VAL A 53 1.81 -0.70 5.14
C VAL A 53 3.34 -0.61 5.19
N VAL A 54 3.91 -0.19 6.29
CA VAL A 54 5.39 -0.08 6.39
C VAL A 54 6.07 -1.46 6.34
N GLU A 55 5.42 -2.48 6.86
CA GLU A 55 6.04 -3.84 6.83
C GLU A 55 5.93 -4.45 5.41
N VAL A 56 4.75 -4.44 4.85
CA VAL A 56 4.57 -5.02 3.47
C VAL A 56 5.30 -4.17 2.42
N VAL A 57 5.42 -2.88 2.64
CA VAL A 57 6.14 -2.02 1.63
C VAL A 57 7.65 -2.21 1.75
N GLN A 58 8.18 -2.35 2.95
CA GLN A 58 9.66 -2.55 3.10
C GLN A 58 10.03 -3.99 2.67
N ARG A 59 9.08 -4.90 2.71
CA ARG A 59 9.38 -6.31 2.30
C ARG A 59 9.65 -6.38 0.79
N HIS A 60 8.79 -5.79 -0.02
CA HIS A 60 9.00 -5.81 -1.50
C HIS A 60 9.93 -4.68 -1.93
N ALA A 61 9.72 -3.49 -1.43
CA ALA A 61 10.61 -2.35 -1.81
C ALA A 61 11.95 -2.44 -1.07
N PRO A 62 12.98 -1.88 -1.65
CA PRO A 62 14.33 -1.91 -1.04
C PRO A 62 14.39 -1.05 0.24
N GLY A 63 13.68 0.05 0.26
CA GLY A 63 13.70 0.93 1.47
C GLY A 63 12.37 0.84 2.23
N ASP A 64 12.23 1.57 3.30
CA ASP A 64 10.95 1.55 4.09
C ASP A 64 10.07 2.73 3.66
N TYR A 65 8.77 2.56 3.72
CA TYR A 65 7.86 3.67 3.31
C TYR A 65 6.71 3.85 4.30
N THR A 66 5.92 4.88 4.14
CA THR A 66 4.79 5.13 5.07
C THR A 66 3.56 5.67 4.31
N PRO A 67 2.41 5.47 4.90
CA PRO A 67 1.13 5.94 4.30
C PRO A 67 0.76 7.32 4.87
N THR A 68 0.61 8.32 4.03
CA THR A 68 0.23 9.68 4.54
C THR A 68 -1.29 9.73 4.79
N VAL A 69 -1.69 9.61 6.04
CA VAL A 69 -3.16 9.64 6.36
C VAL A 69 -3.73 11.07 6.29
N LYS A 70 -4.93 11.20 5.78
CA LYS A 70 -5.59 12.53 5.70
C LYS A 70 -7.09 12.39 5.99
N PRO A 71 -7.65 13.44 6.54
CA PRO A 71 -9.10 13.43 6.88
C PRO A 71 -9.96 13.61 5.62
N SER A 72 -10.30 12.52 4.97
CA SER A 72 -11.12 12.62 3.73
C SER A 72 -12.61 12.45 4.09
N SER A 73 -12.93 11.50 4.92
CA SER A 73 -14.35 11.28 5.33
C SER A 73 -14.54 11.61 6.82
N LYS A 74 -15.75 11.83 7.24
CA LYS A 74 -15.99 12.17 8.68
C LYS A 74 -16.40 10.91 9.46
N GLY A 75 -16.23 10.92 10.76
CA GLY A 75 -16.61 9.74 11.58
C GLY A 75 -15.38 8.83 11.77
N ASN A 76 -15.57 7.53 11.67
CA ASN A 76 -14.42 6.60 11.84
C ASN A 76 -13.87 6.18 10.47
N TYR A 77 -13.29 7.11 9.75
CA TYR A 77 -12.74 6.78 8.41
C TYR A 77 -11.47 7.60 8.14
N HIS A 78 -10.47 6.99 7.55
CA HIS A 78 -9.20 7.73 7.26
C HIS A 78 -8.63 7.28 5.90
N SER A 79 -8.00 8.18 5.19
CA SER A 79 -7.41 7.82 3.86
C SER A 79 -5.90 8.05 3.88
N VAL A 80 -5.12 7.00 3.77
CA VAL A 80 -3.64 7.17 3.80
C VAL A 80 -3.01 6.80 2.45
N SER A 81 -1.95 7.47 2.08
CA SER A 81 -1.27 7.17 0.79
C SER A 81 0.12 6.58 1.06
N ILE A 82 0.32 5.33 0.76
CA ILE A 82 1.65 4.71 1.03
C ILE A 82 2.55 4.79 -0.20
N THR A 83 3.75 5.26 0.00
CA THR A 83 4.73 5.36 -1.14
C THR A 83 5.39 4.00 -1.36
N ILE A 84 5.56 3.58 -2.58
CA ILE A 84 6.18 2.24 -2.83
C ILE A 84 7.19 2.31 -3.98
N ASN A 85 8.30 1.64 -3.83
CA ASN A 85 9.34 1.63 -4.91
C ASN A 85 9.53 0.20 -5.42
N ALA A 86 8.54 -0.33 -6.10
CA ALA A 86 8.66 -1.72 -6.62
C ALA A 86 9.04 -1.70 -8.10
N THR A 87 9.97 -2.55 -8.50
CA THR A 87 10.40 -2.59 -9.93
C THR A 87 9.32 -3.25 -10.80
N HIS A 88 8.35 -3.91 -10.20
CA HIS A 88 7.28 -4.58 -10.99
C HIS A 88 5.88 -4.19 -10.47
N ILE A 89 4.88 -4.31 -11.30
CA ILE A 89 3.49 -3.96 -10.86
C ILE A 89 2.94 -5.04 -9.92
N GLU A 90 3.43 -6.24 -10.02
CA GLU A 90 2.93 -7.34 -9.14
C GLU A 90 3.41 -7.12 -7.70
N GLN A 91 4.57 -6.52 -7.53
CA GLN A 91 5.10 -6.27 -6.15
C GLN A 91 4.15 -5.32 -5.40
N VAL A 92 3.84 -4.18 -5.98
CA VAL A 92 2.92 -3.22 -5.29
C VAL A 92 1.49 -3.81 -5.25
N GLU A 93 1.14 -4.65 -6.19
CA GLU A 93 -0.22 -5.27 -6.19
C GLU A 93 -0.40 -6.09 -4.91
N THR A 94 0.52 -6.98 -4.62
CA THR A 94 0.42 -7.80 -3.37
C THR A 94 0.52 -6.86 -2.16
N LEU A 95 1.33 -5.83 -2.25
CA LEU A 95 1.46 -4.87 -1.11
C LEU A 95 0.08 -4.28 -0.77
N TYR A 96 -0.70 -3.94 -1.77
CA TYR A 96 -2.06 -3.39 -1.51
C TYR A 96 -2.93 -4.49 -0.85
N GLU A 97 -2.87 -5.70 -1.35
CA GLU A 97 -3.68 -6.81 -0.75
C GLU A 97 -3.20 -7.11 0.68
N GLU A 98 -1.92 -6.97 0.94
CA GLU A 98 -1.39 -7.25 2.32
C GLU A 98 -1.86 -6.18 3.30
N LEU A 99 -1.61 -4.92 3.02
CA LEU A 99 -2.06 -3.83 3.94
C LEU A 99 -3.58 -3.66 3.86
N GLY A 100 -4.18 -4.03 2.76
CA GLY A 100 -5.67 -3.89 2.61
C GLY A 100 -6.32 -5.27 2.77
N LYS A 101 -5.89 -6.03 3.74
CA LYS A 101 -6.49 -7.39 3.96
C LYS A 101 -7.41 -7.39 5.20
N ILE A 102 -7.60 -6.25 5.82
CA ILE A 102 -8.48 -6.19 7.04
C ILE A 102 -9.93 -6.52 6.67
N ASP A 103 -10.64 -7.19 7.55
CA ASP A 103 -12.07 -7.53 7.25
C ASP A 103 -12.92 -6.26 7.20
N ILE A 104 -12.45 -5.18 7.79
CA ILE A 104 -13.23 -3.90 7.76
C ILE A 104 -13.21 -3.30 6.35
N VAL A 105 -14.00 -2.29 6.10
CA VAL A 105 -14.04 -1.67 4.74
C VAL A 105 -12.67 -1.09 4.37
N ARG A 106 -12.02 -1.66 3.40
CA ARG A 106 -10.68 -1.16 2.96
C ARG A 106 -10.72 -0.77 1.47
N MET A 107 -9.77 0.02 1.02
CA MET A 107 -9.73 0.44 -0.41
C MET A 107 -8.31 0.86 -0.79
N VAL A 108 -7.99 0.88 -2.06
CA VAL A 108 -6.62 1.29 -2.50
C VAL A 108 -6.69 2.28 -3.67
N LEU A 109 -5.76 3.20 -3.73
CA LEU A 109 -5.74 4.22 -4.83
C LEU A 109 -7.10 4.94 -4.92
N MET A 23 -1.74 -12.81 -5.02
CA MET A 23 -1.33 -13.15 -6.42
C MET A 23 0.19 -13.38 -6.52
N LYS A 24 0.73 -13.31 -7.72
CA LYS A 24 2.20 -13.52 -7.92
C LYS A 24 2.95 -12.19 -7.87
N THR A 25 4.25 -12.23 -7.85
CA THR A 25 5.06 -10.97 -7.81
C THR A 25 6.15 -10.98 -8.89
N LYS A 26 6.95 -12.03 -8.95
CA LYS A 26 8.05 -12.14 -9.98
C LYS A 26 8.65 -10.75 -10.29
N LEU A 27 9.34 -10.17 -9.34
CA LEU A 27 9.95 -8.81 -9.55
C LEU A 27 11.09 -8.89 -10.57
N ASN A 28 11.33 -7.81 -11.27
CA ASN A 28 12.45 -7.77 -12.27
C ASN A 28 12.36 -8.96 -13.24
N GLU A 29 11.29 -9.05 -13.98
CA GLU A 29 11.13 -10.17 -14.96
C GLU A 29 10.77 -9.62 -16.34
N LEU A 30 9.69 -8.88 -16.43
CA LEU A 30 9.26 -8.32 -17.74
C LEU A 30 9.45 -6.79 -17.76
N LEU A 31 9.23 -6.14 -16.64
CA LEU A 31 9.39 -4.65 -16.59
C LEU A 31 10.78 -4.29 -16.04
N GLU A 32 11.12 -4.78 -14.86
CA GLU A 32 12.45 -4.47 -14.26
C GLU A 32 12.69 -2.95 -14.18
N PHE A 33 11.64 -2.19 -13.96
CA PHE A 33 11.79 -0.71 -13.87
C PHE A 33 11.27 -0.22 -12.51
N PRO A 34 12.18 0.29 -11.71
CA PRO A 34 11.81 0.80 -10.35
C PRO A 34 10.97 2.07 -10.46
N THR A 35 9.71 1.98 -10.16
CA THR A 35 8.82 3.19 -10.25
C THR A 35 8.03 3.38 -8.95
N PRO A 36 7.86 4.62 -8.56
CA PRO A 36 7.11 4.94 -7.32
C PRO A 36 5.61 4.69 -7.53
N PHE A 37 4.98 3.96 -6.64
CA PHE A 37 3.52 3.67 -6.78
C PHE A 37 2.73 4.45 -5.73
N THR A 38 2.13 5.55 -6.12
CA THR A 38 1.32 6.34 -5.15
C THR A 38 0.00 5.59 -4.89
N TYR A 39 -0.03 4.76 -3.88
CA TYR A 39 -1.27 3.97 -3.60
C TYR A 39 -2.03 4.58 -2.43
N LYS A 40 -3.11 5.27 -2.70
CA LYS A 40 -3.91 5.89 -1.60
C LYS A 40 -4.80 4.81 -0.95
N VAL A 41 -4.31 4.20 0.10
CA VAL A 41 -5.11 3.15 0.79
C VAL A 41 -6.19 3.82 1.65
N MET A 42 -7.38 3.96 1.12
CA MET A 42 -8.48 4.61 1.89
C MET A 42 -9.38 3.56 2.53
N GLY A 43 -10.03 3.92 3.62
CA GLY A 43 -10.93 2.94 4.30
C GLY A 43 -11.34 3.47 5.67
N GLN A 44 -11.62 2.60 6.60
CA GLN A 44 -12.03 3.07 7.97
C GLN A 44 -10.79 3.51 8.76
N ALA A 45 -11.00 4.12 9.91
CA ALA A 45 -9.85 4.56 10.74
C ALA A 45 -9.26 3.37 11.50
N LEU A 46 -8.15 2.84 11.01
CA LEU A 46 -7.53 1.66 11.69
C LEU A 46 -6.02 1.91 11.91
N PRO A 47 -5.55 1.56 13.08
CA PRO A 47 -4.12 1.73 13.42
C PRO A 47 -3.25 0.70 12.68
N GLU A 48 -3.84 -0.39 12.23
CA GLU A 48 -3.05 -1.43 11.50
C GLU A 48 -2.65 -0.95 10.09
N LEU A 49 -3.25 0.13 9.62
CA LEU A 49 -2.90 0.63 8.25
C LEU A 49 -1.40 0.93 8.14
N VAL A 50 -0.91 1.88 8.91
CA VAL A 50 0.56 2.22 8.86
C VAL A 50 1.41 1.00 9.25
N ASP A 51 0.92 0.15 10.12
CA ASP A 51 1.71 -1.05 10.54
C ASP A 51 1.95 -1.99 9.34
N GLN A 52 0.90 -2.52 8.77
CA GLN A 52 1.06 -3.43 7.59
C GLN A 52 1.66 -2.68 6.40
N VAL A 53 1.37 -1.41 6.25
CA VAL A 53 1.93 -0.62 5.11
C VAL A 53 3.46 -0.64 5.15
N VAL A 54 4.05 -0.20 6.24
CA VAL A 54 5.55 -0.17 6.33
C VAL A 54 6.14 -1.60 6.39
N GLU A 55 5.41 -2.56 6.90
CA GLU A 55 5.93 -3.96 6.97
C GLU A 55 5.89 -4.64 5.59
N VAL A 56 4.73 -4.68 4.99
CA VAL A 56 4.62 -5.33 3.64
C VAL A 56 5.37 -4.54 2.56
N VAL A 57 5.56 -3.25 2.75
CA VAL A 57 6.29 -2.44 1.72
C VAL A 57 7.82 -2.58 1.91
N GLN A 58 8.29 -2.68 3.13
CA GLN A 58 9.76 -2.82 3.35
C GLN A 58 10.21 -4.25 3.03
N ARG A 59 9.32 -5.22 3.15
CA ARG A 59 9.70 -6.64 2.85
C ARG A 59 9.78 -6.86 1.32
N HIS A 60 8.88 -6.28 0.57
CA HIS A 60 8.90 -6.47 -0.92
C HIS A 60 9.75 -5.38 -1.59
N ALA A 61 9.57 -4.14 -1.19
CA ALA A 61 10.36 -3.03 -1.79
C ALA A 61 11.54 -2.66 -0.88
N PRO A 62 12.59 -2.17 -1.50
CA PRO A 62 13.81 -1.79 -0.72
C PRO A 62 13.53 -0.50 0.07
N GLY A 63 14.03 -0.43 1.28
CA GLY A 63 13.81 0.78 2.13
C GLY A 63 12.41 0.69 2.78
N ASP A 64 12.18 1.50 3.78
CA ASP A 64 10.84 1.48 4.46
C ASP A 64 9.97 2.63 3.95
N TYR A 65 8.70 2.37 3.74
CA TYR A 65 7.79 3.45 3.23
C TYR A 65 6.66 3.72 4.24
N THR A 66 5.90 4.76 4.02
CA THR A 66 4.79 5.10 4.97
C THR A 66 3.56 5.62 4.21
N PRO A 67 2.41 5.44 4.83
CA PRO A 67 1.12 5.91 4.25
C PRO A 67 0.75 7.27 4.84
N THR A 68 0.59 8.28 4.01
CA THR A 68 0.22 9.64 4.52
C THR A 68 -1.30 9.67 4.83
N VAL A 69 -1.67 9.48 6.07
CA VAL A 69 -3.13 9.48 6.43
C VAL A 69 -3.69 10.91 6.48
N LYS A 70 -4.89 11.09 5.98
CA LYS A 70 -5.53 12.44 6.00
C LYS A 70 -7.04 12.30 6.27
N PRO A 71 -7.61 13.33 6.86
CA PRO A 71 -9.06 13.32 7.17
C PRO A 71 -9.89 13.58 5.90
N SER A 72 -10.11 12.56 5.11
CA SER A 72 -10.91 12.73 3.86
C SER A 72 -12.38 12.48 4.15
N SER A 73 -12.70 11.41 4.84
CA SER A 73 -14.13 11.10 5.17
C SER A 73 -14.43 11.48 6.63
N LYS A 74 -15.70 11.53 6.98
CA LYS A 74 -16.07 11.89 8.38
C LYS A 74 -16.43 10.64 9.18
N GLY A 75 -16.39 10.72 10.49
CA GLY A 75 -16.73 9.54 11.34
C GLY A 75 -15.48 8.68 11.56
N ASN A 76 -15.61 7.39 11.46
CA ASN A 76 -14.43 6.50 11.66
C ASN A 76 -13.84 6.08 10.30
N TYR A 77 -13.33 7.04 9.56
CA TYR A 77 -12.74 6.71 8.21
C TYR A 77 -11.45 7.51 7.99
N HIS A 78 -10.45 6.89 7.42
CA HIS A 78 -9.15 7.59 7.17
C HIS A 78 -8.62 7.25 5.78
N SER A 79 -8.03 8.20 5.11
CA SER A 79 -7.47 7.94 3.75
C SER A 79 -5.95 8.15 3.78
N VAL A 80 -5.19 7.08 3.70
CA VAL A 80 -3.70 7.22 3.74
C VAL A 80 -3.09 6.93 2.36
N SER A 81 -1.98 7.56 2.05
CA SER A 81 -1.31 7.33 0.74
C SER A 81 0.04 6.67 0.99
N ILE A 82 0.19 5.41 0.63
CA ILE A 82 1.49 4.71 0.89
C ILE A 82 2.42 4.82 -0.33
N THR A 83 3.64 5.20 -0.08
CA THR A 83 4.64 5.31 -1.19
C THR A 83 5.28 3.93 -1.41
N ILE A 84 5.33 3.45 -2.63
CA ILE A 84 5.93 2.10 -2.86
C ILE A 84 6.78 2.09 -4.15
N ASN A 85 8.08 2.20 -4.01
CA ASN A 85 8.96 2.17 -5.21
C ASN A 85 9.26 0.71 -5.57
N ALA A 86 8.53 0.17 -6.52
CA ALA A 86 8.74 -1.25 -6.91
C ALA A 86 9.16 -1.37 -8.38
N THR A 87 10.11 -2.24 -8.67
CA THR A 87 10.56 -2.43 -10.08
C THR A 87 9.51 -3.22 -10.88
N HIS A 88 8.52 -3.76 -10.20
CA HIS A 88 7.46 -4.54 -10.91
C HIS A 88 6.07 -4.05 -10.50
N ILE A 89 5.08 -4.29 -11.32
CA ILE A 89 3.68 -3.84 -10.99
C ILE A 89 2.99 -4.84 -10.05
N GLU A 90 3.43 -6.09 -10.04
CA GLU A 90 2.78 -7.10 -9.16
C GLU A 90 3.24 -6.93 -7.71
N GLN A 91 4.46 -6.46 -7.49
CA GLN A 91 4.95 -6.28 -6.09
C GLN A 91 4.08 -5.27 -5.34
N VAL A 92 3.74 -4.17 -5.97
CA VAL A 92 2.87 -3.15 -5.29
C VAL A 92 1.43 -3.69 -5.17
N GLU A 93 1.01 -4.52 -6.09
CA GLU A 93 -0.38 -5.08 -6.02
C GLU A 93 -0.51 -5.98 -4.78
N THR A 94 0.45 -6.86 -4.59
CA THR A 94 0.42 -7.76 -3.39
C THR A 94 0.56 -6.91 -2.12
N LEU A 95 1.35 -5.86 -2.18
CA LEU A 95 1.53 -4.98 -0.98
C LEU A 95 0.18 -4.36 -0.58
N TYR A 96 -0.64 -4.00 -1.56
CA TYR A 96 -1.97 -3.41 -1.24
C TYR A 96 -2.88 -4.47 -0.59
N GLU A 97 -3.02 -5.61 -1.21
CA GLU A 97 -3.89 -6.68 -0.62
C GLU A 97 -3.32 -7.15 0.74
N GLU A 98 -2.04 -7.07 0.94
CA GLU A 98 -1.43 -7.50 2.23
C GLU A 98 -1.80 -6.50 3.34
N LEU A 99 -1.63 -5.22 3.08
CA LEU A 99 -1.99 -4.20 4.12
C LEU A 99 -3.52 -4.00 4.17
N GLY A 100 -4.20 -4.23 3.07
CA GLY A 100 -5.68 -4.07 3.06
C GLY A 100 -6.35 -5.44 3.11
N LYS A 101 -5.89 -6.31 3.97
CA LYS A 101 -6.50 -7.67 4.08
C LYS A 101 -7.40 -7.77 5.33
N ILE A 102 -7.57 -6.69 6.05
CA ILE A 102 -8.43 -6.73 7.27
C ILE A 102 -9.91 -6.80 6.86
N ASP A 103 -10.75 -7.33 7.73
CA ASP A 103 -12.21 -7.42 7.40
C ASP A 103 -12.84 -6.02 7.32
N ILE A 104 -12.20 -5.02 7.89
CA ILE A 104 -12.73 -3.62 7.84
C ILE A 104 -12.62 -3.07 6.41
N VAL A 105 -13.23 -1.95 6.14
CA VAL A 105 -13.16 -1.35 4.76
C VAL A 105 -11.72 -0.99 4.40
N ARG A 106 -11.10 -1.79 3.56
CA ARG A 106 -9.68 -1.53 3.15
C ARG A 106 -9.61 -1.38 1.63
N MET A 107 -9.31 -0.20 1.14
CA MET A 107 -9.23 0.01 -0.34
C MET A 107 -7.98 0.82 -0.70
N VAL A 108 -7.62 0.86 -1.96
CA VAL A 108 -6.41 1.65 -2.38
C VAL A 108 -6.68 2.40 -3.69
N LEU A 109 -5.94 3.45 -3.94
CA LEU A 109 -6.12 4.25 -5.19
C LEU A 109 -7.61 4.66 -5.36
N MET A 23 -3.46 -1.61 -7.60
CA MET A 23 -4.42 -2.38 -8.45
C MET A 23 -3.96 -2.41 -9.91
N LYS A 24 -4.72 -3.06 -10.77
CA LYS A 24 -4.35 -3.17 -12.22
C LYS A 24 -3.07 -3.97 -12.40
N THR A 25 -3.19 -5.19 -12.89
CA THR A 25 -1.98 -6.04 -13.10
C THR A 25 -1.54 -5.97 -14.56
N LYS A 26 -0.26 -5.91 -14.80
CA LYS A 26 0.26 -5.84 -16.21
C LYS A 26 1.47 -6.75 -16.39
N LEU A 27 1.44 -7.61 -17.39
CA LEU A 27 2.57 -8.55 -17.66
C LEU A 27 2.88 -9.41 -16.42
N ASN A 28 3.95 -10.16 -16.47
CA ASN A 28 4.32 -11.03 -15.31
C ASN A 28 5.82 -10.93 -15.03
N GLU A 29 6.24 -9.87 -14.38
CA GLU A 29 7.69 -9.69 -14.05
C GLU A 29 8.56 -9.86 -15.31
N LEU A 30 8.32 -9.06 -16.32
CA LEU A 30 9.14 -9.16 -17.58
C LEU A 30 9.98 -7.90 -17.76
N LEU A 31 9.41 -6.73 -17.55
CA LEU A 31 10.18 -5.46 -17.71
C LEU A 31 11.01 -5.20 -16.45
N GLU A 32 10.39 -5.30 -15.30
CA GLU A 32 11.12 -5.06 -14.00
C GLU A 32 11.67 -3.63 -13.93
N PHE A 33 10.84 -2.65 -14.21
CA PHE A 33 11.31 -1.23 -14.13
C PHE A 33 10.92 -0.65 -12.77
N PRO A 34 11.92 -0.27 -12.01
CA PRO A 34 11.67 0.28 -10.65
C PRO A 34 10.98 1.65 -10.73
N THR A 35 9.71 1.70 -10.42
CA THR A 35 8.96 2.99 -10.48
C THR A 35 8.20 3.22 -9.16
N PRO A 36 8.08 4.47 -8.79
CA PRO A 36 7.37 4.84 -7.53
C PRO A 36 5.86 4.66 -7.71
N PHE A 37 5.25 3.87 -6.86
CA PHE A 37 3.77 3.64 -6.97
C PHE A 37 3.02 4.42 -5.88
N THR A 38 2.48 5.56 -6.22
CA THR A 38 1.71 6.35 -5.20
C THR A 38 0.35 5.67 -5.00
N TYR A 39 0.25 4.81 -4.03
CA TYR A 39 -1.04 4.08 -3.81
C TYR A 39 -1.83 4.68 -2.64
N LYS A 40 -2.92 5.33 -2.93
CA LYS A 40 -3.75 5.92 -1.84
C LYS A 40 -4.65 4.85 -1.23
N VAL A 41 -4.17 4.17 -0.21
CA VAL A 41 -4.97 3.09 0.43
C VAL A 41 -6.03 3.71 1.36
N MET A 42 -7.24 3.86 0.88
CA MET A 42 -8.33 4.45 1.72
C MET A 42 -9.25 3.35 2.24
N GLY A 43 -9.81 3.53 3.41
CA GLY A 43 -10.73 2.48 3.97
C GLY A 43 -10.99 2.76 5.46
N GLN A 44 -11.07 1.73 6.26
CA GLN A 44 -11.33 1.92 7.72
C GLN A 44 -10.15 2.64 8.39
N ALA A 45 -10.40 3.34 9.48
CA ALA A 45 -9.29 4.06 10.17
C ALA A 45 -8.76 3.22 11.34
N LEU A 46 -7.66 2.54 11.13
CA LEU A 46 -7.07 1.69 12.22
C LEU A 46 -5.58 2.02 12.42
N PRO A 47 -5.10 1.75 13.61
CA PRO A 47 -3.67 2.01 13.94
C PRO A 47 -2.74 1.01 13.24
N GLU A 48 -3.22 -0.15 12.90
CA GLU A 48 -2.36 -1.16 12.21
C GLU A 48 -2.13 -0.79 10.73
N LEU A 49 -2.78 0.25 10.24
CA LEU A 49 -2.59 0.65 8.81
C LEU A 49 -1.12 1.01 8.55
N VAL A 50 -0.59 1.95 9.30
CA VAL A 50 0.84 2.36 9.11
C VAL A 50 1.79 1.22 9.49
N ASP A 51 1.39 0.37 10.42
CA ASP A 51 2.27 -0.77 10.83
C ASP A 51 2.43 -1.77 9.67
N GLN A 52 1.34 -2.24 9.12
CA GLN A 52 1.43 -3.22 7.98
C GLN A 52 1.99 -2.52 6.74
N VAL A 53 1.68 -1.26 6.54
CA VAL A 53 2.21 -0.54 5.34
C VAL A 53 3.75 -0.58 5.33
N VAL A 54 4.38 -0.12 6.39
CA VAL A 54 5.88 -0.13 6.43
C VAL A 54 6.43 -1.57 6.47
N GLU A 55 5.73 -2.48 7.10
CA GLU A 55 6.23 -3.89 7.17
C GLU A 55 6.09 -4.59 5.81
N VAL A 56 4.89 -4.60 5.26
CA VAL A 56 4.69 -5.28 3.93
C VAL A 56 5.43 -4.55 2.81
N VAL A 57 5.61 -3.25 2.91
CA VAL A 57 6.35 -2.50 1.84
C VAL A 57 7.87 -2.72 1.98
N GLN A 58 8.35 -2.91 3.19
CA GLN A 58 9.82 -3.15 3.37
C GLN A 58 10.19 -4.56 2.89
N ARG A 59 9.34 -5.53 3.16
CA ARG A 59 9.64 -6.93 2.72
C ARG A 59 9.63 -7.06 1.18
N HIS A 60 8.91 -6.19 0.50
CA HIS A 60 8.86 -6.28 -0.99
C HIS A 60 9.76 -5.21 -1.63
N ALA A 61 9.67 -3.99 -1.15
CA ALA A 61 10.51 -2.89 -1.72
C ALA A 61 11.64 -2.53 -0.75
N PRO A 62 12.75 -2.09 -1.31
CA PRO A 62 13.92 -1.71 -0.47
C PRO A 62 13.65 -0.40 0.27
N GLY A 63 14.11 -0.29 1.49
CA GLY A 63 13.89 0.94 2.29
C GLY A 63 12.50 0.90 2.94
N ASP A 64 12.32 1.62 4.02
CA ASP A 64 11.00 1.63 4.71
C ASP A 64 10.11 2.75 4.13
N TYR A 65 8.84 2.47 3.96
CA TYR A 65 7.91 3.51 3.40
C TYR A 65 6.77 3.79 4.38
N THR A 66 6.00 4.83 4.13
CA THR A 66 4.88 5.16 5.06
C THR A 66 3.64 5.66 4.28
N PRO A 67 2.49 5.46 4.88
CA PRO A 67 1.21 5.90 4.28
C PRO A 67 0.80 7.28 4.84
N THR A 68 0.57 8.25 3.98
CA THR A 68 0.15 9.60 4.47
C THR A 68 -1.36 9.61 4.73
N VAL A 69 -1.77 9.35 5.96
CA VAL A 69 -3.23 9.32 6.28
C VAL A 69 -3.83 10.72 6.37
N LYS A 70 -5.03 10.90 5.90
CA LYS A 70 -5.72 12.23 5.96
C LYS A 70 -7.21 12.04 6.24
N PRO A 71 -7.79 13.01 6.91
CA PRO A 71 -9.23 12.94 7.25
C PRO A 71 -10.09 13.24 6.02
N SER A 72 -10.35 12.23 5.22
CA SER A 72 -11.17 12.43 3.99
C SER A 72 -12.66 12.17 4.31
N SER A 73 -12.95 11.10 4.99
CA SER A 73 -14.36 10.78 5.36
C SER A 73 -14.57 10.95 6.86
N LYS A 74 -15.81 11.03 7.28
CA LYS A 74 -16.10 11.20 8.75
C LYS A 74 -16.41 9.84 9.38
N GLY A 75 -16.26 9.74 10.68
CA GLY A 75 -16.55 8.44 11.37
C GLY A 75 -15.25 7.64 11.49
N ASN A 76 -15.31 6.36 11.21
CA ASN A 76 -14.09 5.50 11.32
C ASN A 76 -13.52 5.22 9.92
N TYR A 77 -13.20 6.25 9.18
CA TYR A 77 -12.64 6.05 7.80
C TYR A 77 -11.44 6.99 7.58
N HIS A 78 -10.34 6.45 7.11
CA HIS A 78 -9.13 7.29 6.88
C HIS A 78 -8.54 7.00 5.48
N SER A 79 -8.10 8.02 4.80
CA SER A 79 -7.50 7.81 3.45
C SER A 79 -5.98 8.03 3.54
N VAL A 80 -5.21 6.98 3.41
CA VAL A 80 -3.73 7.14 3.51
C VAL A 80 -3.07 6.92 2.14
N SER A 81 -1.94 7.52 1.91
CA SER A 81 -1.22 7.33 0.61
C SER A 81 0.13 6.66 0.89
N ILE A 82 0.30 5.43 0.48
CA ILE A 82 1.59 4.72 0.77
C ILE A 82 2.59 4.90 -0.38
N THR A 83 3.78 5.33 -0.06
CA THR A 83 4.83 5.51 -1.10
C THR A 83 5.64 4.22 -1.23
N ILE A 84 6.00 3.84 -2.43
CA ILE A 84 6.78 2.58 -2.60
C ILE A 84 7.47 2.54 -3.97
N ASN A 85 8.68 2.03 -4.02
CA ASN A 85 9.41 1.93 -5.32
C ASN A 85 9.46 0.47 -5.77
N ALA A 86 8.45 0.01 -6.48
CA ALA A 86 8.43 -1.40 -6.94
C ALA A 86 8.70 -1.48 -8.44
N THR A 87 9.51 -2.42 -8.85
CA THR A 87 9.83 -2.56 -10.32
C THR A 87 8.58 -3.02 -11.09
N HIS A 88 7.64 -3.64 -10.44
CA HIS A 88 6.41 -4.11 -11.14
C HIS A 88 5.15 -3.69 -10.36
N ILE A 89 4.03 -3.61 -11.02
CA ILE A 89 2.77 -3.22 -10.32
C ILE A 89 2.23 -4.40 -9.47
N GLU A 90 2.66 -5.60 -9.76
CA GLU A 90 2.18 -6.78 -8.97
C GLU A 90 2.70 -6.72 -7.53
N GLN A 91 3.91 -6.22 -7.34
CA GLN A 91 4.48 -6.12 -5.96
C GLN A 91 3.67 -5.12 -5.11
N VAL A 92 3.41 -3.95 -5.64
CA VAL A 92 2.62 -2.95 -4.86
C VAL A 92 1.15 -3.39 -4.75
N GLU A 93 0.67 -4.19 -5.68
CA GLU A 93 -0.75 -4.67 -5.60
C GLU A 93 -0.91 -5.62 -4.41
N THR A 94 -0.05 -6.61 -4.31
CA THR A 94 -0.14 -7.56 -3.15
C THR A 94 0.07 -6.78 -1.85
N LEU A 95 0.98 -5.84 -1.85
CA LEU A 95 1.22 -5.01 -0.62
C LEU A 95 -0.06 -4.27 -0.24
N TYR A 96 -0.81 -3.79 -1.21
CA TYR A 96 -2.09 -3.09 -0.91
C TYR A 96 -3.04 -4.06 -0.18
N GLU A 97 -3.13 -5.28 -0.67
CA GLU A 97 -4.02 -6.28 -0.01
C GLU A 97 -3.45 -6.68 1.36
N GLU A 98 -2.15 -6.71 1.50
CA GLU A 98 -1.53 -7.09 2.81
C GLU A 98 -1.87 -6.04 3.86
N LEU A 99 -1.68 -4.77 3.56
CA LEU A 99 -2.02 -3.70 4.55
C LEU A 99 -3.54 -3.46 4.54
N GLY A 100 -4.19 -3.73 3.43
CA GLY A 100 -5.66 -3.53 3.34
C GLY A 100 -6.37 -4.88 3.38
N LYS A 101 -6.13 -5.66 4.41
CA LYS A 101 -6.77 -7.00 4.53
C LYS A 101 -7.87 -6.97 5.61
N ILE A 102 -8.14 -5.82 6.17
CA ILE A 102 -9.19 -5.71 7.24
C ILE A 102 -10.55 -6.16 6.67
N ASP A 103 -11.44 -6.60 7.52
CA ASP A 103 -12.79 -7.05 7.04
C ASP A 103 -13.74 -5.86 6.80
N ILE A 104 -13.32 -4.66 7.11
CA ILE A 104 -14.21 -3.47 6.91
C ILE A 104 -14.09 -2.97 5.45
N VAL A 105 -13.40 -1.87 5.21
CA VAL A 105 -13.27 -1.37 3.81
C VAL A 105 -11.78 -1.22 3.43
N ARG A 106 -11.35 -1.93 2.43
CA ARG A 106 -9.91 -1.82 2.01
C ARG A 106 -9.85 -1.41 0.53
N MET A 107 -9.35 -0.23 0.25
CA MET A 107 -9.26 0.24 -1.16
C MET A 107 -7.94 0.97 -1.39
N VAL A 108 -7.48 1.05 -2.63
CA VAL A 108 -6.19 1.76 -2.91
C VAL A 108 -6.28 2.54 -4.24
N LEU A 109 -5.51 3.60 -4.36
CA LEU A 109 -5.53 4.43 -5.60
C LEU A 109 -6.93 5.01 -5.85
N MET A 23 -2.07 -4.57 -15.05
CA MET A 23 -1.98 -4.66 -13.57
C MET A 23 -2.12 -6.11 -13.12
N LYS A 24 -1.09 -6.66 -12.51
CA LYS A 24 -1.15 -8.07 -12.04
C LYS A 24 -1.18 -8.11 -10.51
N THR A 25 -2.18 -8.73 -9.94
CA THR A 25 -2.26 -8.79 -8.44
C THR A 25 -1.16 -9.72 -7.90
N LYS A 26 -1.06 -10.92 -8.43
CA LYS A 26 -0.02 -11.87 -7.96
C LYS A 26 0.61 -12.60 -9.17
N LEU A 27 0.66 -11.96 -10.30
CA LEU A 27 1.26 -12.60 -11.51
C LEU A 27 2.58 -11.91 -11.89
N ASN A 28 3.54 -12.67 -12.33
CA ASN A 28 4.86 -12.07 -12.72
C ASN A 28 4.74 -11.29 -14.03
N GLU A 29 5.69 -10.44 -14.33
CA GLU A 29 5.63 -9.64 -15.59
C GLU A 29 7.02 -9.46 -16.19
N LEU A 30 7.10 -8.92 -17.39
CA LEU A 30 8.44 -8.72 -18.03
C LEU A 30 8.73 -7.22 -18.20
N LEU A 31 8.71 -6.48 -17.11
CA LEU A 31 8.98 -5.01 -17.18
C LEU A 31 10.26 -4.69 -16.40
N GLU A 32 10.29 -5.03 -15.13
CA GLU A 32 11.49 -4.75 -14.28
C GLU A 32 11.85 -3.26 -14.31
N PHE A 33 10.85 -2.40 -14.29
CA PHE A 33 11.11 -0.93 -14.31
C PHE A 33 10.76 -0.31 -12.95
N PRO A 34 11.76 0.26 -12.32
CA PRO A 34 11.55 0.89 -10.99
C PRO A 34 10.70 2.17 -11.12
N THR A 35 9.49 2.13 -10.62
CA THR A 35 8.62 3.34 -10.71
C THR A 35 7.89 3.58 -9.38
N PRO A 36 7.70 4.84 -9.05
CA PRO A 36 7.01 5.22 -7.79
C PRO A 36 5.52 4.88 -7.89
N PHE A 37 5.00 4.15 -6.94
CA PHE A 37 3.56 3.78 -6.97
C PHE A 37 2.79 4.56 -5.90
N THR A 38 2.12 5.61 -6.27
CA THR A 38 1.33 6.41 -5.29
C THR A 38 0.02 5.66 -5.01
N TYR A 39 0.01 4.82 -4.00
CA TYR A 39 -1.23 4.05 -3.70
C TYR A 39 -2.00 4.67 -2.54
N LYS A 40 -3.12 5.30 -2.84
CA LYS A 40 -3.94 5.93 -1.76
C LYS A 40 -4.80 4.85 -1.10
N VAL A 41 -4.30 4.25 -0.05
CA VAL A 41 -5.08 3.18 0.65
C VAL A 41 -6.15 3.83 1.54
N MET A 42 -7.36 3.94 1.04
CA MET A 42 -8.47 4.55 1.83
C MET A 42 -9.35 3.46 2.43
N GLY A 43 -9.99 3.73 3.54
CA GLY A 43 -10.88 2.70 4.18
C GLY A 43 -11.32 3.18 5.56
N GLN A 44 -11.85 2.29 6.36
CA GLN A 44 -12.31 2.68 7.73
C GLN A 44 -11.09 2.97 8.63
N ALA A 45 -11.27 3.78 9.64
CA ALA A 45 -10.13 4.11 10.57
C ALA A 45 -9.42 2.84 11.03
N LEU A 46 -8.21 2.62 10.56
CA LEU A 46 -7.45 1.39 10.96
C LEU A 46 -6.05 1.78 11.45
N PRO A 47 -5.79 1.54 12.72
CA PRO A 47 -4.47 1.86 13.30
C PRO A 47 -3.38 0.89 12.80
N GLU A 48 -3.77 -0.31 12.42
CA GLU A 48 -2.75 -1.30 11.92
C GLU A 48 -2.42 -1.04 10.43
N LEU A 49 -3.11 -0.14 9.78
CA LEU A 49 -2.82 0.13 8.33
C LEU A 49 -1.37 0.61 8.16
N VAL A 50 -0.96 1.59 8.93
CA VAL A 50 0.45 2.11 8.80
C VAL A 50 1.45 1.02 9.24
N ASP A 51 1.09 0.20 10.21
CA ASP A 51 2.02 -0.88 10.66
C ASP A 51 2.20 -1.91 9.54
N GLN A 52 1.11 -2.34 8.94
CA GLN A 52 1.21 -3.34 7.83
C GLN A 52 1.80 -2.68 6.58
N VAL A 53 1.55 -1.41 6.38
CA VAL A 53 2.10 -0.70 5.18
C VAL A 53 3.64 -0.71 5.22
N VAL A 54 4.22 -0.38 6.34
CA VAL A 54 5.72 -0.36 6.44
C VAL A 54 6.31 -1.78 6.51
N GLU A 55 5.65 -2.71 7.18
CA GLU A 55 6.22 -4.10 7.26
C GLU A 55 6.02 -4.86 5.95
N VAL A 56 4.92 -4.64 5.26
CA VAL A 56 4.70 -5.36 3.97
C VAL A 56 5.53 -4.70 2.85
N VAL A 57 5.70 -3.39 2.90
CA VAL A 57 6.50 -2.71 1.85
C VAL A 57 7.99 -3.00 2.09
N GLN A 58 8.40 -3.18 3.32
CA GLN A 58 9.83 -3.48 3.60
C GLN A 58 10.12 -4.95 3.25
N ARG A 59 9.17 -5.82 3.46
CA ARG A 59 9.39 -7.27 3.13
C ARG A 59 9.53 -7.47 1.62
N HIS A 60 9.00 -6.57 0.81
CA HIS A 60 9.11 -6.72 -0.66
C HIS A 60 10.14 -5.73 -1.24
N ALA A 61 10.09 -4.48 -0.82
CA ALA A 61 11.08 -3.48 -1.31
C ALA A 61 12.25 -3.36 -0.33
N PRO A 62 13.39 -2.96 -0.85
CA PRO A 62 14.60 -2.81 0.00
C PRO A 62 14.46 -1.63 0.98
N GLY A 63 13.88 -0.54 0.55
CA GLY A 63 13.72 0.64 1.45
C GLY A 63 12.34 0.61 2.10
N ASP A 64 12.22 1.08 3.32
CA ASP A 64 10.90 1.09 4.02
C ASP A 64 10.05 2.26 3.49
N TYR A 65 8.76 2.19 3.68
CA TYR A 65 7.86 3.28 3.19
C TYR A 65 6.70 3.52 4.17
N THR A 66 6.00 4.61 4.01
CA THR A 66 4.86 4.91 4.95
C THR A 66 3.67 5.54 4.18
N PRO A 67 2.49 5.39 4.76
CA PRO A 67 1.26 5.95 4.16
C PRO A 67 0.93 7.31 4.81
N THR A 68 0.53 8.28 4.02
CA THR A 68 0.18 9.62 4.59
C THR A 68 -1.34 9.70 4.82
N VAL A 69 -1.77 9.52 6.04
CA VAL A 69 -3.24 9.56 6.34
C VAL A 69 -3.78 10.99 6.35
N LYS A 70 -4.97 11.18 5.83
CA LYS A 70 -5.59 12.54 5.81
C LYS A 70 -7.09 12.42 6.07
N PRO A 71 -7.66 13.46 6.64
CA PRO A 71 -9.10 13.47 6.97
C PRO A 71 -9.96 13.66 5.70
N SER A 72 -10.24 12.59 5.01
CA SER A 72 -11.08 12.69 3.77
C SER A 72 -12.55 12.51 4.13
N SER A 73 -12.86 11.49 4.90
CA SER A 73 -14.28 11.24 5.30
C SER A 73 -14.46 11.55 6.79
N LYS A 74 -15.68 11.79 7.22
CA LYS A 74 -15.92 12.09 8.67
C LYS A 74 -16.39 10.83 9.40
N GLY A 75 -16.27 10.82 10.70
CA GLY A 75 -16.71 9.62 11.50
C GLY A 75 -15.52 8.68 11.69
N ASN A 76 -15.72 7.41 11.47
CA ASN A 76 -14.62 6.42 11.63
C ASN A 76 -14.03 6.05 10.26
N TYR A 77 -13.45 7.00 9.57
CA TYR A 77 -12.86 6.72 8.22
C TYR A 77 -11.59 7.54 8.00
N HIS A 78 -10.63 6.99 7.31
CA HIS A 78 -9.36 7.73 7.05
C HIS A 78 -8.80 7.38 5.67
N SER A 79 -8.07 8.28 5.06
CA SER A 79 -7.50 8.00 3.71
C SER A 79 -5.98 8.18 3.74
N VAL A 80 -5.22 7.12 3.65
CA VAL A 80 -3.74 7.26 3.68
C VAL A 80 -3.13 6.96 2.31
N SER A 81 -2.04 7.62 1.98
CA SER A 81 -1.39 7.38 0.66
C SER A 81 0.01 6.78 0.90
N ILE A 82 0.22 5.55 0.49
CA ILE A 82 1.55 4.91 0.73
C ILE A 82 2.48 5.15 -0.46
N THR A 83 3.66 5.63 -0.18
CA THR A 83 4.66 5.88 -1.27
C THR A 83 5.56 4.65 -1.39
N ILE A 84 5.82 4.19 -2.59
CA ILE A 84 6.69 2.98 -2.75
C ILE A 84 7.23 2.86 -4.18
N ASN A 85 8.52 2.90 -4.34
CA ASN A 85 9.11 2.76 -5.71
C ASN A 85 9.43 1.29 -5.96
N ALA A 86 8.59 0.60 -6.69
CA ALA A 86 8.83 -0.84 -6.96
C ALA A 86 9.06 -1.09 -8.46
N THR A 87 10.01 -1.95 -8.77
CA THR A 87 10.29 -2.27 -10.21
C THR A 87 9.18 -3.15 -10.82
N HIS A 88 8.25 -3.59 -10.01
CA HIS A 88 7.14 -4.46 -10.53
C HIS A 88 5.79 -3.92 -10.08
N ILE A 89 4.82 -3.88 -10.96
CA ILE A 89 3.47 -3.39 -10.58
C ILE A 89 2.77 -4.43 -9.69
N GLU A 90 3.16 -5.68 -9.79
CA GLU A 90 2.55 -6.75 -8.95
C GLU A 90 3.07 -6.66 -7.51
N GLN A 91 4.30 -6.24 -7.33
CA GLN A 91 4.87 -6.13 -5.95
C GLN A 91 4.05 -5.13 -5.12
N VAL A 92 3.78 -3.97 -5.66
CA VAL A 92 2.98 -2.95 -4.91
C VAL A 92 1.51 -3.39 -4.82
N GLU A 93 1.02 -4.16 -5.76
CA GLU A 93 -0.40 -4.63 -5.70
C GLU A 93 -0.53 -5.67 -4.57
N THR A 94 0.41 -6.59 -4.50
CA THR A 94 0.37 -7.62 -3.41
C THR A 94 0.51 -6.91 -2.06
N LEU A 95 1.33 -5.89 -1.99
CA LEU A 95 1.51 -5.13 -0.71
C LEU A 95 0.18 -4.48 -0.32
N TYR A 96 -0.57 -3.97 -1.28
CA TYR A 96 -1.90 -3.35 -0.96
C TYR A 96 -2.80 -4.41 -0.32
N GLU A 97 -2.83 -5.59 -0.88
CA GLU A 97 -3.69 -6.69 -0.31
C GLU A 97 -3.21 -7.05 1.11
N GLU A 98 -1.92 -7.01 1.35
CA GLU A 98 -1.40 -7.36 2.71
C GLU A 98 -1.80 -6.28 3.73
N LEU A 99 -1.52 -5.03 3.43
CA LEU A 99 -1.89 -3.93 4.38
C LEU A 99 -3.42 -3.76 4.44
N GLY A 100 -4.11 -4.09 3.37
CA GLY A 100 -5.59 -3.95 3.36
C GLY A 100 -6.24 -5.34 3.41
N LYS A 101 -5.72 -6.21 4.24
CA LYS A 101 -6.30 -7.59 4.35
C LYS A 101 -7.28 -7.68 5.53
N ILE A 102 -7.54 -6.57 6.20
CA ILE A 102 -8.49 -6.59 7.37
C ILE A 102 -9.91 -6.84 6.88
N ASP A 103 -10.74 -7.41 7.71
CA ASP A 103 -12.17 -7.66 7.32
C ASP A 103 -12.93 -6.33 7.17
N ILE A 104 -12.39 -5.27 7.73
CA ILE A 104 -13.07 -3.93 7.63
C ILE A 104 -12.97 -3.40 6.18
N VAL A 105 -13.68 -2.34 5.87
CA VAL A 105 -13.64 -1.78 4.48
C VAL A 105 -12.22 -1.30 4.12
N ARG A 106 -11.60 -1.95 3.16
CA ARG A 106 -10.21 -1.55 2.74
C ARG A 106 -10.21 -1.18 1.24
N MET A 107 -9.41 -0.20 0.87
CA MET A 107 -9.36 0.22 -0.56
C MET A 107 -8.03 0.91 -0.87
N VAL A 108 -7.63 0.97 -2.12
CA VAL A 108 -6.35 1.65 -2.48
C VAL A 108 -6.50 2.42 -3.80
N LEU A 109 -5.68 3.42 -4.01
CA LEU A 109 -5.75 4.24 -5.26
C LEU A 109 -7.18 4.81 -5.44
N MET A 23 -3.44 -1.59 -7.55
CA MET A 23 -4.47 -2.11 -8.50
C MET A 23 -3.95 -2.08 -9.94
N LYS A 24 -4.66 -2.72 -10.84
CA LYS A 24 -4.24 -2.76 -12.28
C LYS A 24 -2.98 -3.62 -12.45
N THR A 25 -3.10 -4.75 -13.10
CA THR A 25 -1.92 -5.65 -13.32
C THR A 25 -1.43 -5.50 -14.77
N LYS A 26 -0.14 -5.54 -14.97
CA LYS A 26 0.41 -5.42 -16.36
C LYS A 26 1.46 -6.50 -16.63
N LEU A 27 1.21 -7.34 -17.60
CA LEU A 27 2.17 -8.44 -17.95
C LEU A 27 2.50 -9.28 -16.70
N ASN A 28 3.53 -10.09 -16.78
CA ASN A 28 3.92 -10.94 -15.61
C ASN A 28 5.44 -10.88 -15.41
N GLU A 29 5.90 -9.89 -14.68
CA GLU A 29 7.37 -9.76 -14.41
C GLU A 29 8.16 -9.81 -15.72
N LEU A 30 7.89 -8.90 -16.62
CA LEU A 30 8.63 -8.89 -17.93
C LEU A 30 9.44 -7.59 -18.07
N LEU A 31 8.82 -6.46 -17.83
CA LEU A 31 9.55 -5.15 -17.95
C LEU A 31 10.46 -4.94 -16.74
N GLU A 32 9.93 -5.10 -15.55
CA GLU A 32 10.73 -4.91 -14.30
C GLU A 32 11.32 -3.50 -14.23
N PHE A 33 10.51 -2.49 -14.47
CA PHE A 33 11.02 -1.09 -14.40
C PHE A 33 10.71 -0.51 -13.01
N PRO A 34 11.75 -0.12 -12.30
CA PRO A 34 11.56 0.42 -10.93
C PRO A 34 10.86 1.79 -10.97
N THR A 35 9.61 1.82 -10.58
CA THR A 35 8.85 3.11 -10.60
C THR A 35 8.12 3.32 -9.26
N PRO A 36 8.01 4.57 -8.86
CA PRO A 36 7.31 4.91 -7.59
C PRO A 36 5.79 4.72 -7.74
N PHE A 37 5.21 3.94 -6.86
CA PHE A 37 3.73 3.71 -6.95
C PHE A 37 3.00 4.47 -5.84
N THR A 38 2.43 5.61 -6.17
CA THR A 38 1.67 6.39 -5.14
C THR A 38 0.33 5.70 -4.92
N TYR A 39 0.24 4.82 -3.96
CA TYR A 39 -1.03 4.08 -3.73
C TYR A 39 -1.83 4.69 -2.57
N LYS A 40 -2.93 5.33 -2.88
CA LYS A 40 -3.77 5.93 -1.81
C LYS A 40 -4.65 4.85 -1.19
N VAL A 41 -4.18 4.20 -0.15
CA VAL A 41 -4.97 3.12 0.51
C VAL A 41 -6.02 3.74 1.44
N MET A 42 -7.24 3.86 0.98
CA MET A 42 -8.33 4.46 1.82
C MET A 42 -9.27 3.36 2.31
N GLY A 43 -9.84 3.51 3.49
CA GLY A 43 -10.77 2.48 4.01
C GLY A 43 -11.09 2.77 5.48
N GLN A 44 -11.20 1.73 6.29
CA GLN A 44 -11.51 1.93 7.74
C GLN A 44 -10.37 2.67 8.45
N ALA A 45 -10.67 3.36 9.52
CA ALA A 45 -9.60 4.10 10.26
C ALA A 45 -9.03 3.23 11.39
N LEU A 46 -7.92 2.59 11.15
CA LEU A 46 -7.30 1.73 12.21
C LEU A 46 -5.80 2.06 12.37
N PRO A 47 -5.29 1.79 13.55
CA PRO A 47 -3.86 2.07 13.85
C PRO A 47 -2.93 1.06 13.14
N GLU A 48 -3.44 -0.08 12.73
CA GLU A 48 -2.58 -1.09 12.04
C GLU A 48 -2.30 -0.67 10.58
N LEU A 49 -2.89 0.40 10.11
CA LEU A 49 -2.65 0.84 8.69
C LEU A 49 -1.16 1.15 8.49
N VAL A 50 -0.62 2.08 9.23
CA VAL A 50 0.83 2.43 9.08
C VAL A 50 1.72 1.25 9.50
N ASP A 51 1.26 0.44 10.42
CA ASP A 51 2.08 -0.73 10.87
C ASP A 51 2.22 -1.75 9.73
N GLN A 52 1.11 -2.21 9.17
CA GLN A 52 1.19 -3.20 8.06
C GLN A 52 1.80 -2.55 6.81
N VAL A 53 1.53 -1.29 6.58
CA VAL A 53 2.11 -0.60 5.36
C VAL A 53 3.65 -0.66 5.40
N VAL A 54 4.26 -0.15 6.44
CA VAL A 54 5.76 -0.17 6.52
C VAL A 54 6.30 -1.61 6.60
N GLU A 55 5.57 -2.51 7.23
CA GLU A 55 6.06 -3.92 7.34
C GLU A 55 5.99 -4.63 5.97
N VAL A 56 4.83 -4.66 5.36
CA VAL A 56 4.68 -5.35 4.04
C VAL A 56 5.44 -4.61 2.93
N VAL A 57 5.63 -3.31 3.06
CA VAL A 57 6.36 -2.55 1.99
C VAL A 57 7.88 -2.71 2.16
N GLN A 58 8.35 -2.91 3.37
CA GLN A 58 9.82 -3.08 3.59
C GLN A 58 10.24 -4.51 3.23
N ARG A 59 9.45 -5.49 3.60
CA ARG A 59 9.81 -6.92 3.29
C ARG A 59 9.78 -7.19 1.77
N HIS A 60 9.05 -6.39 1.02
CA HIS A 60 8.99 -6.62 -0.45
C HIS A 60 9.82 -5.57 -1.19
N ALA A 61 9.69 -4.31 -0.83
CA ALA A 61 10.48 -3.24 -1.52
C ALA A 61 11.61 -2.74 -0.59
N PRO A 62 12.74 -2.43 -1.19
CA PRO A 62 13.89 -1.93 -0.41
C PRO A 62 13.65 -0.50 0.08
N GLY A 63 14.14 -0.18 1.25
CA GLY A 63 13.94 1.20 1.80
C GLY A 63 12.66 1.23 2.65
N ASP A 64 12.64 2.06 3.66
CA ASP A 64 11.43 2.14 4.54
C ASP A 64 10.38 3.06 3.89
N TYR A 65 9.15 2.63 3.87
CA TYR A 65 8.07 3.46 3.25
C TYR A 65 6.95 3.73 4.26
N THR A 66 6.19 4.78 4.06
CA THR A 66 5.08 5.10 5.01
C THR A 66 3.84 5.63 4.27
N PRO A 67 2.68 5.43 4.88
CA PRO A 67 1.41 5.89 4.30
C PRO A 67 1.03 7.27 4.89
N THR A 68 0.63 8.20 4.06
CA THR A 68 0.22 9.55 4.57
C THR A 68 -1.28 9.54 4.87
N VAL A 69 -1.65 9.28 6.10
CA VAL A 69 -3.11 9.23 6.46
C VAL A 69 -3.70 10.63 6.59
N LYS A 70 -4.89 10.82 6.07
CA LYS A 70 -5.57 12.14 6.15
C LYS A 70 -7.07 11.96 6.36
N PRO A 71 -7.68 12.90 7.04
CA PRO A 71 -9.14 12.83 7.32
C PRO A 71 -9.95 13.19 6.07
N SER A 72 -10.18 12.23 5.21
CA SER A 72 -10.96 12.52 3.97
C SER A 72 -12.46 12.28 4.22
N SER A 73 -12.79 11.19 4.86
CA SER A 73 -14.23 10.90 5.17
C SER A 73 -14.51 11.10 6.66
N LYS A 74 -15.76 11.13 7.05
CA LYS A 74 -16.11 11.32 8.49
C LYS A 74 -16.45 9.97 9.14
N GLY A 75 -16.36 9.90 10.44
CA GLY A 75 -16.68 8.63 11.15
C GLY A 75 -15.41 7.79 11.30
N ASN A 76 -15.51 6.51 11.08
CA ASN A 76 -14.29 5.63 11.21
C ASN A 76 -13.70 5.33 9.82
N TYR A 77 -13.23 6.34 9.15
CA TYR A 77 -12.64 6.13 7.79
C TYR A 77 -11.36 6.96 7.64
N HIS A 78 -10.29 6.36 7.18
CA HIS A 78 -9.01 7.11 7.01
C HIS A 78 -8.45 6.87 5.61
N SER A 79 -7.97 7.90 4.97
CA SER A 79 -7.38 7.75 3.60
C SER A 79 -5.87 7.96 3.67
N VAL A 80 -5.09 6.90 3.58
CA VAL A 80 -3.61 7.06 3.67
C VAL A 80 -2.97 6.80 2.30
N SER A 81 -1.89 7.48 2.02
CA SER A 81 -1.19 7.30 0.71
C SER A 81 0.17 6.63 0.97
N ILE A 82 0.34 5.40 0.54
CA ILE A 82 1.64 4.71 0.81
C ILE A 82 2.61 4.90 -0.35
N THR A 83 3.80 5.36 -0.05
CA THR A 83 4.83 5.57 -1.11
C THR A 83 5.68 4.29 -1.24
N ILE A 84 5.96 3.86 -2.44
CA ILE A 84 6.78 2.61 -2.61
C ILE A 84 7.34 2.53 -4.03
N ASN A 85 8.61 2.26 -4.16
CA ASN A 85 9.22 2.15 -5.52
C ASN A 85 9.36 0.67 -5.91
N ALA A 86 8.43 0.17 -6.68
CA ALA A 86 8.49 -1.27 -7.10
C ALA A 86 8.71 -1.37 -8.61
N THR A 87 9.54 -2.29 -9.04
CA THR A 87 9.80 -2.45 -10.49
C THR A 87 8.54 -2.93 -11.24
N HIS A 88 7.63 -3.55 -10.54
CA HIS A 88 6.38 -4.02 -11.20
C HIS A 88 5.14 -3.60 -10.40
N ILE A 89 4.00 -3.54 -11.05
CA ILE A 89 2.75 -3.15 -10.33
C ILE A 89 2.19 -4.35 -9.55
N GLU A 90 2.61 -5.55 -9.87
CA GLU A 90 2.11 -6.76 -9.13
C GLU A 90 2.65 -6.77 -7.69
N GLN A 91 3.85 -6.26 -7.49
CA GLN A 91 4.44 -6.24 -6.11
C GLN A 91 3.66 -5.24 -5.23
N VAL A 92 3.44 -4.05 -5.72
CA VAL A 92 2.68 -3.03 -4.91
C VAL A 92 1.20 -3.46 -4.80
N GLU A 93 0.70 -4.24 -5.73
CA GLU A 93 -0.73 -4.69 -5.66
C GLU A 93 -0.89 -5.67 -4.48
N THR A 94 -0.05 -6.67 -4.42
CA THR A 94 -0.14 -7.66 -3.29
C THR A 94 0.12 -6.92 -1.97
N LEU A 95 1.03 -5.97 -1.97
CA LEU A 95 1.32 -5.20 -0.72
C LEU A 95 0.05 -4.44 -0.29
N TYR A 96 -0.67 -3.88 -1.24
CA TYR A 96 -1.93 -3.17 -0.90
C TYR A 96 -2.88 -4.14 -0.20
N GLU A 97 -2.98 -5.35 -0.69
CA GLU A 97 -3.89 -6.36 -0.05
C GLU A 97 -3.34 -6.77 1.33
N GLU A 98 -2.03 -6.83 1.47
CA GLU A 98 -1.44 -7.21 2.79
C GLU A 98 -1.81 -6.16 3.86
N LEU A 99 -1.64 -4.89 3.56
CA LEU A 99 -1.99 -3.83 4.54
C LEU A 99 -3.51 -3.58 4.53
N GLY A 100 -4.16 -3.79 3.40
CA GLY A 100 -5.63 -3.58 3.31
C GLY A 100 -6.33 -4.93 3.35
N LYS A 101 -6.10 -5.70 4.38
CA LYS A 101 -6.74 -7.03 4.51
C LYS A 101 -7.85 -7.02 5.58
N ILE A 102 -8.12 -5.86 6.15
CA ILE A 102 -9.18 -5.76 7.20
C ILE A 102 -10.54 -6.22 6.64
N ASP A 103 -11.43 -6.68 7.48
CA ASP A 103 -12.76 -7.14 7.00
C ASP A 103 -13.72 -5.96 6.76
N ILE A 104 -13.32 -4.75 7.09
CA ILE A 104 -14.23 -3.57 6.89
C ILE A 104 -14.10 -3.04 5.44
N VAL A 105 -13.39 -1.95 5.24
CA VAL A 105 -13.24 -1.40 3.85
C VAL A 105 -11.75 -1.26 3.49
N ARG A 106 -11.32 -1.95 2.48
CA ARG A 106 -9.88 -1.86 2.05
C ARG A 106 -9.81 -1.41 0.58
N MET A 107 -9.33 -0.22 0.34
CA MET A 107 -9.24 0.28 -1.07
C MET A 107 -7.89 0.98 -1.30
N VAL A 108 -7.43 1.02 -2.52
CA VAL A 108 -6.13 1.71 -2.82
C VAL A 108 -6.20 2.47 -4.15
N LEU A 109 -5.43 3.53 -4.27
CA LEU A 109 -5.43 4.34 -5.53
C LEU A 109 -6.83 4.95 -5.80
N MET A 23 5.47 6.08 -12.05
CA MET A 23 4.40 5.05 -12.19
C MET A 23 4.34 4.53 -13.63
N LYS A 24 4.38 3.24 -13.81
CA LYS A 24 4.34 2.66 -15.18
C LYS A 24 3.07 1.81 -15.38
N THR A 25 2.95 1.13 -16.49
CA THR A 25 1.75 0.29 -16.74
C THR A 25 2.15 -1.09 -17.32
N LYS A 26 1.25 -2.04 -17.29
CA LYS A 26 1.56 -3.42 -17.82
C LYS A 26 2.62 -4.10 -16.96
N LEU A 27 2.24 -5.14 -16.25
CA LEU A 27 3.23 -5.86 -15.39
C LEU A 27 4.20 -6.70 -16.24
N ASN A 28 5.46 -6.67 -15.90
CA ASN A 28 6.47 -7.45 -16.69
C ASN A 28 7.57 -8.00 -15.78
N GLU A 29 7.96 -9.23 -15.95
CA GLU A 29 9.03 -9.83 -15.10
C GLU A 29 10.36 -9.91 -15.86
N LEU A 30 10.38 -9.55 -17.13
CA LEU A 30 11.66 -9.62 -17.91
C LEU A 30 12.43 -8.31 -17.80
N LEU A 31 11.73 -7.19 -17.77
CA LEU A 31 12.42 -5.86 -17.65
C LEU A 31 12.62 -5.51 -16.17
N GLU A 32 11.56 -5.63 -15.39
CA GLU A 32 11.63 -5.30 -13.93
C GLU A 32 12.18 -3.88 -13.73
N PHE A 33 11.42 -2.89 -14.14
CA PHE A 33 11.87 -1.47 -13.98
C PHE A 33 11.27 -0.88 -12.69
N PRO A 34 12.14 -0.39 -11.84
CA PRO A 34 11.70 0.21 -10.55
C PRO A 34 10.99 1.55 -10.80
N THR A 35 9.71 1.60 -10.55
CA THR A 35 8.95 2.87 -10.78
C THR A 35 8.22 3.29 -9.49
N PRO A 36 8.12 4.58 -9.28
CA PRO A 36 7.44 5.12 -8.07
C PRO A 36 5.92 4.94 -8.21
N PHE A 37 5.32 4.21 -7.28
CA PHE A 37 3.86 3.98 -7.34
C PHE A 37 3.13 4.86 -6.32
N THR A 38 2.56 5.97 -6.76
CA THR A 38 1.82 6.86 -5.82
C THR A 38 0.48 6.20 -5.48
N TYR A 39 0.38 5.57 -4.33
CA TYR A 39 -0.89 4.88 -3.97
C TYR A 39 -1.55 5.54 -2.76
N LYS A 40 -2.82 5.31 -2.60
CA LYS A 40 -3.58 5.91 -1.45
C LYS A 40 -4.48 4.84 -0.83
N VAL A 41 -4.04 4.24 0.26
CA VAL A 41 -4.87 3.18 0.91
C VAL A 41 -5.97 3.84 1.76
N MET A 42 -7.16 3.94 1.23
CA MET A 42 -8.27 4.58 1.99
C MET A 42 -9.25 3.52 2.48
N GLY A 43 -10.02 3.82 3.51
CA GLY A 43 -11.00 2.82 4.04
C GLY A 43 -11.47 3.24 5.44
N GLN A 44 -12.01 2.31 6.19
CA GLN A 44 -12.49 2.64 7.57
C GLN A 44 -11.29 2.91 8.49
N ALA A 45 -11.51 3.65 9.56
CA ALA A 45 -10.38 3.97 10.51
C ALA A 45 -9.61 2.69 10.88
N LEU A 46 -8.39 2.59 10.41
CA LEU A 46 -7.57 1.38 10.72
C LEU A 46 -6.17 1.81 11.22
N PRO A 47 -5.93 1.57 12.49
CA PRO A 47 -4.62 1.93 13.10
C PRO A 47 -3.51 0.99 12.61
N GLU A 48 -3.83 -0.24 12.32
CA GLU A 48 -2.79 -1.21 11.84
C GLU A 48 -2.43 -0.96 10.36
N LEU A 49 -3.13 -0.08 9.68
CA LEU A 49 -2.82 0.19 8.25
C LEU A 49 -1.37 0.67 8.10
N VAL A 50 -0.99 1.71 8.80
CA VAL A 50 0.41 2.22 8.72
C VAL A 50 1.41 1.15 9.17
N ASP A 51 1.03 0.35 10.14
CA ASP A 51 1.97 -0.72 10.63
C ASP A 51 2.22 -1.75 9.52
N GLN A 52 1.18 -2.23 8.89
CA GLN A 52 1.35 -3.23 7.78
C GLN A 52 1.94 -2.54 6.55
N VAL A 53 1.63 -1.30 6.32
CA VAL A 53 2.19 -0.59 5.11
C VAL A 53 3.72 -0.61 5.17
N VAL A 54 4.31 -0.18 6.26
CA VAL A 54 5.80 -0.16 6.36
C VAL A 54 6.36 -1.59 6.54
N GLU A 55 5.62 -2.47 7.16
CA GLU A 55 6.13 -3.87 7.35
C GLU A 55 6.08 -4.64 6.03
N VAL A 56 4.96 -4.63 5.35
CA VAL A 56 4.85 -5.37 4.05
C VAL A 56 5.73 -4.71 2.98
N VAL A 57 5.91 -3.40 3.03
CA VAL A 57 6.78 -2.74 2.00
C VAL A 57 8.26 -2.97 2.36
N GLN A 58 8.57 -3.16 3.62
CA GLN A 58 10.00 -3.41 4.00
C GLN A 58 10.39 -4.85 3.60
N ARG A 59 9.48 -5.78 3.71
CA ARG A 59 9.78 -7.20 3.33
C ARG A 59 9.87 -7.35 1.81
N HIS A 60 9.20 -6.50 1.06
CA HIS A 60 9.25 -6.60 -0.43
C HIS A 60 10.27 -5.62 -1.02
N ALA A 61 10.26 -4.39 -0.56
CA ALA A 61 11.22 -3.38 -1.09
C ALA A 61 12.36 -3.17 -0.08
N PRO A 62 13.52 -2.80 -0.59
CA PRO A 62 14.70 -2.57 0.28
C PRO A 62 14.51 -1.31 1.14
N GLY A 63 13.98 -0.25 0.56
CA GLY A 63 13.76 1.00 1.34
C GLY A 63 12.42 0.93 2.06
N ASP A 64 12.33 1.49 3.24
CA ASP A 64 11.04 1.46 4.00
C ASP A 64 10.11 2.57 3.48
N TYR A 65 8.82 2.35 3.54
CA TYR A 65 7.85 3.37 3.05
C TYR A 65 6.73 3.59 4.07
N THR A 66 6.03 4.70 3.97
CA THR A 66 4.92 4.98 4.95
C THR A 66 3.73 5.67 4.26
N PRO A 67 2.56 5.47 4.83
CA PRO A 67 1.32 6.09 4.29
C PRO A 67 1.02 7.40 5.03
N THR A 68 0.41 8.36 4.36
CA THR A 68 0.07 9.66 5.01
C THR A 68 -1.44 9.71 5.25
N VAL A 69 -1.88 9.38 6.44
CA VAL A 69 -3.35 9.39 6.74
C VAL A 69 -3.89 10.81 6.93
N LYS A 70 -5.05 11.06 6.40
CA LYS A 70 -5.69 12.41 6.52
C LYS A 70 -7.21 12.25 6.71
N PRO A 71 -7.81 13.23 7.34
CA PRO A 71 -9.27 13.21 7.58
C PRO A 71 -10.03 13.55 6.30
N SER A 72 -10.28 12.57 5.47
CA SER A 72 -11.03 12.82 4.20
C SER A 72 -12.54 12.71 4.44
N SER A 73 -12.97 11.65 5.06
CA SER A 73 -14.43 11.47 5.34
C SER A 73 -14.71 11.69 6.84
N LYS A 74 -15.95 11.92 7.19
CA LYS A 74 -16.29 12.13 8.63
C LYS A 74 -16.78 10.83 9.28
N GLY A 75 -16.62 10.72 10.58
CA GLY A 75 -17.08 9.48 11.29
C GLY A 75 -15.88 8.57 11.53
N ASN A 76 -16.03 7.29 11.26
CA ASN A 76 -14.92 6.32 11.46
C ASN A 76 -14.27 5.95 10.12
N TYR A 77 -13.75 6.93 9.42
CA TYR A 77 -13.10 6.66 8.09
C TYR A 77 -11.77 7.42 7.99
N HIS A 78 -10.81 6.87 7.29
CA HIS A 78 -9.49 7.56 7.15
C HIS A 78 -8.88 7.28 5.75
N SER A 79 -8.16 8.22 5.20
CA SER A 79 -7.54 8.01 3.85
C SER A 79 -6.03 8.27 3.94
N VAL A 80 -5.22 7.28 3.67
CA VAL A 80 -3.74 7.49 3.76
C VAL A 80 -3.07 7.35 2.39
N SER A 81 -2.12 8.21 2.11
CA SER A 81 -1.38 8.13 0.81
C SER A 81 -0.10 7.34 1.04
N ILE A 82 -0.03 6.13 0.53
CA ILE A 82 1.20 5.30 0.76
C ILE A 82 2.21 5.49 -0.38
N THR A 83 3.42 5.84 -0.04
CA THR A 83 4.47 6.01 -1.10
C THR A 83 5.23 4.70 -1.23
N ILE A 84 5.49 4.26 -2.44
CA ILE A 84 6.21 2.96 -2.61
C ILE A 84 6.84 2.86 -4.00
N ASN A 85 7.99 2.24 -4.11
CA ASN A 85 8.66 2.08 -5.43
C ASN A 85 8.86 0.58 -5.72
N ALA A 86 8.15 0.06 -6.68
CA ALA A 86 8.29 -1.40 -7.00
C ALA A 86 8.72 -1.59 -8.47
N THR A 87 9.57 -2.55 -8.72
CA THR A 87 10.04 -2.81 -10.12
C THR A 87 8.97 -3.58 -10.92
N HIS A 88 7.89 -3.96 -10.30
CA HIS A 88 6.82 -4.72 -11.03
C HIS A 88 5.45 -4.08 -10.76
N ILE A 89 4.54 -4.17 -11.70
CA ILE A 89 3.17 -3.58 -11.50
C ILE A 89 2.39 -4.39 -10.46
N GLU A 90 2.37 -5.69 -10.59
CA GLU A 90 1.62 -6.54 -9.61
C GLU A 90 2.27 -6.48 -8.22
N GLN A 91 3.51 -6.07 -8.13
CA GLN A 91 4.19 -5.99 -6.79
C GLN A 91 3.41 -5.06 -5.85
N VAL A 92 3.24 -3.81 -6.22
CA VAL A 92 2.49 -2.84 -5.36
C VAL A 92 1.06 -3.34 -5.10
N GLU A 93 0.50 -4.11 -6.01
CA GLU A 93 -0.89 -4.63 -5.80
C GLU A 93 -0.89 -5.69 -4.70
N THR A 94 0.05 -6.60 -4.75
CA THR A 94 0.13 -7.67 -3.69
C THR A 94 0.39 -7.01 -2.32
N LEU A 95 1.25 -6.03 -2.27
CA LEU A 95 1.53 -5.34 -0.97
C LEU A 95 0.28 -4.62 -0.47
N TYR A 96 -0.51 -4.06 -1.36
CA TYR A 96 -1.76 -3.36 -0.94
C TYR A 96 -2.68 -4.38 -0.25
N GLU A 97 -2.85 -5.54 -0.83
CA GLU A 97 -3.73 -6.58 -0.19
C GLU A 97 -3.11 -7.05 1.13
N GLU A 98 -1.81 -7.09 1.21
CA GLU A 98 -1.13 -7.52 2.48
C GLU A 98 -1.42 -6.50 3.59
N LEU A 99 -1.34 -5.23 3.29
CA LEU A 99 -1.64 -4.19 4.33
C LEU A 99 -3.17 -4.01 4.46
N GLY A 100 -3.90 -4.22 3.40
CA GLY A 100 -5.39 -4.06 3.45
C GLY A 100 -6.05 -5.44 3.45
N LYS A 101 -5.66 -6.28 4.39
CA LYS A 101 -6.27 -7.65 4.47
C LYS A 101 -7.24 -7.74 5.66
N ILE A 102 -7.46 -6.65 6.35
CA ILE A 102 -8.39 -6.67 7.52
C ILE A 102 -9.84 -6.89 7.05
N ASP A 103 -10.68 -7.44 7.90
CA ASP A 103 -12.10 -7.66 7.51
C ASP A 103 -12.81 -6.31 7.30
N ILE A 104 -12.28 -5.25 7.87
CA ILE A 104 -12.90 -3.90 7.71
C ILE A 104 -12.75 -3.42 6.26
N VAL A 105 -13.47 -2.39 5.87
CA VAL A 105 -13.38 -1.87 4.46
C VAL A 105 -11.96 -1.38 4.15
N ARG A 106 -11.27 -2.05 3.26
CA ARG A 106 -9.88 -1.63 2.88
C ARG A 106 -9.83 -1.32 1.37
N MET A 107 -9.18 -0.26 0.98
CA MET A 107 -9.10 0.09 -0.47
C MET A 107 -7.80 0.86 -0.76
N VAL A 108 -7.40 0.90 -2.00
CA VAL A 108 -6.14 1.65 -2.37
C VAL A 108 -6.32 2.34 -3.72
N LEU A 109 -5.58 3.40 -3.94
CA LEU A 109 -5.68 4.14 -5.24
C LEU A 109 -4.60 3.62 -6.21
N MET A 23 8.28 -13.44 2.53
CA MET A 23 8.61 -12.04 2.11
C MET A 23 8.14 -11.80 0.67
N LYS A 24 8.71 -12.51 -0.28
CA LYS A 24 8.31 -12.35 -1.73
C LYS A 24 8.65 -10.94 -2.24
N THR A 25 9.06 -10.84 -3.49
CA THR A 25 9.40 -9.50 -4.06
C THR A 25 8.88 -9.38 -5.49
N LYS A 26 9.35 -10.20 -6.40
CA LYS A 26 8.86 -10.12 -7.81
C LYS A 26 8.90 -11.51 -8.47
N LEU A 27 7.99 -11.75 -9.39
CA LEU A 27 7.96 -13.08 -10.08
C LEU A 27 8.92 -13.08 -11.29
N ASN A 28 8.81 -14.05 -12.16
CA ASN A 28 9.72 -14.11 -13.35
C ASN A 28 9.57 -12.85 -14.20
N GLU A 29 10.63 -12.08 -14.34
CA GLU A 29 10.57 -10.83 -15.16
C GLU A 29 11.97 -10.41 -15.61
N LEU A 30 12.06 -9.69 -16.70
CA LEU A 30 13.39 -9.24 -17.21
C LEU A 30 13.45 -7.71 -17.28
N LEU A 31 12.85 -7.04 -16.32
CA LEU A 31 12.87 -5.54 -16.32
C LEU A 31 13.36 -5.02 -14.97
N GLU A 32 12.65 -5.30 -13.91
CA GLU A 32 13.06 -4.84 -12.55
C GLU A 32 13.24 -3.31 -12.52
N PHE A 33 12.25 -2.59 -12.96
CA PHE A 33 12.35 -1.09 -12.96
C PHE A 33 11.70 -0.53 -11.69
N PRO A 34 12.51 0.03 -10.83
CA PRO A 34 12.00 0.59 -9.55
C PRO A 34 11.19 1.87 -9.81
N THR A 35 9.89 1.79 -9.64
CA THR A 35 9.04 2.99 -9.87
C THR A 35 8.14 3.25 -8.65
N PRO A 36 7.95 4.51 -8.34
CA PRO A 36 7.09 4.88 -7.19
C PRO A 36 5.61 4.63 -7.50
N PHE A 37 4.92 3.96 -6.60
CA PHE A 37 3.47 3.66 -6.82
C PHE A 37 2.63 4.43 -5.81
N THR A 38 2.04 5.53 -6.22
CA THR A 38 1.18 6.32 -5.28
C THR A 38 -0.13 5.56 -5.07
N TYR A 39 -0.20 4.74 -4.05
CA TYR A 39 -1.44 3.96 -3.81
C TYR A 39 -2.26 4.55 -2.66
N LYS A 40 -3.30 5.26 -2.99
CA LYS A 40 -4.16 5.87 -1.92
C LYS A 40 -5.07 4.81 -1.31
N VAL A 41 -4.61 4.12 -0.28
CA VAL A 41 -5.48 3.09 0.35
C VAL A 41 -6.44 3.75 1.33
N MET A 42 -7.70 3.80 0.98
CA MET A 42 -8.72 4.46 1.87
C MET A 42 -9.63 3.42 2.51
N GLY A 43 -10.15 3.70 3.67
CA GLY A 43 -11.05 2.73 4.36
C GLY A 43 -11.49 3.28 5.72
N GLN A 44 -11.92 2.43 6.60
CA GLN A 44 -12.37 2.90 7.95
C GLN A 44 -11.17 3.36 8.78
N ALA A 45 -11.40 3.81 9.99
CA ALA A 45 -10.28 4.28 10.85
C ALA A 45 -9.43 3.08 11.32
N LEU A 46 -8.32 2.85 10.67
CA LEU A 46 -7.45 1.70 11.06
C LEU A 46 -6.04 2.20 11.41
N PRO A 47 -5.71 2.17 12.68
CA PRO A 47 -4.37 2.63 13.14
C PRO A 47 -3.26 1.67 12.70
N GLU A 48 -3.59 0.47 12.27
CA GLU A 48 -2.54 -0.50 11.83
C GLU A 48 -2.13 -0.25 10.37
N LEU A 49 -2.72 0.73 9.70
CA LEU A 49 -2.34 0.98 8.27
C LEU A 49 -0.84 1.30 8.15
N VAL A 50 -0.26 1.97 9.12
CA VAL A 50 1.20 2.29 9.03
C VAL A 50 2.04 1.05 9.34
N ASP A 51 1.57 0.17 10.20
CA ASP A 51 2.35 -1.06 10.54
C ASP A 51 2.47 -1.96 9.30
N GLN A 52 1.37 -2.21 8.61
CA GLN A 52 1.43 -3.06 7.40
C GLN A 52 2.09 -2.32 6.24
N VAL A 53 1.85 -1.04 6.11
CA VAL A 53 2.48 -0.27 4.98
C VAL A 53 4.01 -0.38 5.02
N VAL A 54 4.61 -0.21 6.17
CA VAL A 54 6.11 -0.29 6.25
C VAL A 54 6.59 -1.75 6.22
N GLU A 55 5.87 -2.66 6.84
CA GLU A 55 6.32 -4.10 6.83
C GLU A 55 6.03 -4.75 5.47
N VAL A 56 4.98 -4.35 4.80
CA VAL A 56 4.66 -4.95 3.47
C VAL A 56 5.55 -4.34 2.38
N VAL A 57 5.87 -3.06 2.48
CA VAL A 57 6.75 -2.42 1.46
C VAL A 57 8.21 -2.90 1.68
N GLN A 58 8.57 -3.19 2.90
CA GLN A 58 9.96 -3.68 3.18
C GLN A 58 10.09 -5.15 2.76
N ARG A 59 9.06 -5.94 2.96
CA ARG A 59 9.12 -7.39 2.58
C ARG A 59 9.25 -7.56 1.06
N HIS A 60 8.76 -6.61 0.29
CA HIS A 60 8.86 -6.73 -1.20
C HIS A 60 9.94 -5.78 -1.75
N ALA A 61 9.95 -4.56 -1.29
CA ALA A 61 10.99 -3.59 -1.78
C ALA A 61 12.12 -3.47 -0.74
N PRO A 62 13.31 -3.19 -1.23
CA PRO A 62 14.48 -3.06 -0.33
C PRO A 62 14.38 -1.79 0.53
N GLY A 63 13.90 -0.70 -0.03
CA GLY A 63 13.79 0.56 0.75
C GLY A 63 12.46 0.58 1.52
N ASP A 64 12.45 1.15 2.70
CA ASP A 64 11.20 1.22 3.51
C ASP A 64 10.42 2.49 3.17
N TYR A 65 9.12 2.45 3.29
CA TYR A 65 8.30 3.66 2.97
C TYR A 65 7.21 3.87 4.03
N THR A 66 6.44 4.92 3.87
CA THR A 66 5.36 5.21 4.88
C THR A 66 4.08 5.71 4.19
N PRO A 67 2.98 5.54 4.88
CA PRO A 67 1.66 5.98 4.37
C PRO A 67 1.34 7.40 4.87
N THR A 68 0.39 8.07 4.26
CA THR A 68 0.00 9.44 4.71
C THR A 68 -1.52 9.48 4.93
N VAL A 69 -1.96 9.15 6.12
CA VAL A 69 -3.43 9.15 6.40
C VAL A 69 -3.96 10.55 6.74
N LYS A 70 -5.14 10.86 6.29
CA LYS A 70 -5.75 12.19 6.57
C LYS A 70 -7.26 12.04 6.81
N PRO A 71 -7.82 12.94 7.58
CA PRO A 71 -9.27 12.90 7.87
C PRO A 71 -10.08 13.39 6.67
N SER A 72 -10.33 12.51 5.71
CA SER A 72 -11.11 12.93 4.50
C SER A 72 -12.61 12.73 4.77
N SER A 73 -12.99 11.62 5.35
CA SER A 73 -14.44 11.37 5.64
C SER A 73 -14.73 11.62 7.12
N LYS A 74 -16.00 11.71 7.48
CA LYS A 74 -16.36 11.95 8.91
C LYS A 74 -16.77 10.64 9.58
N GLY A 75 -16.65 10.57 10.89
CA GLY A 75 -17.04 9.33 11.61
C GLY A 75 -15.81 8.42 11.79
N ASN A 76 -15.97 7.15 11.56
CA ASN A 76 -14.81 6.21 11.70
C ASN A 76 -14.24 5.85 10.32
N TYR A 77 -13.72 6.83 9.61
CA TYR A 77 -13.14 6.56 8.26
C TYR A 77 -11.87 7.38 8.06
N HIS A 78 -10.86 6.80 7.47
CA HIS A 78 -9.59 7.55 7.23
C HIS A 78 -9.03 7.22 5.84
N SER A 79 -8.56 8.22 5.12
CA SER A 79 -7.99 7.98 3.77
C SER A 79 -6.46 8.17 3.82
N VAL A 80 -5.71 7.15 3.49
CA VAL A 80 -4.22 7.28 3.55
C VAL A 80 -3.57 6.89 2.22
N SER A 81 -2.49 7.55 1.86
CA SER A 81 -1.78 7.24 0.60
C SER A 81 -0.40 6.62 0.93
N ILE A 82 -0.19 5.40 0.52
CA ILE A 82 1.13 4.73 0.82
C ILE A 82 2.11 4.89 -0.34
N THR A 83 3.34 5.24 -0.04
CA THR A 83 4.37 5.39 -1.12
C THR A 83 5.05 4.03 -1.33
N ILE A 84 4.87 3.42 -2.48
CA ILE A 84 5.49 2.09 -2.72
C ILE A 84 6.41 2.10 -3.94
N ASN A 85 7.70 2.22 -3.74
CA ASN A 85 8.63 2.21 -4.90
C ASN A 85 9.03 0.76 -5.20
N ALA A 86 8.24 0.07 -5.98
CA ALA A 86 8.55 -1.36 -6.30
C ALA A 86 9.15 -1.50 -7.70
N THR A 87 10.13 -2.35 -7.84
CA THR A 87 10.77 -2.57 -9.17
C THR A 87 9.86 -3.41 -10.09
N HIS A 88 8.78 -3.94 -9.57
CA HIS A 88 7.87 -4.77 -10.42
C HIS A 88 6.42 -4.29 -10.27
N ILE A 89 5.58 -4.60 -11.23
CA ILE A 89 4.15 -4.18 -11.16
C ILE A 89 3.40 -5.02 -10.12
N GLU A 90 3.58 -6.32 -10.15
CA GLU A 90 2.89 -7.21 -9.16
C GLU A 90 3.37 -6.92 -7.73
N GLN A 91 4.54 -6.33 -7.58
CA GLN A 91 5.06 -6.03 -6.21
C GLN A 91 4.11 -5.08 -5.47
N VAL A 92 3.77 -3.96 -6.07
CA VAL A 92 2.84 -3.00 -5.39
C VAL A 92 1.42 -3.60 -5.32
N GLU A 93 1.06 -4.46 -6.25
CA GLU A 93 -0.30 -5.08 -6.21
C GLU A 93 -0.45 -5.92 -4.94
N THR A 94 0.48 -6.83 -4.69
CA THR A 94 0.41 -7.65 -3.45
C THR A 94 0.51 -6.74 -2.22
N LEU A 95 1.33 -5.71 -2.31
CA LEU A 95 1.48 -4.76 -1.15
C LEU A 95 0.13 -4.08 -0.87
N TYR A 96 -0.60 -3.72 -1.90
CA TYR A 96 -1.93 -3.07 -1.68
C TYR A 96 -2.88 -4.05 -0.96
N GLU A 97 -2.92 -5.29 -1.41
CA GLU A 97 -3.80 -6.30 -0.77
C GLU A 97 -3.29 -6.67 0.62
N GLU A 98 -1.98 -6.62 0.83
CA GLU A 98 -1.42 -6.96 2.17
C GLU A 98 -1.75 -5.87 3.20
N LEU A 99 -1.47 -4.63 2.88
CA LEU A 99 -1.80 -3.53 3.85
C LEU A 99 -3.32 -3.31 3.91
N GLY A 100 -4.01 -3.58 2.82
CA GLY A 100 -5.49 -3.40 2.81
C GLY A 100 -6.17 -4.78 2.94
N LYS A 101 -5.71 -5.60 3.86
CA LYS A 101 -6.32 -6.96 4.04
C LYS A 101 -7.18 -6.99 5.32
N ILE A 102 -7.34 -5.89 6.00
CA ILE A 102 -8.16 -5.86 7.25
C ILE A 102 -9.62 -6.28 6.93
N ASP A 103 -10.26 -6.95 7.85
CA ASP A 103 -11.68 -7.38 7.61
C ASP A 103 -12.59 -6.14 7.48
N ILE A 104 -12.16 -5.01 7.99
CA ILE A 104 -13.00 -3.77 7.88
C ILE A 104 -13.00 -3.26 6.43
N VAL A 105 -13.81 -2.27 6.13
CA VAL A 105 -13.87 -1.73 4.73
C VAL A 105 -12.51 -1.15 4.30
N ARG A 106 -11.87 -1.78 3.34
CA ARG A 106 -10.55 -1.30 2.85
C ARG A 106 -10.61 -0.99 1.34
N MET A 107 -9.77 -0.10 0.86
CA MET A 107 -9.77 0.25 -0.59
C MET A 107 -8.40 0.79 -1.00
N VAL A 108 -8.08 0.78 -2.29
CA VAL A 108 -6.75 1.31 -2.74
C VAL A 108 -6.91 2.25 -3.93
N LEU A 109 -6.03 3.23 -4.04
CA LEU A 109 -6.09 4.22 -5.16
C LEU A 109 -7.51 4.81 -5.29
N MET A 23 -2.04 -2.27 -9.58
CA MET A 23 -3.25 -3.02 -10.04
C MET A 23 -3.00 -3.64 -11.42
N LYS A 24 -3.68 -4.74 -11.71
CA LYS A 24 -3.51 -5.44 -13.02
C LYS A 24 -2.10 -6.03 -13.14
N THR A 25 -2.00 -7.33 -13.00
CA THR A 25 -0.67 -7.99 -13.11
C THR A 25 -0.24 -8.06 -14.58
N LYS A 26 0.98 -7.69 -14.86
CA LYS A 26 1.47 -7.71 -16.27
C LYS A 26 2.92 -8.21 -16.32
N LEU A 27 3.24 -8.98 -17.33
CA LEU A 27 4.63 -9.53 -17.48
C LEU A 27 5.05 -10.33 -16.24
N ASN A 28 6.30 -10.71 -16.18
CA ASN A 28 6.77 -11.49 -15.00
C ASN A 28 8.13 -10.95 -14.53
N GLU A 29 8.14 -9.73 -14.03
CA GLU A 29 9.41 -9.10 -13.54
C GLU A 29 10.50 -9.17 -14.63
N LEU A 30 10.24 -8.62 -15.79
CA LEU A 30 11.26 -8.64 -16.88
C LEU A 30 12.02 -7.31 -16.93
N LEU A 31 11.35 -6.22 -16.71
CA LEU A 31 12.03 -4.88 -16.75
C LEU A 31 12.84 -4.68 -15.47
N GLU A 32 12.25 -4.96 -14.34
CA GLU A 32 12.96 -4.79 -13.02
C GLU A 32 13.31 -3.32 -12.78
N PHE A 33 12.45 -2.41 -13.22
CA PHE A 33 12.72 -0.96 -13.00
C PHE A 33 11.92 -0.47 -11.79
N PRO A 34 12.62 -0.01 -10.79
CA PRO A 34 11.95 0.47 -9.55
C PRO A 34 11.20 1.77 -9.81
N THR A 35 9.89 1.70 -9.83
CA THR A 35 9.08 2.92 -10.09
C THR A 35 8.22 3.26 -8.85
N PRO A 36 8.06 4.55 -8.61
CA PRO A 36 7.26 5.01 -7.44
C PRO A 36 5.76 4.79 -7.69
N PHE A 37 5.13 4.01 -6.85
CA PHE A 37 3.67 3.74 -7.03
C PHE A 37 2.85 4.54 -6.00
N THR A 38 2.30 5.65 -6.42
CA THR A 38 1.47 6.47 -5.48
C THR A 38 0.12 5.79 -5.26
N TYR A 39 -0.01 5.01 -4.22
CA TYR A 39 -1.30 4.29 -3.98
C TYR A 39 -2.07 4.91 -2.81
N LYS A 40 -3.21 5.48 -3.07
CA LYS A 40 -4.01 6.09 -1.97
C LYS A 40 -4.85 5.00 -1.29
N VAL A 41 -4.31 4.38 -0.26
CA VAL A 41 -5.07 3.31 0.46
C VAL A 41 -6.10 3.94 1.40
N MET A 42 -7.33 4.07 0.94
CA MET A 42 -8.39 4.68 1.80
C MET A 42 -9.28 3.59 2.39
N GLY A 43 -9.60 3.69 3.66
CA GLY A 43 -10.47 2.66 4.31
C GLY A 43 -10.84 3.12 5.71
N GLN A 44 -11.17 2.20 6.58
CA GLN A 44 -11.55 2.58 7.98
C GLN A 44 -10.33 3.12 8.74
N ALA A 45 -10.54 3.70 9.89
CA ALA A 45 -9.39 4.24 10.68
C ALA A 45 -8.84 3.16 11.62
N LEU A 46 -7.79 2.49 11.22
CA LEU A 46 -7.21 1.42 12.09
C LEU A 46 -5.69 1.62 12.23
N PRO A 47 -5.16 1.11 13.33
CA PRO A 47 -3.70 1.24 13.61
C PRO A 47 -2.86 0.32 12.70
N GLU A 48 -3.43 -0.78 12.23
CA GLU A 48 -2.66 -1.71 11.34
C GLU A 48 -2.38 -1.07 9.98
N LEU A 49 -3.01 0.04 9.66
CA LEU A 49 -2.77 0.70 8.33
C LEU A 49 -1.28 1.05 8.18
N VAL A 50 -0.78 1.95 8.99
CA VAL A 50 0.67 2.34 8.88
C VAL A 50 1.59 1.16 9.26
N ASP A 51 1.14 0.28 10.14
CA ASP A 51 1.98 -0.88 10.54
C ASP A 51 2.20 -1.81 9.34
N GLN A 52 1.14 -2.28 8.74
CA GLN A 52 1.28 -3.19 7.56
C GLN A 52 1.84 -2.43 6.35
N VAL A 53 1.55 -1.16 6.24
CA VAL A 53 2.08 -0.36 5.08
C VAL A 53 3.61 -0.41 5.07
N VAL A 54 4.26 -0.09 6.17
CA VAL A 54 5.76 -0.11 6.19
C VAL A 54 6.30 -1.55 6.22
N GLU A 55 5.60 -2.47 6.84
CA GLU A 55 6.09 -3.88 6.89
C GLU A 55 5.93 -4.57 5.52
N VAL A 56 4.76 -4.47 4.93
CA VAL A 56 4.54 -5.11 3.60
C VAL A 56 5.35 -4.41 2.50
N VAL A 57 5.53 -3.12 2.59
CA VAL A 57 6.33 -2.41 1.54
C VAL A 57 7.83 -2.73 1.72
N GLN A 58 8.27 -2.94 2.94
CA GLN A 58 9.71 -3.27 3.17
C GLN A 58 10.00 -4.71 2.71
N ARG A 59 9.04 -5.60 2.85
CA ARG A 59 9.25 -7.02 2.43
C ARG A 59 9.34 -7.15 0.90
N HIS A 60 8.61 -6.32 0.16
CA HIS A 60 8.68 -6.41 -1.33
C HIS A 60 9.61 -5.34 -1.90
N ALA A 61 9.50 -4.11 -1.43
CA ALA A 61 10.38 -3.02 -1.94
C ALA A 61 11.52 -2.74 -0.94
N PRO A 62 12.63 -2.31 -1.47
CA PRO A 62 13.81 -1.99 -0.61
C PRO A 62 13.57 -0.71 0.18
N GLY A 63 14.01 -0.68 1.42
CA GLY A 63 13.81 0.54 2.26
C GLY A 63 12.40 0.54 2.86
N ASP A 64 12.18 1.37 3.85
CA ASP A 64 10.82 1.42 4.49
C ASP A 64 10.02 2.60 3.92
N TYR A 65 8.73 2.44 3.79
CA TYR A 65 7.88 3.54 3.24
C TYR A 65 6.69 3.80 4.17
N THR A 66 5.98 4.89 3.99
CA THR A 66 4.83 5.20 4.89
C THR A 66 3.64 5.78 4.09
N PRO A 67 2.47 5.66 4.68
CA PRO A 67 1.22 6.19 4.09
C PRO A 67 0.89 7.57 4.68
N THR A 68 0.40 8.46 3.86
CA THR A 68 0.02 9.82 4.38
C THR A 68 -1.48 9.84 4.71
N VAL A 69 -1.83 9.57 5.95
CA VAL A 69 -3.28 9.54 6.32
C VAL A 69 -3.86 10.96 6.46
N LYS A 70 -5.05 11.15 5.96
CA LYS A 70 -5.71 12.49 6.06
C LYS A 70 -7.22 12.30 6.32
N PRO A 71 -7.81 13.27 6.99
CA PRO A 71 -9.25 13.21 7.30
C PRO A 71 -10.09 13.52 6.06
N SER A 72 -10.32 12.53 5.23
CA SER A 72 -11.13 12.75 3.99
C SER A 72 -12.60 12.46 4.27
N SER A 73 -12.90 11.37 4.91
CA SER A 73 -14.32 11.03 5.22
C SER A 73 -14.63 11.32 6.70
N LYS A 74 -15.87 11.26 7.08
CA LYS A 74 -16.25 11.54 8.50
C LYS A 74 -16.48 10.23 9.26
N GLY A 75 -16.48 10.29 10.57
CA GLY A 75 -16.70 9.05 11.38
C GLY A 75 -15.36 8.33 11.60
N ASN A 76 -15.36 7.03 11.53
CA ASN A 76 -14.10 6.26 11.73
C ASN A 76 -13.51 5.84 10.38
N TYR A 77 -13.23 6.78 9.52
CA TYR A 77 -12.65 6.46 8.18
C TYR A 77 -11.46 7.38 7.88
N HIS A 78 -10.37 6.82 7.44
CA HIS A 78 -9.17 7.65 7.13
C HIS A 78 -8.58 7.27 5.76
N SER A 79 -8.17 8.26 4.99
CA SER A 79 -7.59 7.97 3.65
C SER A 79 -6.07 8.21 3.69
N VAL A 80 -5.28 7.19 3.49
CA VAL A 80 -3.79 7.38 3.54
C VAL A 80 -3.16 7.11 2.17
N SER A 81 -2.15 7.87 1.82
CA SER A 81 -1.45 7.65 0.52
C SER A 81 -0.10 6.96 0.79
N ILE A 82 0.02 5.71 0.45
CA ILE A 82 1.30 5.00 0.72
C ILE A 82 2.25 5.06 -0.47
N THR A 83 3.49 5.40 -0.21
CA THR A 83 4.50 5.45 -1.32
C THR A 83 5.12 4.07 -1.50
N ILE A 84 5.08 3.52 -2.68
CA ILE A 84 5.64 2.15 -2.91
C ILE A 84 6.74 2.18 -3.97
N ASN A 85 7.91 1.69 -3.65
CA ASN A 85 9.02 1.66 -4.64
C ASN A 85 9.15 0.24 -5.21
N ALA A 86 8.14 -0.23 -5.89
CA ALA A 86 8.20 -1.62 -6.45
C ALA A 86 8.68 -1.58 -7.90
N THR A 87 9.62 -2.42 -8.25
CA THR A 87 10.14 -2.45 -9.65
C THR A 87 9.06 -2.96 -10.62
N HIS A 88 8.08 -3.67 -10.13
CA HIS A 88 6.99 -4.20 -11.00
C HIS A 88 5.62 -3.89 -10.38
N ILE A 89 4.58 -3.90 -11.17
CA ILE A 89 3.22 -3.61 -10.62
C ILE A 89 2.72 -4.78 -9.75
N GLU A 90 3.32 -5.94 -9.88
CA GLU A 90 2.89 -7.11 -9.05
C GLU A 90 3.27 -6.90 -7.57
N GLN A 91 4.38 -6.25 -7.32
CA GLN A 91 4.81 -6.00 -5.90
C GLN A 91 3.82 -5.05 -5.21
N VAL A 92 3.48 -3.95 -5.84
CA VAL A 92 2.52 -3.00 -5.20
C VAL A 92 1.11 -3.61 -5.12
N GLU A 93 0.79 -4.55 -5.99
CA GLU A 93 -0.56 -5.19 -5.95
C GLU A 93 -0.67 -6.04 -4.69
N THR A 94 0.29 -6.90 -4.44
CA THR A 94 0.26 -7.75 -3.21
C THR A 94 0.38 -6.87 -1.97
N LEU A 95 1.15 -5.80 -2.07
CA LEU A 95 1.31 -4.87 -0.90
C LEU A 95 -0.06 -4.28 -0.52
N TYR A 96 -0.86 -3.90 -1.48
CA TYR A 96 -2.21 -3.35 -1.18
C TYR A 96 -3.07 -4.44 -0.52
N GLU A 97 -3.05 -5.64 -1.04
CA GLU A 97 -3.87 -6.74 -0.45
C GLU A 97 -3.34 -7.10 0.95
N GLU A 98 -2.04 -7.09 1.13
CA GLU A 98 -1.46 -7.44 2.46
C GLU A 98 -1.79 -6.35 3.50
N LEU A 99 -1.55 -5.10 3.18
CA LEU A 99 -1.87 -4.00 4.14
C LEU A 99 -3.38 -3.78 4.22
N GLY A 100 -4.10 -4.05 3.14
CA GLY A 100 -5.58 -3.86 3.14
C GLY A 100 -6.27 -5.22 3.25
N LYS A 101 -5.84 -6.03 4.19
CA LYS A 101 -6.46 -7.39 4.37
C LYS A 101 -7.37 -7.41 5.61
N ILE A 102 -7.55 -6.29 6.27
CA ILE A 102 -8.42 -6.25 7.49
C ILE A 102 -9.86 -6.64 7.13
N ASP A 103 -10.62 -7.09 8.10
CA ASP A 103 -12.04 -7.51 7.82
C ASP A 103 -12.97 -6.29 7.65
N ILE A 104 -12.47 -5.09 7.84
CA ILE A 104 -13.36 -3.88 7.70
C ILE A 104 -13.39 -3.42 6.23
N VAL A 105 -13.09 -2.17 5.94
CA VAL A 105 -13.13 -1.68 4.52
C VAL A 105 -11.74 -1.19 4.08
N ARG A 106 -11.17 -1.84 3.09
CA ARG A 106 -9.82 -1.43 2.59
C ARG A 106 -9.89 -1.09 1.09
N MET A 107 -9.34 0.03 0.70
CA MET A 107 -9.36 0.43 -0.75
C MET A 107 -8.04 1.12 -1.11
N VAL A 108 -7.68 1.14 -2.37
CA VAL A 108 -6.40 1.82 -2.76
C VAL A 108 -6.56 2.57 -4.09
N LEU A 109 -5.79 3.62 -4.28
CA LEU A 109 -5.86 4.43 -5.55
C LEU A 109 -7.30 4.95 -5.77
N MET A 23 3.82 -2.38 -16.95
CA MET A 23 4.76 -3.25 -16.18
C MET A 23 4.42 -4.72 -16.38
N LYS A 24 3.23 -5.13 -16.02
CA LYS A 24 2.84 -6.57 -16.20
C LYS A 24 2.37 -6.84 -17.63
N THR A 25 3.31 -7.00 -18.54
CA THR A 25 2.94 -7.26 -19.97
C THR A 25 3.51 -8.62 -20.41
N LYS A 26 2.70 -9.44 -21.05
CA LYS A 26 3.16 -10.79 -21.52
C LYS A 26 3.64 -11.65 -20.34
N LEU A 27 4.87 -11.48 -19.89
CA LEU A 27 5.37 -12.28 -18.73
C LEU A 27 5.17 -11.52 -17.42
N ASN A 28 5.88 -11.89 -16.38
CA ASN A 28 5.74 -11.18 -15.07
C ASN A 28 6.13 -9.72 -15.22
N GLU A 29 7.32 -9.46 -15.70
CA GLU A 29 7.77 -8.04 -15.88
C GLU A 29 8.70 -7.94 -17.11
N LEU A 30 8.34 -7.13 -18.06
CA LEU A 30 9.18 -6.98 -19.29
C LEU A 30 9.98 -5.66 -19.22
N LEU A 31 9.39 -4.63 -18.64
CA LEU A 31 10.12 -3.32 -18.54
C LEU A 31 11.04 -3.32 -17.31
N GLU A 32 10.51 -3.69 -16.16
CA GLU A 32 11.33 -3.72 -14.91
C GLU A 32 11.89 -2.32 -14.60
N PHE A 33 11.09 -1.30 -14.76
CA PHE A 33 11.56 0.09 -14.46
C PHE A 33 11.13 0.49 -13.04
N PRO A 34 12.06 1.02 -12.28
CA PRO A 34 11.77 1.44 -10.88
C PRO A 34 10.86 2.67 -10.88
N THR A 35 9.61 2.50 -10.52
CA THR A 35 8.65 3.64 -10.50
C THR A 35 7.92 3.71 -9.16
N PRO A 36 7.70 4.93 -8.70
CA PRO A 36 7.00 5.14 -7.41
C PRO A 36 5.51 4.83 -7.55
N PHE A 37 4.99 3.96 -6.72
CA PHE A 37 3.54 3.60 -6.79
C PHE A 37 2.77 4.32 -5.68
N THR A 38 2.11 5.41 -5.99
CA THR A 38 1.31 6.12 -4.96
C THR A 38 0.00 5.37 -4.77
N TYR A 39 -0.04 4.46 -3.83
CA TYR A 39 -1.28 3.66 -3.61
C TYR A 39 -2.09 4.25 -2.45
N LYS A 40 -3.15 4.95 -2.76
CA LYS A 40 -3.99 5.56 -1.68
C LYS A 40 -4.88 4.49 -1.05
N VAL A 41 -4.40 3.83 -0.03
CA VAL A 41 -5.23 2.79 0.64
C VAL A 41 -6.15 3.47 1.67
N MET A 42 -7.40 3.64 1.32
CA MET A 42 -8.37 4.30 2.24
C MET A 42 -9.38 3.27 2.77
N GLY A 43 -9.90 3.49 3.96
CA GLY A 43 -10.89 2.53 4.53
C GLY A 43 -11.39 3.03 5.88
N GLN A 44 -11.84 2.14 6.73
CA GLN A 44 -12.33 2.57 8.08
C GLN A 44 -11.18 3.13 8.92
N ALA A 45 -11.48 3.78 10.02
CA ALA A 45 -10.40 4.34 10.89
C ALA A 45 -9.61 3.21 11.56
N LEU A 46 -8.43 2.93 11.05
CA LEU A 46 -7.59 1.83 11.63
C LEU A 46 -6.18 2.36 11.91
N PRO A 47 -5.77 2.29 13.15
CA PRO A 47 -4.42 2.76 13.55
C PRO A 47 -3.32 1.79 13.05
N GLU A 48 -3.69 0.60 12.65
CA GLU A 48 -2.66 -0.37 12.16
C GLU A 48 -2.29 -0.12 10.68
N LEU A 49 -2.89 0.87 10.04
CA LEU A 49 -2.56 1.14 8.61
C LEU A 49 -1.06 1.42 8.43
N VAL A 50 -0.44 2.08 9.37
CA VAL A 50 1.04 2.38 9.24
C VAL A 50 1.86 1.14 9.62
N ASP A 51 1.37 0.33 10.52
CA ASP A 51 2.13 -0.89 10.92
C ASP A 51 2.20 -1.88 9.74
N GLN A 52 1.08 -2.19 9.13
CA GLN A 52 1.08 -3.13 7.98
C GLN A 52 1.78 -2.49 6.77
N VAL A 53 1.47 -1.25 6.46
CA VAL A 53 2.11 -0.58 5.28
C VAL A 53 3.64 -0.65 5.37
N VAL A 54 4.23 -0.21 6.46
CA VAL A 54 5.72 -0.24 6.57
C VAL A 54 6.26 -1.69 6.63
N GLU A 55 5.55 -2.59 7.25
CA GLU A 55 6.04 -4.01 7.33
C GLU A 55 5.89 -4.72 5.97
N VAL A 56 4.72 -4.67 5.38
CA VAL A 56 4.50 -5.35 4.07
C VAL A 56 5.34 -4.68 2.96
N VAL A 57 5.57 -3.38 3.05
CA VAL A 57 6.37 -2.69 2.00
C VAL A 57 7.87 -2.92 2.22
N GLN A 58 8.29 -3.14 3.45
CA GLN A 58 9.73 -3.38 3.72
C GLN A 58 10.14 -4.81 3.31
N ARG A 59 9.27 -5.77 3.53
CA ARG A 59 9.60 -7.18 3.16
C ARG A 59 9.57 -7.37 1.63
N HIS A 60 8.87 -6.52 0.92
CA HIS A 60 8.80 -6.65 -0.58
C HIS A 60 9.77 -5.67 -1.24
N ALA A 61 9.79 -4.43 -0.80
CA ALA A 61 10.72 -3.43 -1.38
C ALA A 61 12.03 -3.39 -0.58
N PRO A 62 13.09 -3.00 -1.23
CA PRO A 62 14.43 -2.93 -0.56
C PRO A 62 14.45 -1.82 0.50
N GLY A 63 13.80 -0.71 0.24
CA GLY A 63 13.79 0.40 1.23
C GLY A 63 12.45 0.40 1.98
N ASP A 64 12.38 1.09 3.10
CA ASP A 64 11.11 1.14 3.88
C ASP A 64 10.23 2.30 3.39
N TYR A 65 8.94 2.20 3.56
CA TYR A 65 8.04 3.30 3.09
C TYR A 65 6.95 3.58 4.15
N THR A 66 6.18 4.62 3.93
CA THR A 66 5.11 4.98 4.94
C THR A 66 3.83 5.47 4.22
N PRO A 67 2.71 5.29 4.90
CA PRO A 67 1.40 5.74 4.36
C PRO A 67 1.05 7.14 4.90
N THR A 68 0.64 8.04 4.04
CA THR A 68 0.26 9.41 4.52
C THR A 68 -1.24 9.43 4.87
N VAL A 69 -1.55 9.31 6.13
CA VAL A 69 -3.00 9.29 6.56
C VAL A 69 -3.61 10.71 6.52
N LYS A 70 -4.80 10.82 5.99
CA LYS A 70 -5.49 12.14 5.93
C LYS A 70 -7.00 11.96 6.17
N PRO A 71 -7.62 12.97 6.72
CA PRO A 71 -9.07 12.92 7.00
C PRO A 71 -9.88 13.22 5.73
N SER A 72 -10.04 12.24 4.87
CA SER A 72 -10.83 12.47 3.62
C SER A 72 -12.32 12.34 3.91
N SER A 73 -12.73 11.31 4.62
CA SER A 73 -14.17 11.13 4.95
C SER A 73 -14.42 11.47 6.42
N LYS A 74 -15.63 11.84 6.76
CA LYS A 74 -15.95 12.19 8.18
C LYS A 74 -16.49 10.97 8.94
N GLY A 75 -16.26 10.90 10.22
CA GLY A 75 -16.76 9.74 11.02
C GLY A 75 -15.61 8.76 11.28
N ASN A 76 -15.86 7.49 11.15
CA ASN A 76 -14.78 6.47 11.38
C ASN A 76 -14.17 6.04 10.04
N TYR A 77 -13.40 6.90 9.43
CA TYR A 77 -12.78 6.54 8.11
C TYR A 77 -11.39 7.19 7.99
N HIS A 78 -10.39 6.43 7.67
CA HIS A 78 -9.01 6.99 7.51
C HIS A 78 -8.50 6.73 6.09
N SER A 79 -8.07 7.77 5.41
CA SER A 79 -7.55 7.59 4.03
C SER A 79 -6.04 7.81 4.01
N VAL A 80 -5.26 6.78 3.80
CA VAL A 80 -3.78 6.94 3.79
C VAL A 80 -3.19 6.54 2.43
N SER A 81 -2.08 7.14 2.06
CA SER A 81 -1.44 6.80 0.75
C SER A 81 -0.04 6.22 1.02
N ILE A 82 0.19 4.98 0.64
CA ILE A 82 1.52 4.36 0.88
C ILE A 82 2.44 4.54 -0.33
N THR A 83 3.65 5.01 -0.08
CA THR A 83 4.62 5.20 -1.20
C THR A 83 5.37 3.88 -1.46
N ILE A 84 5.42 3.43 -2.69
CA ILE A 84 6.12 2.13 -2.98
C ILE A 84 6.89 2.21 -4.30
N ASN A 85 8.18 2.50 -4.24
CA ASN A 85 8.97 2.56 -5.50
C ASN A 85 9.39 1.14 -5.92
N ALA A 86 8.62 0.51 -6.75
CA ALA A 86 8.96 -0.88 -7.20
C ALA A 86 9.21 -0.90 -8.71
N THR A 87 10.20 -1.67 -9.13
CA THR A 87 10.50 -1.75 -10.60
C THR A 87 9.38 -2.51 -11.33
N HIS A 88 8.55 -3.21 -10.61
CA HIS A 88 7.43 -3.98 -11.25
C HIS A 88 6.11 -3.67 -10.54
N ILE A 89 5.00 -3.88 -11.19
CA ILE A 89 3.68 -3.60 -10.55
C ILE A 89 3.13 -4.84 -9.82
N GLU A 90 3.84 -5.95 -9.90
CA GLU A 90 3.36 -7.19 -9.20
C GLU A 90 3.58 -7.09 -7.69
N GLN A 91 4.74 -6.60 -7.28
CA GLN A 91 5.04 -6.47 -5.82
C GLN A 91 4.13 -5.41 -5.17
N VAL A 92 4.00 -4.26 -5.78
CA VAL A 92 3.13 -3.19 -5.19
C VAL A 92 1.67 -3.67 -5.10
N GLU A 93 1.24 -4.51 -6.02
CA GLU A 93 -0.16 -5.01 -5.96
C GLU A 93 -0.34 -5.89 -4.72
N THR A 94 0.59 -6.80 -4.50
CA THR A 94 0.50 -7.68 -3.29
C THR A 94 0.56 -6.82 -2.03
N LEU A 95 1.29 -5.73 -2.06
CA LEU A 95 1.38 -4.84 -0.87
C LEU A 95 0.01 -4.20 -0.60
N TYR A 96 -0.70 -3.82 -1.64
CA TYR A 96 -2.05 -3.19 -1.46
C TYR A 96 -3.00 -4.20 -0.80
N GLU A 97 -3.07 -5.41 -1.31
CA GLU A 97 -3.98 -6.43 -0.71
C GLU A 97 -3.46 -6.90 0.67
N GLU A 98 -2.16 -6.82 0.89
CA GLU A 98 -1.61 -7.26 2.21
C GLU A 98 -1.95 -6.22 3.29
N LEU A 99 -1.69 -4.96 3.05
CA LEU A 99 -2.03 -3.91 4.06
C LEU A 99 -3.54 -3.64 4.05
N GLY A 100 -4.19 -3.88 2.94
CA GLY A 100 -5.66 -3.65 2.87
C GLY A 100 -6.39 -5.00 2.99
N LYS A 101 -5.93 -5.86 3.87
CA LYS A 101 -6.59 -7.19 4.05
C LYS A 101 -7.48 -7.20 5.31
N ILE A 102 -7.61 -6.07 5.98
CA ILE A 102 -8.45 -6.02 7.22
C ILE A 102 -9.91 -6.35 6.87
N ASP A 103 -10.61 -6.99 7.77
CA ASP A 103 -12.05 -7.35 7.51
C ASP A 103 -12.87 -6.08 7.30
N ILE A 104 -12.49 -4.99 7.93
CA ILE A 104 -13.23 -3.70 7.78
C ILE A 104 -13.22 -3.23 6.31
N VAL A 105 -13.98 -2.21 5.99
CA VAL A 105 -14.01 -1.70 4.59
C VAL A 105 -12.64 -1.15 4.18
N ARG A 106 -12.02 -1.74 3.18
CA ARG A 106 -10.68 -1.27 2.72
C ARG A 106 -10.73 -0.86 1.23
N MET A 107 -9.81 -0.04 0.80
CA MET A 107 -9.78 0.40 -0.62
C MET A 107 -8.37 0.86 -1.00
N VAL A 108 -8.05 0.88 -2.27
CA VAL A 108 -6.67 1.31 -2.69
C VAL A 108 -6.76 2.26 -3.90
N LEU A 109 -5.85 3.21 -3.97
CA LEU A 109 -5.84 4.19 -5.10
C LEU A 109 -7.22 4.86 -5.25
#